data_3MM0
#
_entry.id   3MM0
#
_cell.length_a   158.657
_cell.length_b   124.791
_cell.length_c   88.895
_cell.angle_alpha   90.00
_cell.angle_beta   114.45
_cell.angle_gamma   90.00
#
_symmetry.space_group_name_H-M   'C 1 2 1'
#
loop_
_entity.id
_entity.type
_entity.pdbx_description
1 polymer 'Avidin, Avidin-related protein 4/5'
2 water water
#
_entity_poly.entity_id   1
_entity_poly.type   'polypeptide(L)'
_entity_poly.pdbx_seq_one_letter_code
;QTVARKCSLTGKWTNDLGSNMTIGAVNSRGEFTGTYITAVADNPGNITLSPLLGIQHKRASQPTFGFTVNWKFSESTTVF
TGQCFIDRNGKEVLKTMWLLRSSVNDIGDDWKATRVGYNIFTRLRTQKE
;
_entity_poly.pdbx_strand_id   A,B,C,D,E,F,G,H,I,K,M,N
#
# COMPACT_ATOMS: atom_id res chain seq x y z
N CYS A 7 -11.45 -16.17 -2.76
CA CYS A 7 -11.78 -16.34 -4.21
C CYS A 7 -11.19 -17.60 -4.83
N SER A 8 -11.78 -18.71 -4.43
CA SER A 8 -11.51 -20.02 -4.99
C SER A 8 -12.63 -20.32 -5.97
N LEU A 9 -12.28 -20.88 -7.12
CA LEU A 9 -13.33 -21.21 -8.06
C LEU A 9 -13.94 -22.58 -7.78
N THR A 10 -13.28 -23.40 -6.97
CA THR A 10 -13.94 -24.59 -6.42
C THR A 10 -15.30 -24.15 -5.93
N GLY A 11 -16.32 -25.01 -6.05
CA GLY A 11 -17.68 -24.67 -5.61
C GLY A 11 -18.73 -24.54 -6.72
N LYS A 12 -19.99 -24.32 -6.32
CA LYS A 12 -21.15 -24.33 -7.21
C LYS A 12 -21.69 -22.93 -7.50
N TRP A 13 -21.28 -22.38 -8.63
CA TRP A 13 -21.78 -21.09 -9.05
C TRP A 13 -23.02 -21.14 -9.95
N THR A 14 -23.60 -19.97 -10.15
CA THR A 14 -24.72 -19.79 -11.05
C THR A 14 -24.63 -18.38 -11.67
N ASN A 15 -24.81 -18.30 -12.98
CA ASN A 15 -24.80 -17.00 -13.70
C ASN A 15 -26.17 -16.33 -13.80
N ASP A 16 -26.23 -15.19 -14.48
CA ASP A 16 -27.43 -14.33 -14.61
C ASP A 16 -28.56 -14.85 -15.53
N LEU A 17 -28.17 -15.50 -16.64
CA LEU A 17 -29.10 -16.16 -17.56
C LEU A 17 -29.85 -17.41 -17.00
N GLY A 18 -29.39 -17.92 -15.84
CA GLY A 18 -29.94 -19.11 -15.22
C GLY A 18 -29.05 -20.37 -15.27
N SER A 19 -27.86 -20.28 -15.86
CA SER A 19 -26.99 -21.44 -16.05
C SER A 19 -26.20 -21.78 -14.80
N ASN A 20 -25.68 -23.02 -14.75
CA ASN A 20 -25.06 -23.57 -13.55
C ASN A 20 -23.72 -24.24 -13.73
N MET A 21 -22.77 -23.96 -12.84
CA MET A 21 -21.49 -24.68 -12.84
C MET A 21 -20.95 -25.09 -11.47
N THR A 22 -20.05 -26.08 -11.53
CA THR A 22 -19.40 -26.68 -10.39
C THR A 22 -17.98 -26.88 -10.83
N ILE A 23 -17.07 -26.36 -10.03
CA ILE A 23 -15.64 -26.50 -10.29
C ILE A 23 -15.07 -27.31 -9.15
N GLY A 24 -14.06 -28.09 -9.48
CA GLY A 24 -13.39 -28.90 -8.47
C GLY A 24 -12.21 -28.17 -7.87
N ALA A 25 -11.35 -28.94 -7.21
CA ALA A 25 -10.11 -28.46 -6.62
C ALA A 25 -9.20 -27.77 -7.64
N VAL A 26 -8.68 -26.62 -7.25
CA VAL A 26 -7.67 -26.02 -8.11
C VAL A 26 -6.26 -26.37 -7.60
N ASN A 27 -5.49 -27.09 -8.44
CA ASN A 27 -4.13 -27.45 -8.12
C ASN A 27 -3.22 -26.24 -7.85
N SER A 28 -2.00 -26.49 -7.39
CA SER A 28 -1.06 -25.43 -7.00
C SER A 28 -0.67 -24.47 -8.12
N ARG A 29 -0.91 -24.85 -9.38
CA ARG A 29 -0.57 -23.96 -10.49
C ARG A 29 -1.75 -23.30 -11.20
N GLY A 30 -2.89 -23.28 -10.49
CA GLY A 30 -4.08 -22.55 -10.88
C GLY A 30 -5.15 -23.32 -11.64
N GLU A 31 -4.83 -24.55 -12.05
CA GLU A 31 -5.64 -25.35 -12.97
C GLU A 31 -6.82 -26.08 -12.35
N PHE A 32 -7.94 -25.99 -13.04
CA PHE A 32 -9.18 -26.54 -12.53
C PHE A 32 -10.05 -27.12 -13.64
N THR A 33 -10.95 -28.00 -13.22
CA THR A 33 -11.97 -28.58 -14.07
C THR A 33 -13.34 -28.54 -13.36
N GLY A 34 -14.42 -28.62 -14.13
CA GLY A 34 -15.76 -28.68 -13.57
C GLY A 34 -16.76 -28.91 -14.67
N THR A 35 -18.05 -28.73 -14.35
CA THR A 35 -19.15 -28.98 -15.27
C THR A 35 -19.94 -27.68 -15.53
N TYR A 36 -20.69 -27.61 -16.64
CA TYR A 36 -21.52 -26.44 -16.96
C TYR A 36 -22.90 -26.83 -17.52
N ILE A 37 -23.93 -26.77 -16.68
CA ILE A 37 -25.28 -26.98 -17.19
C ILE A 37 -25.82 -25.65 -17.62
N THR A 38 -26.12 -25.52 -18.90
CA THR A 38 -26.59 -24.23 -19.37
C THR A 38 -28.12 -24.07 -19.40
N ALA A 39 -28.53 -22.87 -18.97
CA ALA A 39 -29.89 -22.35 -19.14
C ALA A 39 -30.25 -22.28 -20.63
N VAL A 40 -29.41 -21.59 -21.38
CA VAL A 40 -29.69 -21.15 -22.75
C VAL A 40 -28.83 -21.92 -23.79
N ALA A 41 -29.13 -21.78 -25.08
CA ALA A 41 -28.31 -22.33 -26.19
C ALA A 41 -29.08 -22.18 -27.51
N ASP A 42 -28.41 -22.33 -28.66
CA ASP A 42 -29.09 -22.08 -29.97
C ASP A 42 -29.96 -23.22 -30.44
N ASN A 43 -30.06 -24.24 -29.60
CA ASN A 43 -30.88 -25.40 -29.83
C ASN A 43 -31.21 -26.00 -28.45
N PRO A 44 -32.02 -25.28 -27.61
CA PRO A 44 -32.20 -25.64 -26.17
C PRO A 44 -32.53 -27.11 -25.85
N GLY A 45 -33.24 -27.80 -26.75
CA GLY A 45 -33.62 -29.22 -26.54
C GLY A 45 -32.44 -30.16 -26.61
N ASN A 46 -31.31 -29.61 -27.04
CA ASN A 46 -30.04 -30.32 -27.12
C ASN A 46 -29.18 -30.22 -25.83
N ILE A 47 -29.34 -29.13 -25.06
CA ILE A 47 -28.46 -28.82 -23.89
C ILE A 47 -28.11 -30.02 -22.98
N THR A 48 -26.81 -30.33 -22.87
CA THR A 48 -26.33 -31.24 -21.85
C THR A 48 -25.18 -30.69 -21.00
N LEU A 49 -24.81 -31.51 -20.02
CA LEU A 49 -23.67 -31.29 -19.18
C LEU A 49 -22.46 -31.24 -20.11
N SER A 50 -21.69 -30.15 -20.00
CA SER A 50 -20.46 -29.97 -20.76
C SER A 50 -19.32 -29.70 -19.77
N PRO A 51 -18.09 -30.15 -20.09
CA PRO A 51 -17.00 -30.00 -19.12
C PRO A 51 -16.25 -28.67 -19.31
N LEU A 52 -15.55 -28.19 -18.28
CA LEU A 52 -14.67 -27.02 -18.47
C LEU A 52 -13.26 -27.19 -17.93
N LEU A 53 -12.38 -26.30 -18.40
CA LEU A 53 -10.97 -26.24 -18.03
C LEU A 53 -10.34 -24.84 -18.07
N GLY A 54 -9.81 -24.39 -16.95
CA GLY A 54 -9.11 -23.15 -16.97
C GLY A 54 -7.88 -23.10 -16.12
N ILE A 55 -7.46 -21.86 -15.87
CA ILE A 55 -6.39 -21.57 -14.96
C ILE A 55 -6.87 -20.38 -14.19
N GLN A 56 -6.36 -20.26 -12.97
CA GLN A 56 -6.73 -19.15 -12.10
C GLN A 56 -5.44 -18.71 -11.38
N HIS A 57 -5.01 -17.46 -11.56
CA HIS A 57 -3.91 -16.96 -10.72
C HIS A 57 -4.17 -17.34 -9.25
N LYS A 58 -3.35 -18.25 -8.71
CA LYS A 58 -3.48 -18.68 -7.29
C LYS A 58 -3.11 -17.60 -6.26
N ARG A 59 -2.19 -16.73 -6.64
CA ARG A 59 -1.59 -15.74 -5.74
C ARG A 59 -2.48 -14.54 -5.39
N ALA A 60 -3.38 -14.17 -6.31
CA ALA A 60 -4.19 -12.96 -6.17
C ALA A 60 -5.36 -13.18 -5.23
N SER A 61 -5.64 -12.17 -4.39
CA SER A 61 -6.77 -12.26 -3.46
C SER A 61 -8.11 -12.09 -4.22
N GLN A 62 -8.09 -11.25 -5.26
CA GLN A 62 -9.18 -11.19 -6.24
C GLN A 62 -8.67 -11.67 -7.61
N PRO A 63 -8.59 -13.00 -7.82
CA PRO A 63 -7.89 -13.53 -8.97
C PRO A 63 -8.59 -13.29 -10.30
N THR A 64 -7.78 -12.97 -11.31
CA THR A 64 -8.14 -13.07 -12.71
C THR A 64 -8.21 -14.56 -13.03
N PHE A 65 -8.93 -14.94 -14.09
CA PHE A 65 -9.02 -16.35 -14.56
C PHE A 65 -9.62 -16.42 -15.93
N GLY A 66 -9.41 -17.53 -16.58
CA GLY A 66 -9.97 -17.81 -17.87
C GLY A 66 -10.28 -19.30 -17.92
N PHE A 67 -11.27 -19.67 -18.75
CA PHE A 67 -11.58 -21.08 -18.96
C PHE A 67 -12.30 -21.37 -20.29
N THR A 68 -12.41 -22.64 -20.67
CA THR A 68 -13.00 -23.01 -21.96
C THR A 68 -14.05 -24.05 -21.70
N VAL A 69 -15.26 -23.76 -22.15
CA VAL A 69 -16.30 -24.79 -22.27
C VAL A 69 -16.21 -25.53 -23.63
N ASN A 70 -16.11 -26.86 -23.56
CA ASN A 70 -16.28 -27.72 -24.71
C ASN A 70 -17.68 -28.30 -24.75
N TRP A 71 -18.51 -27.86 -25.71
CA TRP A 71 -19.95 -28.16 -25.66
C TRP A 71 -20.23 -29.53 -26.20
N LYS A 72 -20.73 -30.39 -25.31
CA LYS A 72 -21.07 -31.76 -25.64
C LYS A 72 -21.95 -31.88 -26.88
N PHE A 73 -23.09 -31.19 -26.82
CA PHE A 73 -24.20 -31.32 -27.78
C PHE A 73 -24.06 -30.62 -29.16
N SER A 74 -22.81 -30.38 -29.61
CA SER A 74 -22.56 -29.56 -30.82
C SER A 74 -21.10 -29.22 -31.13
N GLU A 75 -20.90 -28.64 -32.31
CA GLU A 75 -19.60 -28.27 -32.88
C GLU A 75 -18.82 -27.12 -32.20
N SER A 76 -19.44 -26.39 -31.25
CA SER A 76 -18.95 -25.04 -30.89
C SER A 76 -18.33 -24.84 -29.48
N THR A 77 -17.68 -23.68 -29.29
CA THR A 77 -16.94 -23.42 -28.06
C THR A 77 -17.10 -22.00 -27.54
N THR A 78 -17.28 -21.93 -26.23
CA THR A 78 -17.30 -20.67 -25.49
C THR A 78 -16.08 -20.65 -24.56
N VAL A 79 -15.36 -19.53 -24.57
CA VAL A 79 -14.31 -19.28 -23.62
C VAL A 79 -14.71 -18.09 -22.74
N PHE A 80 -14.30 -18.14 -21.50
CA PHE A 80 -14.61 -17.08 -20.57
C PHE A 80 -13.31 -16.52 -20.00
N THR A 81 -13.22 -15.20 -19.82
CA THR A 81 -12.38 -14.66 -18.77
C THR A 81 -13.15 -13.77 -17.85
N GLY A 82 -12.45 -13.38 -16.79
CA GLY A 82 -13.01 -12.55 -15.77
C GLY A 82 -12.16 -12.55 -14.53
N GLN A 83 -12.73 -11.93 -13.49
CA GLN A 83 -12.07 -11.67 -12.23
C GLN A 83 -13.07 -11.88 -11.11
N CYS A 84 -12.56 -12.22 -9.93
CA CYS A 84 -13.36 -12.66 -8.78
C CYS A 84 -13.32 -11.64 -7.60
N PHE A 85 -14.46 -10.98 -7.28
CA PHE A 85 -14.46 -9.86 -6.30
C PHE A 85 -15.10 -10.13 -4.88
N ILE A 86 -14.77 -9.30 -3.88
CA ILE A 86 -15.30 -9.44 -2.51
C ILE A 86 -15.76 -8.09 -1.89
N GLY A 90 -18.74 -10.00 2.93
CA GLY A 90 -17.66 -10.25 1.96
C GLY A 90 -18.01 -11.34 0.95
N LYS A 91 -19.02 -11.09 0.13
CA LYS A 91 -19.50 -12.15 -0.70
C LYS A 91 -18.79 -12.08 -2.06
N GLU A 92 -18.70 -13.24 -2.70
CA GLU A 92 -17.85 -13.42 -3.86
C GLU A 92 -18.68 -13.40 -5.10
N VAL A 93 -18.12 -12.77 -6.14
CA VAL A 93 -18.81 -12.54 -7.41
C VAL A 93 -17.81 -12.58 -8.60
N LEU A 94 -18.15 -13.34 -9.63
CA LEU A 94 -17.28 -13.43 -10.80
C LEU A 94 -17.82 -12.58 -11.92
N LYS A 95 -17.02 -11.61 -12.34
CA LYS A 95 -17.34 -10.82 -13.48
C LYS A 95 -16.64 -11.45 -14.69
N THR A 96 -17.46 -11.90 -15.67
CA THR A 96 -16.96 -12.53 -16.89
C THR A 96 -17.52 -12.00 -18.21
N MET A 97 -16.67 -12.01 -19.22
CA MET A 97 -17.14 -11.83 -20.58
C MET A 97 -16.77 -13.05 -21.37
N TRP A 98 -17.41 -13.24 -22.51
CA TRP A 98 -17.22 -14.48 -23.20
C TRP A 98 -17.20 -14.40 -24.71
N LEU A 99 -16.60 -15.40 -25.35
CA LEU A 99 -16.63 -15.52 -26.79
C LEU A 99 -17.14 -16.88 -27.19
N LEU A 100 -18.26 -16.90 -27.90
CA LEU A 100 -18.83 -18.13 -28.44
C LEU A 100 -18.34 -18.32 -29.86
N ARG A 101 -17.68 -19.44 -30.10
CA ARG A 101 -17.16 -19.74 -31.42
C ARG A 101 -17.95 -20.88 -31.99
N SER A 102 -18.38 -20.69 -33.24
CA SER A 102 -19.15 -21.64 -34.04
C SER A 102 -18.31 -22.23 -35.15
N SER A 103 -18.65 -23.45 -35.57
CA SER A 103 -18.15 -24.05 -36.82
C SER A 103 -18.77 -23.29 -37.94
N VAL A 104 -17.95 -22.63 -38.71
CA VAL A 104 -18.34 -22.42 -40.09
C VAL A 104 -17.69 -23.62 -40.77
N ASN A 105 -18.08 -23.92 -42.00
CA ASN A 105 -17.35 -24.90 -42.80
C ASN A 105 -16.47 -24.22 -43.85
N ASP A 106 -16.70 -22.94 -44.10
CA ASP A 106 -15.79 -22.16 -44.91
C ASP A 106 -15.06 -21.07 -44.12
N ILE A 107 -13.75 -20.96 -44.36
CA ILE A 107 -12.86 -19.94 -43.77
C ILE A 107 -13.04 -18.53 -44.39
N GLY A 108 -13.65 -18.46 -45.57
CA GLY A 108 -14.15 -17.21 -46.16
C GLY A 108 -15.36 -16.73 -45.37
N ASP A 109 -15.97 -17.66 -44.63
CA ASP A 109 -17.11 -17.43 -43.76
C ASP A 109 -16.74 -17.22 -42.28
N ASP A 110 -15.46 -16.92 -42.01
CA ASP A 110 -14.91 -16.90 -40.64
C ASP A 110 -15.46 -15.71 -39.83
N TRP A 111 -15.44 -14.54 -40.47
CA TRP A 111 -15.86 -13.28 -39.89
C TRP A 111 -17.21 -13.35 -39.21
N LYS A 112 -17.93 -14.45 -39.39
CA LYS A 112 -19.18 -14.54 -38.69
C LYS A 112 -19.31 -15.68 -37.67
N ALA A 113 -18.23 -16.39 -37.39
CA ALA A 113 -18.34 -17.53 -36.48
C ALA A 113 -18.07 -17.16 -35.03
N THR A 114 -18.04 -15.86 -34.75
CA THR A 114 -17.65 -15.40 -33.43
C THR A 114 -18.66 -14.42 -32.87
N ARG A 115 -19.01 -14.59 -31.60
CA ARG A 115 -20.06 -13.80 -30.95
C ARG A 115 -19.73 -13.56 -29.50
N VAL A 116 -20.24 -12.47 -28.94
CA VAL A 116 -19.76 -12.03 -27.63
C VAL A 116 -20.86 -11.71 -26.64
N GLY A 117 -20.57 -11.82 -25.36
CA GLY A 117 -21.55 -11.49 -24.33
C GLY A 117 -20.91 -11.49 -22.97
N TYR A 118 -21.70 -11.63 -21.93
CA TYR A 118 -21.11 -11.51 -20.60
C TYR A 118 -21.89 -12.38 -19.65
N ASN A 119 -21.47 -12.41 -18.38
CA ASN A 119 -22.11 -13.15 -17.33
C ASN A 119 -21.55 -12.78 -15.98
N ILE A 120 -22.45 -12.63 -15.02
CA ILE A 120 -22.10 -12.36 -13.63
C ILE A 120 -22.40 -13.66 -12.91
N PHE A 121 -21.46 -14.14 -12.09
CA PHE A 121 -21.57 -15.42 -11.43
C PHE A 121 -21.62 -15.25 -9.92
N THR A 122 -22.50 -16.03 -9.30
CA THR A 122 -22.72 -15.98 -7.86
C THR A 122 -22.69 -17.40 -7.26
N ARG A 123 -22.07 -17.57 -6.09
CA ARG A 123 -22.12 -18.90 -5.43
C ARG A 123 -23.57 -19.39 -5.21
N LEU A 124 -23.72 -20.72 -5.12
CA LEU A 124 -24.96 -21.33 -4.65
C LEU A 124 -24.71 -22.29 -3.49
N CYS B 7 -40.97 2.28 -29.32
CA CYS B 7 -39.52 2.23 -28.91
C CYS B 7 -38.74 3.36 -29.51
N SER B 8 -39.24 4.56 -29.28
CA SER B 8 -38.61 5.82 -29.66
C SER B 8 -37.26 5.99 -28.93
N LEU B 9 -36.18 6.21 -29.67
CA LEU B 9 -34.87 6.44 -29.02
C LEU B 9 -34.68 7.90 -28.48
N THR B 10 -35.53 8.82 -28.94
CA THR B 10 -35.63 10.15 -28.38
C THR B 10 -35.89 10.06 -26.87
N GLY B 11 -35.33 11.01 -26.14
CA GLY B 11 -35.59 11.08 -24.72
C GLY B 11 -34.33 10.98 -23.92
N LYS B 12 -34.51 10.77 -22.63
CA LYS B 12 -33.41 10.81 -21.72
C LYS B 12 -33.25 9.47 -21.07
N TRP B 13 -32.09 8.85 -21.24
CA TRP B 13 -31.86 7.53 -20.67
C TRP B 13 -30.72 7.47 -19.64
N THR B 14 -30.79 6.47 -18.76
CA THR B 14 -29.69 6.16 -17.83
C THR B 14 -29.26 4.67 -17.82
N ASN B 15 -27.98 4.42 -17.55
CA ASN B 15 -27.52 3.04 -17.43
C ASN B 15 -27.05 2.61 -16.07
N ASP B 16 -26.66 1.33 -16.00
CA ASP B 16 -26.25 0.63 -14.78
C ASP B 16 -24.90 1.08 -14.20
N LEU B 17 -24.07 1.72 -15.00
CA LEU B 17 -22.83 2.35 -14.54
C LEU B 17 -23.03 3.84 -14.24
N GLY B 18 -24.28 4.26 -14.08
CA GLY B 18 -24.62 5.65 -13.77
C GLY B 18 -24.56 6.66 -14.90
N SER B 19 -24.14 6.27 -16.10
CA SER B 19 -24.04 7.26 -17.17
C SER B 19 -25.40 7.67 -17.67
N ASN B 20 -25.49 8.87 -18.20
CA ASN B 20 -26.72 9.37 -18.73
C ASN B 20 -26.58 9.88 -20.16
N MET B 21 -27.61 9.71 -20.96
CA MET B 21 -27.60 10.30 -22.29
C MET B 21 -28.90 10.95 -22.72
N THR B 22 -28.80 11.90 -23.64
CA THR B 22 -30.00 12.49 -24.23
C THR B 22 -29.95 12.39 -25.73
N ILE B 23 -31.05 11.94 -26.30
CA ILE B 23 -31.17 11.83 -27.76
C ILE B 23 -32.24 12.78 -28.30
N GLY B 24 -31.91 13.40 -29.42
CA GLY B 24 -32.79 14.34 -30.08
C GLY B 24 -33.88 13.59 -30.78
N ALA B 25 -34.59 14.30 -31.66
CA ALA B 25 -35.65 13.71 -32.48
C ALA B 25 -35.05 12.70 -33.44
N VAL B 26 -35.79 11.62 -33.75
CA VAL B 26 -35.34 10.72 -34.83
C VAL B 26 -36.08 11.08 -36.13
N ASN B 27 -35.31 11.31 -37.20
CA ASN B 27 -35.90 11.55 -38.49
C ASN B 27 -36.22 10.20 -39.09
N SER B 28 -37.15 10.18 -40.03
CA SER B 28 -37.67 8.90 -40.47
C SER B 28 -36.70 8.04 -41.28
N ARG B 29 -35.54 8.57 -41.66
CA ARG B 29 -34.56 7.71 -42.37
C ARG B 29 -33.56 7.08 -41.40
N GLY B 30 -33.91 7.09 -40.11
CA GLY B 30 -33.20 6.37 -39.06
C GLY B 30 -32.47 7.19 -38.01
N GLU B 31 -32.09 8.42 -38.37
CA GLU B 31 -31.04 9.18 -37.64
C GLU B 31 -31.44 9.84 -36.35
N PHE B 32 -30.45 10.05 -35.49
CA PHE B 32 -30.58 10.82 -34.26
C PHE B 32 -29.24 11.40 -33.82
N THR B 33 -29.33 12.51 -33.08
CA THR B 33 -28.22 13.19 -32.47
C THR B 33 -28.41 13.11 -30.96
N GLY B 34 -27.33 13.07 -30.19
CA GLY B 34 -27.48 13.11 -28.74
C GLY B 34 -26.25 13.56 -27.99
N THR B 35 -26.43 13.93 -26.73
CA THR B 35 -25.30 14.21 -25.86
C THR B 35 -25.14 13.02 -24.95
N TYR B 36 -23.89 12.76 -24.55
CA TYR B 36 -23.56 11.68 -23.59
C TYR B 36 -22.78 12.20 -22.34
N ILE B 37 -23.35 12.05 -21.13
CA ILE B 37 -22.53 12.25 -19.90
C ILE B 37 -22.11 10.94 -19.23
N THR B 38 -20.83 10.63 -19.36
CA THR B 38 -20.27 9.41 -18.81
C THR B 38 -19.96 9.56 -17.30
N ALA B 39 -20.32 8.51 -16.53
CA ALA B 39 -20.22 8.46 -15.04
C ALA B 39 -18.91 7.86 -14.63
N VAL B 40 -18.32 7.16 -15.59
CA VAL B 40 -17.17 6.32 -15.38
C VAL B 40 -16.21 6.55 -16.57
N ALA B 41 -14.90 6.43 -16.37
CA ALA B 41 -13.93 6.73 -17.44
C ALA B 41 -12.54 6.37 -17.00
N ASP B 42 -11.61 6.30 -17.98
CA ASP B 42 -10.16 6.03 -17.74
C ASP B 42 -9.47 7.03 -16.84
N ASN B 43 -9.83 8.30 -16.99
CA ASN B 43 -9.37 9.36 -16.12
C ASN B 43 -10.55 10.22 -15.82
N PRO B 44 -11.41 9.81 -14.86
CA PRO B 44 -12.57 10.63 -14.49
C PRO B 44 -12.18 11.98 -13.81
N GLY B 45 -10.90 12.35 -13.90
CA GLY B 45 -10.50 13.71 -13.62
C GLY B 45 -10.97 14.65 -14.71
N ASN B 46 -11.17 14.10 -15.91
CA ASN B 46 -11.40 14.91 -17.12
C ASN B 46 -12.76 14.78 -17.87
N ILE B 47 -13.77 14.16 -17.25
CA ILE B 47 -15.06 13.91 -17.93
C ILE B 47 -15.88 15.18 -18.25
N THR B 48 -16.17 15.39 -19.55
CA THR B 48 -17.30 16.27 -19.98
C THR B 48 -18.27 15.61 -20.97
N LEU B 49 -19.38 16.32 -21.19
CA LEU B 49 -20.37 16.12 -22.24
C LEU B 49 -19.76 15.79 -23.58
N SER B 50 -20.20 14.69 -24.18
CA SER B 50 -19.71 14.29 -25.47
C SER B 50 -20.87 14.02 -26.45
N PRO B 51 -20.63 14.32 -27.73
CA PRO B 51 -21.65 14.11 -28.71
C PRO B 51 -21.74 12.62 -29.02
N LEU B 52 -22.48 12.31 -30.06
CA LEU B 52 -23.13 11.01 -30.21
C LEU B 52 -23.98 11.17 -31.47
N LEU B 53 -23.67 10.34 -32.47
CA LEU B 53 -24.38 10.28 -33.75
C LEU B 53 -24.83 8.85 -33.99
N GLY B 54 -26.05 8.66 -34.49
CA GLY B 54 -26.55 7.30 -34.76
C GLY B 54 -27.83 7.05 -35.56
N ILE B 55 -27.91 5.82 -36.08
CA ILE B 55 -29.06 5.35 -36.86
C ILE B 55 -29.82 4.27 -36.09
N GLN B 56 -31.13 4.26 -36.26
CA GLN B 56 -31.98 3.32 -35.59
C GLN B 56 -33.08 2.92 -36.55
N HIS B 57 -33.26 1.63 -36.77
CA HIS B 57 -34.40 1.17 -37.56
C HIS B 57 -35.66 1.85 -37.08
N LYS B 58 -36.57 2.13 -38.01
CA LYS B 58 -37.80 2.86 -37.67
C LYS B 58 -39.02 1.96 -37.94
N ARG B 59 -38.81 0.65 -38.04
CA ARG B 59 -39.74 -0.21 -38.74
C ARG B 59 -40.25 -1.41 -37.91
N ALA B 60 -39.29 -2.18 -37.36
CA ALA B 60 -39.59 -3.24 -36.39
C ALA B 60 -39.83 -2.58 -35.06
N SER B 61 -40.78 -3.10 -34.29
CA SER B 61 -41.27 -2.44 -33.08
C SER B 61 -40.28 -2.58 -31.95
N GLN B 62 -39.37 -3.55 -32.07
CA GLN B 62 -38.29 -3.71 -31.11
C GLN B 62 -36.96 -3.63 -31.88
N PRO B 63 -36.63 -2.44 -32.41
CA PRO B 63 -35.63 -2.23 -33.43
C PRO B 63 -34.19 -2.36 -32.95
N THR B 64 -33.36 -2.91 -33.82
CA THR B 64 -31.94 -2.88 -33.63
C THR B 64 -31.49 -1.41 -33.76
N PHE B 65 -30.25 -1.09 -33.39
CA PHE B 65 -29.66 0.24 -33.63
C PHE B 65 -28.16 0.30 -33.35
N GLY B 66 -27.59 1.50 -33.48
CA GLY B 66 -26.18 1.71 -33.25
C GLY B 66 -25.86 3.18 -33.26
N PHE B 67 -24.97 3.61 -32.38
CA PHE B 67 -24.47 4.99 -32.40
C PHE B 67 -22.99 5.10 -32.00
N THR B 68 -22.46 6.31 -32.17
CA THR B 68 -21.04 6.62 -31.92
C THR B 68 -20.96 7.76 -30.92
N VAL B 69 -20.20 7.52 -29.85
CA VAL B 69 -19.82 8.56 -28.90
C VAL B 69 -18.39 9.05 -29.19
N ASN B 70 -18.25 10.37 -29.25
CA ASN B 70 -16.94 10.99 -29.50
C ASN B 70 -16.56 11.78 -28.29
N TRP B 71 -15.66 11.19 -27.53
CA TRP B 71 -15.14 11.77 -26.31
C TRP B 71 -14.41 13.05 -26.57
N LYS B 72 -14.87 14.09 -25.91
CA LYS B 72 -14.32 15.42 -26.12
C LYS B 72 -13.17 15.68 -25.17
N PHE B 73 -13.02 14.75 -24.22
CA PHE B 73 -11.98 14.87 -23.22
C PHE B 73 -10.81 13.90 -23.45
N SER B 74 -10.80 13.15 -24.55
CA SER B 74 -9.64 12.34 -24.85
C SER B 74 -9.55 12.02 -26.32
N GLU B 75 -8.71 11.04 -26.64
CA GLU B 75 -8.54 10.58 -28.01
C GLU B 75 -9.43 9.36 -28.42
N SER B 76 -10.15 8.76 -27.50
CA SER B 76 -10.82 7.51 -27.85
C SER B 76 -12.24 7.65 -28.44
N THR B 77 -12.71 6.60 -29.10
CA THR B 77 -14.10 6.52 -29.54
C THR B 77 -14.79 5.30 -28.85
N THR B 78 -16.05 5.49 -28.45
CA THR B 78 -16.84 4.36 -28.02
C THR B 78 -18.02 4.21 -29.01
N VAL B 79 -18.23 3.01 -29.53
CA VAL B 79 -19.43 2.77 -30.34
C VAL B 79 -20.34 1.76 -29.63
N PHE B 80 -21.66 1.93 -29.80
CA PHE B 80 -22.72 1.04 -29.24
C PHE B 80 -23.63 0.49 -30.36
N THR B 81 -23.99 -0.81 -30.29
CA THR B 81 -25.19 -1.42 -30.95
C THR B 81 -26.06 -2.11 -29.92
N GLY B 82 -27.26 -2.50 -30.29
CA GLY B 82 -28.16 -3.14 -29.34
C GLY B 82 -29.56 -3.13 -29.87
N GLN B 83 -30.52 -3.43 -28.98
CA GLN B 83 -31.94 -3.53 -29.29
C GLN B 83 -32.80 -2.96 -28.16
N CYS B 84 -33.93 -2.38 -28.51
CA CYS B 84 -34.89 -1.89 -27.55
C CYS B 84 -35.98 -2.93 -27.40
N PHE B 85 -36.37 -3.31 -26.19
CA PHE B 85 -37.48 -4.22 -26.01
C PHE B 85 -38.60 -3.58 -25.15
N ILE B 86 -39.83 -4.11 -25.22
CA ILE B 86 -40.84 -3.79 -24.22
C ILE B 86 -40.81 -4.83 -23.10
N GLY B 90 -45.14 -3.40 -20.29
CA GLY B 90 -44.83 -2.05 -19.85
C GLY B 90 -43.51 -1.45 -20.38
N LYS B 91 -42.41 -1.57 -19.62
CA LYS B 91 -41.21 -0.70 -19.78
C LYS B 91 -40.18 -1.06 -20.88
N GLU B 92 -39.56 -0.01 -21.44
CA GLU B 92 -38.52 -0.10 -22.48
C GLU B 92 -37.10 -0.25 -21.93
N VAL B 93 -36.35 -1.18 -22.49
CA VAL B 93 -35.02 -1.45 -22.02
C VAL B 93 -34.07 -1.59 -23.20
N LEU B 94 -32.99 -0.82 -23.22
CA LEU B 94 -31.98 -1.01 -24.26
C LEU B 94 -30.89 -1.98 -23.80
N LYS B 95 -30.83 -3.14 -24.44
CA LYS B 95 -29.71 -4.05 -24.23
C LYS B 95 -28.59 -3.71 -25.24
N THR B 96 -27.45 -3.24 -24.76
CA THR B 96 -26.38 -2.85 -25.67
C THR B 96 -25.02 -3.49 -25.44
N MET B 97 -24.15 -3.31 -26.41
CA MET B 97 -22.79 -3.74 -26.24
C MET B 97 -21.92 -2.71 -26.87
N TRP B 98 -20.68 -2.62 -26.45
CA TRP B 98 -19.84 -1.55 -26.98
C TRP B 98 -18.41 -1.91 -27.27
N LEU B 99 -17.78 -1.10 -28.11
CA LEU B 99 -16.33 -1.14 -28.24
C LEU B 99 -15.79 0.25 -27.93
N LEU B 100 -14.82 0.28 -27.02
CA LEU B 100 -14.14 1.50 -26.66
C LEU B 100 -12.77 1.39 -27.28
N ARG B 101 -12.46 2.24 -28.25
CA ARG B 101 -11.20 2.19 -28.96
C ARG B 101 -10.31 3.26 -28.44
N SER B 102 -9.17 2.92 -27.87
CA SER B 102 -8.18 3.93 -27.57
C SER B 102 -7.32 4.23 -28.76
N SER B 103 -6.56 5.33 -28.66
CA SER B 103 -5.49 5.63 -29.62
C SER B 103 -4.14 5.14 -29.14
N VAL B 104 -3.43 4.50 -30.05
CA VAL B 104 -2.07 4.06 -29.77
C VAL B 104 -1.15 4.81 -30.73
N ASN B 105 0.09 5.02 -30.32
CA ASN B 105 0.99 5.78 -31.15
C ASN B 105 1.39 5.06 -32.43
N ASP B 106 1.73 3.79 -32.31
CA ASP B 106 2.14 3.01 -33.48
C ASP B 106 1.15 1.90 -33.84
N ILE B 107 1.00 1.65 -35.15
CA ILE B 107 0.13 0.56 -35.63
C ILE B 107 0.52 -0.79 -35.03
N GLY B 108 1.82 -1.06 -34.92
CA GLY B 108 2.29 -2.26 -34.24
C GLY B 108 1.77 -2.37 -32.82
N ASP B 109 1.26 -1.26 -32.27
CA ASP B 109 0.62 -1.26 -30.95
C ASP B 109 -0.91 -1.47 -30.97
N ASP B 110 -1.49 -1.46 -32.16
CA ASP B 110 -2.93 -1.61 -32.36
C ASP B 110 -3.61 -2.69 -31.53
N TRP B 111 -2.97 -3.85 -31.41
CA TRP B 111 -3.60 -4.99 -30.75
C TRP B 111 -4.26 -4.68 -29.39
N LYS B 112 -3.82 -3.63 -28.71
CA LYS B 112 -4.29 -3.39 -27.35
C LYS B 112 -5.21 -2.20 -27.29
N ALA B 113 -5.67 -1.77 -28.46
CA ALA B 113 -6.40 -0.52 -28.56
C ALA B 113 -7.86 -0.64 -28.22
N THR B 114 -8.46 -1.79 -28.45
CA THR B 114 -9.91 -1.90 -28.33
C THR B 114 -10.39 -2.65 -27.10
N ARG B 115 -11.26 -2.04 -26.31
CA ARG B 115 -11.98 -2.79 -25.27
C ARG B 115 -13.42 -3.04 -25.66
N VAL B 116 -14.09 -3.91 -24.88
CA VAL B 116 -15.46 -4.31 -25.12
C VAL B 116 -16.20 -4.49 -23.84
N GLY B 117 -17.52 -4.27 -23.85
CA GLY B 117 -18.38 -4.36 -22.66
C GLY B 117 -19.87 -4.30 -23.02
N TYR B 118 -20.72 -4.42 -22.00
CA TYR B 118 -22.15 -4.30 -22.19
C TYR B 118 -22.62 -3.12 -21.38
N ASN B 119 -23.89 -2.77 -21.56
CA ASN B 119 -24.64 -1.75 -20.79
C ASN B 119 -26.16 -1.97 -20.98
N ILE B 120 -26.94 -1.56 -20.00
CA ILE B 120 -28.38 -1.68 -20.08
C ILE B 120 -29.01 -0.33 -19.73
N PHE B 121 -29.79 0.22 -20.66
CA PHE B 121 -30.36 1.54 -20.52
C PHE B 121 -31.84 1.48 -20.23
N THR B 122 -32.29 2.35 -19.37
CA THR B 122 -33.70 2.61 -19.23
C THR B 122 -33.91 4.12 -19.24
N ARG B 123 -35.14 4.52 -19.53
CA ARG B 123 -35.52 5.90 -19.51
C ARG B 123 -35.32 6.44 -18.10
N LEU B 124 -35.22 7.77 -18.00
CA LEU B 124 -35.09 8.45 -16.73
C LEU B 124 -36.45 8.95 -16.23
N LYS C 6 -2.88 13.82 -44.29
CA LYS C 6 -4.21 14.18 -43.72
C LYS C 6 -5.12 12.95 -43.72
N CYS C 7 -5.28 12.29 -42.56
CA CYS C 7 -6.19 11.13 -42.39
C CYS C 7 -7.67 11.54 -42.28
N SER C 8 -8.24 12.03 -43.38
CA SER C 8 -9.67 12.25 -43.46
C SER C 8 -10.33 11.07 -44.14
N LEU C 9 -11.40 10.59 -43.54
CA LEU C 9 -12.12 9.47 -44.12
C LEU C 9 -13.00 9.83 -45.32
N THR C 10 -12.98 11.10 -45.75
CA THR C 10 -13.61 11.49 -47.01
C THR C 10 -13.04 10.62 -48.16
N GLY C 11 -13.92 9.98 -48.91
CA GLY C 11 -13.47 9.17 -50.01
C GLY C 11 -13.81 7.70 -49.91
N LYS C 12 -13.14 6.91 -50.75
CA LYS C 12 -13.47 5.52 -50.98
C LYS C 12 -12.48 4.66 -50.24
N TRP C 13 -13.02 3.63 -49.61
CA TRP C 13 -12.21 2.69 -48.84
C TRP C 13 -12.75 1.30 -49.06
N THR C 14 -11.87 0.33 -48.91
CA THR C 14 -12.22 -1.06 -49.06
C THR C 14 -11.62 -1.81 -47.93
N ASN C 15 -11.96 -3.08 -47.79
CA ASN C 15 -11.37 -3.87 -46.73
C ASN C 15 -11.05 -5.29 -47.14
N ASP C 16 -10.40 -6.03 -46.24
CA ASP C 16 -9.83 -7.36 -46.54
C ASP C 16 -10.80 -8.43 -47.08
N LEU C 17 -12.07 -8.35 -46.69
CA LEU C 17 -13.10 -9.30 -47.16
C LEU C 17 -13.72 -8.84 -48.50
N GLY C 18 -13.38 -7.63 -48.92
CA GLY C 18 -13.80 -7.14 -50.23
C GLY C 18 -14.97 -6.17 -50.17
N SER C 19 -15.08 -5.40 -49.11
CA SER C 19 -16.13 -4.39 -49.03
C SER C 19 -15.64 -3.00 -49.35
N ASN C 20 -16.53 -2.22 -49.96
CA ASN C 20 -16.23 -0.87 -50.36
C ASN C 20 -17.19 0.10 -49.70
N MET C 21 -16.64 1.16 -49.14
CA MET C 21 -17.45 2.22 -48.57
C MET C 21 -17.08 3.58 -49.14
N THR C 22 -18.01 4.52 -49.04
CA THR C 22 -17.79 5.86 -49.53
C THR C 22 -18.22 6.85 -48.47
N ILE C 23 -17.28 7.70 -48.09
CA ILE C 23 -17.55 8.71 -47.11
C ILE C 23 -17.45 10.05 -47.77
N GLY C 24 -18.41 10.90 -47.44
CA GLY C 24 -18.45 12.25 -47.92
C GLY C 24 -17.66 13.19 -47.03
N ALA C 25 -18.12 14.44 -47.03
CA ALA C 25 -17.52 15.52 -46.26
C ALA C 25 -17.55 15.18 -44.79
N VAL C 26 -16.35 15.17 -44.20
CA VAL C 26 -16.22 15.17 -42.74
C VAL C 26 -16.33 16.63 -42.25
N ASN C 27 -17.46 16.95 -41.60
CA ASN C 27 -17.75 18.32 -41.15
C ASN C 27 -16.90 18.81 -39.96
N SER C 28 -17.11 20.05 -39.53
CA SER C 28 -16.23 20.73 -38.58
C SER C 28 -16.26 20.08 -37.22
N ARG C 29 -17.35 19.36 -36.95
CA ARG C 29 -17.58 18.62 -35.69
C ARG C 29 -17.20 17.15 -35.84
N GLY C 30 -16.71 16.79 -37.03
CA GLY C 30 -16.13 15.48 -37.26
C GLY C 30 -17.06 14.54 -38.00
N GLU C 31 -18.31 14.95 -38.20
CA GLU C 31 -19.36 14.05 -38.68
C GLU C 31 -19.37 13.87 -40.18
N PHE C 32 -19.94 12.75 -40.62
CA PHE C 32 -19.91 12.38 -42.05
C PHE C 32 -20.98 11.36 -42.40
N THR C 33 -21.72 11.60 -43.47
CA THR C 33 -22.61 10.56 -43.97
C THR C 33 -21.79 9.72 -44.98
N GLY C 34 -22.38 8.64 -45.48
CA GLY C 34 -21.71 7.79 -46.45
C GLY C 34 -22.52 6.56 -46.77
N THR C 35 -22.03 5.75 -47.72
CA THR C 35 -22.66 4.47 -48.09
C THR C 35 -21.64 3.33 -48.07
N TYR C 36 -22.12 2.12 -47.82
CA TYR C 36 -21.28 0.97 -47.61
C TYR C 36 -21.80 -0.22 -48.41
N ILE C 37 -20.99 -0.73 -49.33
CA ILE C 37 -21.39 -1.96 -50.00
C ILE C 37 -20.58 -3.11 -49.39
N THR C 38 -21.28 -3.91 -48.61
CA THR C 38 -20.67 -5.10 -48.06
C THR C 38 -20.43 -6.15 -49.16
N ALA C 39 -19.39 -6.96 -49.02
CA ALA C 39 -19.22 -8.10 -49.87
C ALA C 39 -19.68 -9.39 -49.17
N VAL C 40 -20.45 -9.25 -48.10
CA VAL C 40 -20.78 -10.41 -47.26
C VAL C 40 -21.84 -10.11 -46.19
N ALA C 41 -22.91 -10.92 -46.17
CA ALA C 41 -23.96 -10.84 -45.13
C ALA C 41 -24.52 -12.24 -44.81
N ASP C 42 -25.45 -12.31 -43.85
CA ASP C 42 -26.02 -13.59 -43.40
C ASP C 42 -26.87 -14.17 -44.51
N ASN C 43 -27.54 -13.28 -45.26
CA ASN C 43 -28.31 -13.59 -46.47
C ASN C 43 -27.73 -12.77 -47.63
N PRO C 44 -26.62 -13.25 -48.22
CA PRO C 44 -25.88 -12.43 -49.17
C PRO C 44 -26.62 -12.21 -50.46
N GLY C 45 -27.59 -13.09 -50.74
CA GLY C 45 -28.53 -12.94 -51.87
C GLY C 45 -29.32 -11.64 -51.81
N ASN C 46 -29.59 -11.18 -50.59
CA ASN C 46 -30.36 -9.96 -50.32
C ASN C 46 -29.63 -8.63 -50.56
N ILE C 47 -28.30 -8.69 -50.70
CA ILE C 47 -27.43 -7.50 -50.59
C ILE C 47 -27.85 -6.30 -51.46
N THR C 48 -27.93 -5.15 -50.79
CA THR C 48 -28.30 -3.87 -51.38
C THR C 48 -27.26 -2.83 -50.91
N LEU C 49 -27.42 -1.57 -51.32
CA LEU C 49 -26.59 -0.47 -50.83
C LEU C 49 -27.10 -0.12 -49.45
N SER C 50 -26.26 0.50 -48.63
CA SER C 50 -26.62 0.82 -47.22
C SER C 50 -25.95 2.08 -46.62
N PRO C 51 -26.75 2.96 -45.96
CA PRO C 51 -26.31 4.25 -45.43
C PRO C 51 -25.54 4.12 -44.12
N LEU C 52 -24.68 5.10 -43.85
CA LEU C 52 -23.64 5.00 -42.80
C LEU C 52 -23.43 6.38 -42.15
N LEU C 53 -23.25 6.40 -40.84
CA LEU C 53 -23.17 7.63 -40.06
C LEU C 53 -22.23 7.46 -38.87
N GLY C 54 -21.17 8.26 -38.83
CA GLY C 54 -20.27 8.29 -37.67
C GLY C 54 -19.56 9.62 -37.45
N ILE C 55 -18.63 9.63 -36.49
CA ILE C 55 -17.85 10.82 -36.10
C ILE C 55 -16.38 10.43 -35.98
N GLN C 56 -15.49 11.31 -36.47
CA GLN C 56 -14.03 11.19 -36.23
C GLN C 56 -13.45 12.36 -35.42
N HIS C 57 -12.32 12.12 -34.77
CA HIS C 57 -11.52 13.18 -34.18
C HIS C 57 -10.75 13.92 -35.29
N LYS C 58 -10.62 15.26 -35.19
CA LYS C 58 -9.96 16.07 -36.26
C LYS C 58 -8.53 16.50 -35.90
N ARG C 59 -8.37 16.96 -34.67
CA ARG C 59 -7.07 17.29 -34.06
C ARG C 59 -6.07 16.17 -34.33
N ALA C 60 -6.19 15.05 -33.60
CA ALA C 60 -5.33 13.87 -33.76
C ALA C 60 -4.84 13.63 -35.21
N SER C 61 -3.55 13.36 -35.37
CA SER C 61 -2.92 13.14 -36.68
C SER C 61 -3.14 11.73 -37.20
N GLN C 62 -3.41 10.82 -36.27
CA GLN C 62 -3.78 9.46 -36.56
C GLN C 62 -5.07 9.23 -35.80
N PRO C 63 -6.16 9.76 -36.36
CA PRO C 63 -7.44 9.89 -35.65
C PRO C 63 -8.06 8.56 -35.36
N THR C 64 -8.65 8.49 -34.17
CA THR C 64 -9.58 7.46 -33.77
C THR C 64 -10.98 7.75 -34.38
N PHE C 65 -11.77 6.71 -34.69
CA PHE C 65 -13.13 6.95 -35.24
C PHE C 65 -14.19 5.90 -34.91
N GLY C 66 -15.35 6.06 -35.52
CA GLY C 66 -16.51 5.22 -35.22
C GLY C 66 -17.75 5.57 -36.04
N PHE C 67 -18.37 4.57 -36.64
CA PHE C 67 -19.62 4.76 -37.36
C PHE C 67 -20.58 3.59 -37.28
N THR C 68 -21.80 3.87 -37.73
CA THR C 68 -22.94 2.99 -37.59
C THR C 68 -23.47 2.72 -38.97
N VAL C 69 -23.68 1.44 -39.27
CA VAL C 69 -24.25 1.08 -40.54
C VAL C 69 -25.66 0.56 -40.30
N ASN C 70 -26.63 1.26 -40.87
CA ASN C 70 -28.02 0.78 -40.94
C ASN C 70 -28.25 -0.08 -42.19
N TRP C 71 -28.19 -1.40 -42.00
CA TRP C 71 -28.38 -2.37 -43.09
C TRP C 71 -29.86 -2.34 -43.50
N LYS C 72 -30.17 -1.85 -44.70
CA LYS C 72 -31.61 -1.72 -45.04
C LYS C 72 -32.21 -3.04 -45.42
N PHE C 73 -31.40 -3.87 -46.07
CA PHE C 73 -31.84 -5.18 -46.47
C PHE C 73 -32.02 -6.16 -45.32
N SER C 74 -31.91 -5.66 -44.07
CA SER C 74 -32.18 -6.50 -42.91
C SER C 74 -32.66 -5.72 -41.74
N GLU C 75 -33.12 -6.45 -40.74
CA GLU C 75 -33.50 -5.90 -39.46
C GLU C 75 -32.31 -5.51 -38.54
N SER C 76 -31.07 -5.74 -38.96
CA SER C 76 -29.87 -5.51 -38.09
C SER C 76 -28.87 -4.36 -38.38
N THR C 77 -27.87 -4.23 -37.48
CA THR C 77 -26.93 -3.10 -37.39
C THR C 77 -25.48 -3.53 -37.11
N THR C 78 -24.54 -2.73 -37.58
CA THR C 78 -23.13 -2.98 -37.34
C THR C 78 -22.49 -1.64 -36.93
N VAL C 79 -21.67 -1.65 -35.89
CA VAL C 79 -20.90 -0.49 -35.50
C VAL C 79 -19.42 -0.81 -35.69
N PHE C 80 -18.65 0.19 -36.12
CA PHE C 80 -17.22 0.03 -36.45
C PHE C 80 -16.40 1.06 -35.66
N THR C 81 -15.28 0.65 -35.07
CA THR C 81 -14.38 1.61 -34.46
C THR C 81 -12.99 1.26 -34.89
N GLY C 82 -12.12 2.26 -34.89
CA GLY C 82 -10.71 2.05 -35.14
C GLY C 82 -9.96 3.35 -35.27
N GLN C 83 -8.77 3.24 -35.85
CA GLN C 83 -7.84 4.33 -35.88
C GLN C 83 -7.19 4.36 -37.25
N CYS C 84 -6.89 5.55 -37.73
CA CYS C 84 -6.26 5.72 -39.00
C CYS C 84 -4.74 5.91 -38.77
N PHE C 85 -3.92 5.18 -39.53
CA PHE C 85 -2.46 5.26 -39.36
C PHE C 85 -1.73 5.63 -40.67
N ILE C 86 -0.54 6.24 -40.58
CA ILE C 86 0.32 6.44 -41.75
C ILE C 86 1.69 5.78 -41.53
N ARG C 88 3.91 3.35 -42.20
CA ARG C 88 5.25 3.93 -42.34
C ARG C 88 5.72 3.85 -43.79
N ASN C 89 4.89 3.20 -44.61
CA ASN C 89 5.05 3.20 -46.07
C ASN C 89 4.70 4.59 -46.61
N GLY C 90 4.03 5.37 -45.76
CA GLY C 90 3.50 6.67 -46.12
C GLY C 90 2.03 6.57 -46.44
N LYS C 91 1.52 5.35 -46.63
CA LYS C 91 0.08 5.19 -46.90
C LYS C 91 -0.81 4.93 -45.67
N GLU C 92 -2.12 4.97 -45.90
CA GLU C 92 -3.14 5.08 -44.85
C GLU C 92 -3.98 3.83 -44.67
N VAL C 93 -3.85 3.22 -43.50
CA VAL C 93 -4.60 2.03 -43.13
C VAL C 93 -5.66 2.38 -42.04
N LEU C 94 -6.83 1.71 -42.04
CA LEU C 94 -7.85 1.88 -40.96
C LEU C 94 -8.05 0.59 -40.19
N LYS C 95 -7.37 0.46 -39.04
CA LYS C 95 -7.56 -0.71 -38.15
C LYS C 95 -8.86 -0.54 -37.37
N THR C 96 -9.80 -1.46 -37.61
CA THR C 96 -11.14 -1.34 -37.06
C THR C 96 -11.69 -2.65 -36.56
N MET C 97 -12.47 -2.55 -35.51
CA MET C 97 -13.22 -3.70 -35.06
C MET C 97 -14.68 -3.33 -35.08
N TRP C 98 -15.54 -4.34 -35.15
CA TRP C 98 -16.97 -4.07 -35.28
C TRP C 98 -17.92 -4.89 -34.39
N LEU C 99 -19.17 -4.47 -34.28
CA LEU C 99 -20.15 -5.38 -33.68
C LEU C 99 -21.39 -5.43 -34.54
N LEU C 100 -21.76 -6.65 -34.95
CA LEU C 100 -23.02 -6.92 -35.61
C LEU C 100 -24.11 -7.22 -34.60
N ARG C 101 -25.19 -6.47 -34.66
CA ARG C 101 -26.32 -6.74 -33.82
C ARG C 101 -27.40 -7.31 -34.69
N SER C 102 -27.78 -8.55 -34.37
CA SER C 102 -28.95 -9.20 -34.97
C SER C 102 -30.19 -8.93 -34.12
N SER C 103 -31.39 -9.11 -34.66
CA SER C 103 -32.55 -8.97 -33.79
C SER C 103 -33.18 -10.30 -33.44
N VAL C 104 -33.30 -10.49 -32.13
CA VAL C 104 -34.02 -11.59 -31.56
C VAL C 104 -35.44 -11.08 -31.25
N ASN C 105 -36.40 -12.00 -31.20
CA ASN C 105 -37.78 -11.67 -30.92
C ASN C 105 -38.03 -11.29 -29.46
N ASP C 106 -37.44 -12.04 -28.56
CA ASP C 106 -37.67 -11.87 -27.14
C ASP C 106 -36.40 -11.38 -26.43
N ILE C 107 -36.55 -10.61 -25.37
CA ILE C 107 -35.40 -10.20 -24.51
C ILE C 107 -34.59 -11.39 -23.98
N GLY C 108 -35.24 -12.54 -23.88
CA GLY C 108 -34.61 -13.78 -23.45
C GLY C 108 -33.50 -14.23 -24.36
N ASP C 109 -33.65 -14.04 -25.66
CA ASP C 109 -32.57 -14.40 -26.56
C ASP C 109 -31.45 -13.38 -26.69
N ASP C 110 -31.50 -12.32 -25.89
CA ASP C 110 -30.55 -11.23 -26.10
C ASP C 110 -29.09 -11.70 -26.17
N TRP C 111 -28.71 -12.59 -25.25
CA TRP C 111 -27.35 -13.15 -25.19
C TRP C 111 -26.76 -13.66 -26.53
N LYS C 112 -27.62 -13.91 -27.53
CA LYS C 112 -27.12 -14.49 -28.75
C LYS C 112 -27.08 -13.58 -29.92
N ALA C 113 -27.36 -12.31 -29.70
CA ALA C 113 -27.53 -11.35 -30.79
C ALA C 113 -26.27 -10.60 -31.29
N THR C 114 -25.37 -10.34 -30.36
CA THR C 114 -24.16 -9.60 -30.65
C THR C 114 -23.02 -10.52 -31.08
N ARG C 115 -22.23 -10.00 -32.02
CA ARG C 115 -21.31 -10.71 -32.90
C ARG C 115 -20.12 -9.77 -33.09
N VAL C 116 -18.90 -10.27 -33.16
CA VAL C 116 -17.77 -9.39 -33.24
C VAL C 116 -16.75 -9.86 -34.22
N GLY C 117 -15.93 -8.93 -34.68
CA GLY C 117 -14.82 -9.19 -35.59
C GLY C 117 -14.03 -7.92 -35.89
N TYR C 118 -13.08 -8.04 -36.79
CA TYR C 118 -12.16 -6.99 -37.11
C TYR C 118 -12.36 -6.69 -38.56
N ASN C 119 -11.70 -5.62 -39.02
CA ASN C 119 -11.59 -5.27 -40.45
C ASN C 119 -10.43 -4.34 -40.73
N ILE C 120 -9.86 -4.46 -41.93
CA ILE C 120 -8.71 -3.67 -42.37
C ILE C 120 -9.04 -2.97 -43.69
N PHE C 121 -9.20 -1.64 -43.63
CA PHE C 121 -9.66 -0.83 -44.77
C PHE C 121 -8.51 -0.04 -45.33
N THR C 122 -8.41 -0.01 -46.64
CA THR C 122 -7.50 0.91 -47.32
C THR C 122 -8.13 1.57 -48.57
N ARG C 123 -7.52 2.66 -49.00
CA ARG C 123 -8.06 3.48 -50.08
C ARG C 123 -7.88 2.82 -51.47
N LEU C 124 -8.73 3.22 -52.43
CA LEU C 124 -8.91 2.56 -53.72
C LEU C 124 -8.06 3.16 -54.86
N LYS D 6 -5.01 -33.43 -41.71
CA LYS D 6 -5.15 -33.42 -40.22
C LYS D 6 -5.40 -32.00 -39.75
N CYS D 7 -6.07 -31.86 -38.61
CA CYS D 7 -6.16 -30.56 -37.90
C CYS D 7 -6.14 -30.64 -36.38
N SER D 8 -5.16 -31.36 -35.85
CA SER D 8 -4.90 -31.44 -34.41
C SER D 8 -4.03 -30.27 -33.97
N LEU D 9 -4.21 -29.87 -32.70
CA LEU D 9 -3.49 -28.74 -32.14
C LEU D 9 -2.06 -29.06 -31.73
N THR D 10 -1.80 -30.32 -31.38
CA THR D 10 -0.48 -30.79 -30.97
C THR D 10 0.54 -30.24 -31.96
N GLY D 11 1.51 -29.47 -31.46
CA GLY D 11 2.52 -28.90 -32.33
C GLY D 11 2.98 -27.51 -31.97
N LYS D 12 3.72 -26.90 -32.89
CA LYS D 12 4.22 -25.54 -32.71
C LYS D 12 3.65 -24.58 -33.75
N TRP D 13 3.30 -23.39 -33.28
CA TRP D 13 2.54 -22.44 -34.07
C TRP D 13 3.05 -21.02 -33.85
N THR D 14 3.18 -20.28 -34.94
CA THR D 14 3.56 -18.87 -34.86
C THR D 14 2.29 -18.07 -35.17
N ASN D 15 2.34 -16.75 -35.06
CA ASN D 15 1.15 -15.96 -35.41
C ASN D 15 1.45 -14.63 -36.05
N ASP D 16 0.43 -14.04 -36.67
CA ASP D 16 0.53 -12.84 -37.49
C ASP D 16 1.15 -11.63 -36.77
N LEU D 17 1.71 -11.83 -35.59
CA LEU D 17 2.07 -10.73 -34.72
C LEU D 17 3.41 -11.00 -34.09
N GLY D 18 3.95 -12.16 -34.44
CA GLY D 18 5.27 -12.54 -33.98
C GLY D 18 5.26 -13.76 -33.08
N SER D 19 4.34 -13.79 -32.12
CA SER D 19 4.35 -14.79 -31.04
C SER D 19 4.34 -16.25 -31.47
N ASN D 20 4.96 -17.09 -30.65
CA ASN D 20 4.92 -18.55 -30.82
C ASN D 20 4.20 -19.34 -29.70
N MET D 21 3.89 -20.59 -30.01
CA MET D 21 3.29 -21.50 -29.05
C MET D 21 3.52 -22.96 -29.39
N THR D 22 3.69 -23.72 -28.31
CA THR D 22 3.81 -25.15 -28.33
C THR D 22 2.60 -25.79 -27.61
N ILE D 23 1.97 -26.78 -28.26
CA ILE D 23 0.84 -27.51 -27.67
C ILE D 23 1.20 -28.98 -27.60
N GLY D 24 0.83 -29.61 -26.48
CA GLY D 24 1.13 -31.01 -26.21
C GLY D 24 0.16 -32.01 -26.82
N ALA D 25 0.03 -33.17 -26.20
CA ALA D 25 -0.82 -34.24 -26.70
C ALA D 25 -2.26 -33.87 -26.46
N VAL D 26 -3.07 -33.97 -27.51
CA VAL D 26 -4.53 -33.83 -27.36
C VAL D 26 -5.21 -35.19 -26.99
N ASN D 27 -5.57 -35.32 -25.71
CA ASN D 27 -6.16 -36.56 -25.16
C ASN D 27 -7.57 -36.87 -25.69
N SER D 28 -8.17 -37.94 -25.16
CA SER D 28 -9.48 -38.37 -25.60
C SER D 28 -10.53 -37.31 -25.27
N ARG D 29 -10.55 -36.87 -24.00
CA ARG D 29 -11.51 -35.86 -23.52
C ARG D 29 -11.31 -34.54 -24.25
N GLY D 30 -10.35 -34.51 -25.19
CA GLY D 30 -10.11 -33.38 -26.10
C GLY D 30 -9.07 -32.37 -25.62
N GLU D 31 -8.81 -32.39 -24.33
CA GLU D 31 -7.85 -31.52 -23.65
C GLU D 31 -6.42 -31.46 -24.25
N PHE D 32 -5.67 -30.45 -23.85
CA PHE D 32 -4.28 -30.25 -24.28
C PHE D 32 -3.65 -29.23 -23.36
N THR D 33 -2.32 -29.27 -23.34
CA THR D 33 -1.52 -28.50 -22.45
C THR D 33 -0.52 -27.85 -23.39
N GLY D 34 0.14 -26.80 -22.95
CA GLY D 34 1.12 -26.16 -23.83
C GLY D 34 1.72 -24.88 -23.29
N THR D 35 2.67 -24.33 -24.02
CA THR D 35 3.28 -23.07 -23.59
C THR D 35 3.20 -22.07 -24.73
N TYR D 36 3.45 -20.80 -24.39
CA TYR D 36 3.19 -19.71 -25.32
C TYR D 36 4.17 -18.58 -25.00
N ILE D 37 5.07 -18.23 -25.93
CA ILE D 37 5.73 -16.93 -25.79
C ILE D 37 5.03 -15.95 -26.65
N THR D 38 4.56 -14.90 -25.99
CA THR D 38 3.96 -13.78 -26.66
C THR D 38 5.07 -12.92 -27.22
N ALA D 39 4.86 -12.40 -28.41
CA ALA D 39 5.78 -11.43 -29.01
C ALA D 39 5.49 -10.02 -28.52
N VAL D 40 4.44 -9.83 -27.74
CA VAL D 40 4.04 -8.48 -27.40
C VAL D 40 3.17 -8.48 -26.14
N ALA D 41 3.26 -7.41 -25.34
CA ALA D 41 2.43 -7.22 -24.14
C ALA D 41 2.52 -5.78 -23.64
N ASP D 42 2.00 -5.54 -22.45
CA ASP D 42 1.99 -4.22 -21.84
C ASP D 42 3.39 -3.81 -21.34
N ASN D 43 4.10 -4.73 -20.66
CA ASN D 43 5.48 -4.53 -20.20
C ASN D 43 6.35 -5.57 -20.88
N PRO D 44 6.83 -5.28 -22.11
CA PRO D 44 7.41 -6.41 -22.85
C PRO D 44 8.76 -6.84 -22.30
N GLY D 45 9.23 -6.19 -21.24
CA GLY D 45 10.50 -6.55 -20.60
C GLY D 45 10.36 -7.81 -19.77
N ASN D 46 9.12 -8.11 -19.43
CA ASN D 46 8.75 -9.17 -18.50
C ASN D 46 8.31 -10.44 -19.21
N ILE D 47 7.89 -10.31 -20.47
CA ILE D 47 7.50 -11.46 -21.25
C ILE D 47 8.41 -12.65 -21.01
N THR D 48 7.82 -13.70 -20.44
CA THR D 48 8.43 -15.02 -20.39
C THR D 48 7.48 -16.05 -21.01
N LEU D 49 7.95 -17.29 -21.11
CA LEU D 49 7.10 -18.44 -21.40
C LEU D 49 6.02 -18.50 -20.36
N SER D 50 4.78 -18.70 -20.80
CA SER D 50 3.64 -18.81 -19.89
C SER D 50 2.83 -20.07 -20.25
N PRO D 51 2.14 -20.65 -19.25
CA PRO D 51 1.40 -21.89 -19.51
C PRO D 51 0.10 -21.68 -20.28
N LEU D 52 -0.42 -22.81 -20.78
CA LEU D 52 -1.61 -22.83 -21.63
C LEU D 52 -2.39 -24.13 -21.38
N LEU D 53 -3.72 -24.04 -21.40
CA LEU D 53 -4.59 -25.18 -21.12
C LEU D 53 -5.88 -25.05 -21.90
N GLY D 54 -6.23 -26.05 -22.71
CA GLY D 54 -7.44 -25.93 -23.49
C GLY D 54 -8.12 -27.22 -23.82
N ILE D 55 -9.24 -27.10 -24.54
CA ILE D 55 -10.08 -28.22 -24.99
C ILE D 55 -10.41 -27.95 -26.44
N GLN D 56 -10.26 -28.97 -27.29
CA GLN D 56 -10.63 -28.83 -28.68
C GLN D 56 -11.48 -30.01 -29.09
N HIS D 57 -12.52 -29.76 -29.89
CA HIS D 57 -13.41 -30.82 -30.41
C HIS D 57 -12.56 -31.83 -31.17
N LYS D 58 -12.65 -33.10 -30.83
CA LYS D 58 -11.81 -34.12 -31.46
C LYS D 58 -12.28 -34.59 -32.87
N ARG D 59 -13.42 -35.27 -32.95
CA ARG D 59 -13.77 -35.96 -34.21
C ARG D 59 -13.85 -35.05 -35.46
N ALA D 60 -14.60 -33.95 -35.38
CA ALA D 60 -14.77 -33.00 -36.51
C ALA D 60 -13.44 -32.70 -37.27
N SER D 61 -13.51 -32.60 -38.60
CA SER D 61 -12.30 -32.48 -39.44
C SER D 61 -11.60 -31.12 -39.32
N GLN D 62 -12.41 -30.06 -39.18
CA GLN D 62 -11.92 -28.69 -38.83
C GLN D 62 -12.47 -28.11 -37.48
N PRO D 63 -11.91 -28.55 -36.32
CA PRO D 63 -12.54 -28.31 -35.02
C PRO D 63 -12.57 -26.89 -34.48
N THR D 64 -13.58 -26.62 -33.67
CA THR D 64 -13.61 -25.46 -32.80
C THR D 64 -12.72 -25.82 -31.60
N PHE D 65 -12.29 -24.81 -30.84
CA PHE D 65 -11.42 -24.99 -29.66
C PHE D 65 -11.31 -23.68 -28.88
N GLY D 66 -10.69 -23.77 -27.70
CA GLY D 66 -10.53 -22.64 -26.82
C GLY D 66 -9.44 -23.02 -25.86
N PHE D 67 -8.68 -22.05 -25.40
CA PHE D 67 -7.69 -22.28 -24.36
C PHE D 67 -7.38 -21.00 -23.65
N THR D 68 -6.80 -21.13 -22.48
CA THR D 68 -6.65 -20.04 -21.56
C THR D 68 -5.19 -19.83 -21.45
N VAL D 69 -4.76 -18.60 -21.58
CA VAL D 69 -3.35 -18.36 -21.37
C VAL D 69 -3.17 -17.64 -20.03
N ASN D 70 -2.54 -18.34 -19.09
CA ASN D 70 -2.27 -17.81 -17.74
C ASN D 70 -0.95 -17.09 -17.74
N TRP D 71 -1.03 -15.76 -17.66
CA TRP D 71 0.16 -14.93 -17.88
C TRP D 71 1.07 -14.92 -16.69
N LYS D 72 2.26 -15.48 -16.89
CA LYS D 72 3.18 -15.71 -15.80
C LYS D 72 3.77 -14.38 -15.29
N PHE D 73 4.00 -13.43 -16.19
CA PHE D 73 4.62 -12.15 -15.82
C PHE D 73 3.65 -11.06 -15.32
N SER D 74 2.47 -10.95 -15.90
CA SER D 74 1.47 -10.02 -15.37
C SER D 74 0.47 -10.75 -14.49
N GLU D 75 -0.57 -10.03 -14.08
CA GLU D 75 -1.63 -10.65 -13.28
C GLU D 75 -2.89 -10.83 -14.16
N SER D 76 -2.63 -10.95 -15.47
CA SER D 76 -3.64 -10.93 -16.50
C SER D 76 -3.92 -12.31 -17.10
N THR D 77 -5.08 -12.47 -17.76
CA THR D 77 -5.42 -13.72 -18.46
C THR D 77 -5.98 -13.47 -19.85
N THR D 78 -5.53 -14.27 -20.81
CA THR D 78 -6.16 -14.23 -22.13
C THR D 78 -6.78 -15.58 -22.45
N VAL D 79 -7.97 -15.50 -23.06
CA VAL D 79 -8.63 -16.64 -23.70
C VAL D 79 -8.69 -16.42 -25.20
N PHE D 80 -8.34 -17.46 -25.96
CA PHE D 80 -8.49 -17.49 -27.42
C PHE D 80 -9.53 -18.53 -27.80
N THR D 81 -10.41 -18.20 -28.76
CA THR D 81 -11.25 -19.21 -29.47
C THR D 81 -11.18 -19.09 -30.97
N GLY D 82 -11.39 -20.21 -31.64
CA GLY D 82 -11.47 -20.22 -33.08
C GLY D 82 -11.50 -21.59 -33.68
N GLN D 83 -11.04 -21.69 -34.92
CA GLN D 83 -11.16 -22.92 -35.65
C GLN D 83 -9.91 -23.25 -36.42
N CYS D 84 -9.70 -24.54 -36.62
CA CYS D 84 -8.69 -25.04 -37.52
C CYS D 84 -9.34 -25.27 -38.87
N PHE D 85 -8.87 -24.55 -39.88
CA PHE D 85 -9.34 -24.76 -41.24
C PHE D 85 -8.30 -25.43 -42.11
N ILE D 86 -8.73 -25.77 -43.33
CA ILE D 86 -7.86 -26.26 -44.39
C ILE D 86 -7.75 -25.14 -45.41
N ASP D 87 -6.64 -24.40 -45.39
CA ASP D 87 -6.37 -23.45 -46.46
C ASP D 87 -6.08 -24.31 -47.67
N ARG D 88 -6.61 -23.90 -48.82
CA ARG D 88 -6.61 -24.76 -50.04
C ARG D 88 -5.28 -25.49 -50.35
N ASN D 89 -4.15 -24.82 -50.12
CA ASN D 89 -2.81 -25.43 -50.28
C ASN D 89 -2.59 -26.74 -49.49
N GLY D 90 -3.60 -27.13 -48.71
CA GLY D 90 -3.48 -28.29 -47.82
C GLY D 90 -2.99 -27.94 -46.42
N LYS D 91 -2.65 -26.67 -46.18
CA LYS D 91 -2.01 -26.28 -44.92
C LYS D 91 -3.01 -25.77 -43.88
N GLU D 92 -2.77 -26.12 -42.62
CA GLU D 92 -3.69 -25.72 -41.56
C GLU D 92 -3.37 -24.32 -41.02
N VAL D 93 -4.27 -23.38 -41.28
CA VAL D 93 -4.30 -22.10 -40.54
C VAL D 93 -5.37 -22.11 -39.43
N LEU D 94 -5.04 -21.45 -38.31
CA LEU D 94 -5.97 -21.20 -37.20
C LEU D 94 -6.54 -19.79 -37.24
N LYS D 95 -7.87 -19.67 -37.06
CA LYS D 95 -8.52 -18.38 -36.93
C LYS D 95 -9.07 -18.22 -35.52
N THR D 96 -8.57 -17.22 -34.81
CA THR D 96 -9.04 -16.97 -33.45
C THR D 96 -9.47 -15.55 -33.23
N MET D 97 -10.16 -15.38 -32.12
CA MET D 97 -10.37 -14.08 -31.55
C MET D 97 -10.03 -14.29 -30.09
N TRP D 98 -9.77 -13.20 -29.36
CA TRP D 98 -9.39 -13.36 -27.94
C TRP D 98 -9.93 -12.30 -27.03
N LEU D 99 -9.93 -12.62 -25.74
CA LEU D 99 -10.13 -11.61 -24.71
C LEU D 99 -8.86 -11.54 -23.85
N LEU D 100 -8.48 -10.32 -23.46
CA LEU D 100 -7.44 -10.14 -22.48
C LEU D 100 -8.03 -9.44 -21.26
N ARG D 101 -7.97 -10.12 -20.14
CA ARG D 101 -8.52 -9.62 -18.91
C ARG D 101 -7.39 -9.06 -18.04
N SER D 102 -7.47 -7.78 -17.73
CA SER D 102 -6.64 -7.13 -16.71
C SER D 102 -7.30 -7.27 -15.37
N SER D 103 -6.48 -7.13 -14.33
CA SER D 103 -6.94 -7.06 -12.97
C SER D 103 -7.35 -5.65 -12.57
N VAL D 104 -8.42 -5.52 -11.81
CA VAL D 104 -8.71 -4.21 -11.23
C VAL D 104 -8.90 -4.34 -9.72
N ASN D 105 -8.75 -3.24 -9.00
CA ASN D 105 -8.80 -3.29 -7.53
C ASN D 105 -10.22 -3.30 -6.94
N ASP D 106 -11.16 -2.66 -7.65
CA ASP D 106 -12.53 -2.52 -7.19
C ASP D 106 -13.47 -3.06 -8.24
N ILE D 107 -14.58 -3.65 -7.79
CA ILE D 107 -15.58 -4.20 -8.71
C ILE D 107 -16.23 -3.13 -9.62
N GLY D 108 -16.27 -1.89 -9.15
CA GLY D 108 -16.79 -0.75 -9.91
C GLY D 108 -16.02 -0.42 -11.18
N ASP D 109 -14.77 -0.88 -11.25
CA ASP D 109 -13.92 -0.66 -12.41
C ASP D 109 -14.02 -1.82 -13.41
N ASP D 110 -14.93 -2.76 -13.17
CA ASP D 110 -14.97 -3.98 -13.96
C ASP D 110 -14.95 -3.68 -15.46
N TRP D 111 -15.76 -2.68 -15.83
CA TRP D 111 -16.04 -2.34 -17.18
C TRP D 111 -14.82 -2.04 -18.01
N LYS D 112 -13.66 -1.78 -17.39
CA LYS D 112 -12.50 -1.40 -18.25
C LYS D 112 -11.42 -2.46 -18.53
N ALA D 113 -11.70 -3.73 -18.24
CA ALA D 113 -10.67 -4.76 -18.09
C ALA D 113 -10.66 -5.92 -19.08
N THR D 114 -11.42 -5.76 -20.16
CA THR D 114 -11.59 -6.83 -21.10
C THR D 114 -11.28 -6.25 -22.45
N ARG D 115 -10.09 -6.54 -22.95
CA ARG D 115 -9.72 -6.16 -24.33
C ARG D 115 -10.11 -7.28 -25.28
N VAL D 116 -10.49 -6.88 -26.49
CA VAL D 116 -10.87 -7.80 -27.54
C VAL D 116 -9.91 -7.65 -28.71
N GLY D 117 -9.70 -8.74 -29.43
CA GLY D 117 -8.84 -8.74 -30.60
C GLY D 117 -8.80 -10.13 -31.15
N TYR D 118 -7.81 -10.39 -32.00
CA TYR D 118 -7.82 -11.60 -32.78
C TYR D 118 -6.42 -11.87 -33.25
N ASN D 119 -6.25 -13.01 -33.91
CA ASN D 119 -4.94 -13.42 -34.43
C ASN D 119 -5.15 -14.47 -35.47
N ILE D 120 -4.04 -14.82 -36.12
CA ILE D 120 -3.94 -15.88 -37.10
C ILE D 120 -2.67 -16.68 -36.78
N PHE D 121 -2.84 -17.93 -36.37
CA PHE D 121 -1.70 -18.81 -36.18
C PHE D 121 -1.37 -19.70 -37.40
N THR D 122 -0.10 -20.05 -37.53
CA THR D 122 0.40 -20.92 -38.61
C THR D 122 1.20 -22.04 -37.98
N ARG D 123 1.30 -23.19 -38.66
CA ARG D 123 2.20 -24.25 -38.19
C ARG D 123 3.65 -23.74 -38.15
N LEU D 124 4.41 -24.20 -37.17
CA LEU D 124 5.82 -23.90 -37.12
C LEU D 124 6.66 -25.16 -37.31
N CYS E 7 -12.46 -24.76 29.69
CA CYS E 7 -11.31 -23.81 29.72
C CYS E 7 -11.65 -22.50 30.47
N SER E 8 -11.34 -22.49 31.76
CA SER E 8 -11.74 -21.43 32.69
C SER E 8 -10.52 -20.71 33.26
N LEU E 9 -10.53 -19.38 33.10
CA LEU E 9 -9.40 -18.49 33.44
C LEU E 9 -9.22 -18.33 34.95
N THR E 10 -10.34 -18.44 35.68
CA THR E 10 -10.31 -18.41 37.13
C THR E 10 -9.30 -19.45 37.57
N GLY E 11 -8.26 -18.99 38.26
CA GLY E 11 -7.24 -19.89 38.78
C GLY E 11 -5.88 -19.25 38.86
N LYS E 12 -4.87 -20.10 39.05
CA LYS E 12 -3.48 -19.66 39.15
C LYS E 12 -2.70 -20.13 37.92
N TRP E 13 -1.70 -19.35 37.54
CA TRP E 13 -0.96 -19.60 36.32
C TRP E 13 0.45 -19.09 36.48
N THR E 14 1.43 -19.89 36.08
CA THR E 14 2.81 -19.43 35.88
C THR E 14 3.08 -19.28 34.37
N ASN E 15 4.17 -18.62 34.00
CA ASN E 15 4.56 -18.56 32.58
C ASN E 15 6.05 -18.68 32.33
N ASP E 16 6.43 -18.65 31.05
CA ASP E 16 7.79 -19.00 30.56
C ASP E 16 8.91 -18.02 30.92
N LEU E 17 8.52 -16.95 31.61
CA LEU E 17 9.49 -15.98 32.13
C LEU E 17 9.52 -16.11 33.64
N GLY E 18 8.57 -16.88 34.16
CA GLY E 18 8.48 -17.18 35.58
C GLY E 18 7.34 -16.47 36.30
N SER E 19 6.84 -15.40 35.71
CA SER E 19 5.80 -14.61 36.33
C SER E 19 4.56 -15.41 36.75
N ASN E 20 3.75 -14.84 37.64
CA ASN E 20 2.53 -15.50 38.08
C ASN E 20 1.38 -14.56 38.20
N MET E 21 0.19 -15.13 38.22
CA MET E 21 -1.06 -14.39 38.34
C MET E 21 -2.22 -15.25 38.76
N THR E 22 -3.25 -14.59 39.26
CA THR E 22 -4.39 -15.23 39.85
C THR E 22 -5.63 -14.45 39.50
N ILE E 23 -6.52 -15.11 38.76
CA ILE E 23 -7.81 -14.57 38.38
C ILE E 23 -8.89 -15.10 39.32
N GLY E 24 -9.78 -14.22 39.76
CA GLY E 24 -10.95 -14.64 40.51
C GLY E 24 -12.02 -15.24 39.62
N ALA E 25 -13.21 -15.44 40.21
CA ALA E 25 -14.38 -15.87 39.46
C ALA E 25 -14.55 -15.10 38.14
N VAL E 26 -14.62 -15.85 37.03
CA VAL E 26 -14.93 -15.28 35.72
C VAL E 26 -16.45 -15.18 35.57
N ASN E 27 -16.99 -13.99 35.87
CA ASN E 27 -18.45 -13.78 36.09
C ASN E 27 -19.36 -14.11 34.91
N SER E 28 -20.67 -13.98 35.13
CA SER E 28 -21.68 -14.34 34.13
C SER E 28 -21.38 -13.66 32.79
N ARG E 29 -21.09 -12.35 32.86
CA ARG E 29 -20.78 -11.55 31.69
C ARG E 29 -19.30 -11.57 31.36
N GLY E 30 -18.60 -12.64 31.76
CA GLY E 30 -17.20 -12.88 31.34
C GLY E 30 -16.11 -11.95 31.86
N GLU E 31 -16.51 -10.99 32.70
CA GLU E 31 -15.58 -10.06 33.33
C GLU E 31 -14.89 -10.78 34.48
N PHE E 32 -13.55 -10.74 34.47
CA PHE E 32 -12.74 -11.38 35.51
C PHE E 32 -11.84 -10.36 36.24
N THR E 33 -11.10 -10.85 37.22
CA THR E 33 -10.34 -9.97 38.11
C THR E 33 -9.08 -10.70 38.51
N GLY E 34 -8.12 -9.98 39.06
CA GLY E 34 -6.93 -10.67 39.52
C GLY E 34 -5.70 -9.85 39.86
N THR E 35 -4.62 -10.55 40.16
CA THR E 35 -3.39 -9.89 40.52
C THR E 35 -2.30 -10.59 39.77
N TYR E 36 -1.18 -9.90 39.61
CA TYR E 36 -0.10 -10.28 38.70
C TYR E 36 1.22 -9.89 39.31
N ILE E 37 2.11 -10.85 39.54
CA ILE E 37 3.51 -10.48 39.82
C ILE E 37 4.47 -10.91 38.74
N THR E 38 4.89 -9.93 37.96
CA THR E 38 5.85 -10.14 36.89
C THR E 38 7.17 -10.64 37.48
N ALA E 39 7.85 -11.50 36.74
CA ALA E 39 9.17 -11.98 37.12
C ALA E 39 10.23 -11.00 36.63
N VAL E 40 9.83 -10.05 35.82
CA VAL E 40 10.82 -9.26 35.14
C VAL E 40 10.29 -7.87 34.84
N ALA E 41 11.18 -6.91 34.66
CA ALA E 41 10.80 -5.50 34.54
C ALA E 41 11.94 -4.64 33.95
N ASP E 42 11.63 -3.38 33.61
CA ASP E 42 12.66 -2.38 33.33
C ASP E 42 13.42 -2.09 34.63
N ASN E 43 12.69 -2.00 35.75
CA ASN E 43 13.32 -1.82 37.05
C ASN E 43 12.89 -2.90 38.03
N PRO E 44 13.52 -4.10 37.93
CA PRO E 44 13.15 -5.28 38.73
C PRO E 44 13.15 -5.06 40.26
N GLY E 45 13.97 -4.14 40.74
CA GLY E 45 13.97 -3.78 42.15
C GLY E 45 12.65 -3.22 42.66
N ASN E 46 11.82 -2.69 41.76
CA ASN E 46 10.63 -1.98 42.15
C ASN E 46 9.37 -2.84 42.18
N ILE E 47 9.44 -3.99 41.50
CA ILE E 47 8.33 -4.92 41.22
C ILE E 47 7.44 -5.13 42.42
N THR E 48 6.15 -5.00 42.19
CA THR E 48 5.18 -5.34 43.21
C THR E 48 3.92 -5.88 42.57
N LEU E 49 3.22 -6.70 43.34
CA LEU E 49 1.86 -7.21 43.08
C LEU E 49 1.07 -6.10 42.44
N SER E 50 0.66 -6.33 41.20
CA SER E 50 -0.12 -5.36 40.46
C SER E 50 -1.44 -6.01 40.09
N PRO E 51 -2.52 -5.21 40.03
CA PRO E 51 -3.84 -5.74 39.75
C PRO E 51 -4.11 -5.90 38.25
N LEU E 52 -5.11 -6.73 37.94
CA LEU E 52 -5.48 -7.17 36.58
C LEU E 52 -7.02 -7.16 36.47
N LEU E 53 -7.53 -6.79 35.29
CA LEU E 53 -8.95 -6.56 35.06
C LEU E 53 -9.26 -6.76 33.55
N GLY E 54 -10.19 -7.67 33.24
CA GLY E 54 -10.41 -8.05 31.84
C GLY E 54 -11.69 -8.81 31.46
N ILE E 55 -11.72 -9.31 30.23
CA ILE E 55 -12.89 -9.99 29.67
C ILE E 55 -12.51 -11.18 28.77
N GLN E 56 -13.27 -12.27 28.90
CA GLN E 56 -13.17 -13.44 28.02
C GLN E 56 -14.56 -13.77 27.48
N HIS E 57 -14.62 -14.42 26.32
CA HIS E 57 -15.90 -14.90 25.86
C HIS E 57 -16.26 -16.13 26.70
N LYS E 58 -17.32 -16.00 27.50
CA LYS E 58 -17.88 -17.12 28.29
C LYS E 58 -18.36 -18.25 27.40
N ARG E 59 -19.26 -17.93 26.49
CA ARG E 59 -19.83 -18.92 25.54
C ARG E 59 -18.84 -19.99 25.06
N ALA E 60 -17.68 -19.54 24.60
CA ALA E 60 -16.71 -20.42 23.94
C ALA E 60 -16.05 -21.53 24.83
N SER E 61 -15.79 -22.67 24.19
CA SER E 61 -15.02 -23.81 24.74
C SER E 61 -13.52 -23.47 24.89
N GLN E 62 -13.00 -22.74 23.91
CA GLN E 62 -11.63 -22.27 23.87
C GLN E 62 -11.63 -20.73 23.77
N PRO E 63 -11.97 -20.03 24.89
CA PRO E 63 -12.17 -18.58 24.89
C PRO E 63 -10.99 -17.73 24.41
N THR E 64 -11.33 -16.76 23.57
CA THR E 64 -10.51 -15.58 23.35
C THR E 64 -10.70 -14.72 24.58
N PHE E 65 -9.64 -14.07 25.04
CA PHE E 65 -9.74 -13.12 26.16
C PHE E 65 -8.71 -12.00 26.04
N GLY E 66 -8.80 -11.05 26.96
CA GLY E 66 -7.80 -10.03 27.11
C GLY E 66 -7.98 -9.35 28.44
N PHE E 67 -6.87 -8.98 29.07
CA PHE E 67 -6.93 -8.15 30.26
C PHE E 67 -5.93 -7.03 30.21
N THR E 68 -6.08 -6.11 31.15
CA THR E 68 -5.24 -4.95 31.33
C THR E 68 -4.50 -5.08 32.65
N VAL E 69 -3.18 -4.90 32.65
CA VAL E 69 -2.44 -4.95 33.92
C VAL E 69 -1.93 -3.57 34.27
N ASN E 70 -2.25 -3.09 35.47
CA ASN E 70 -1.88 -1.74 35.94
C ASN E 70 -0.66 -1.77 36.87
N TRP E 71 0.52 -1.55 36.28
CA TRP E 71 1.76 -1.71 37.02
C TRP E 71 1.82 -0.75 38.19
N LYS E 72 1.78 -1.30 39.40
CA LYS E 72 1.81 -0.50 40.64
C LYS E 72 3.18 0.17 40.92
N PHE E 73 4.22 -0.13 40.13
CA PHE E 73 5.58 0.31 40.42
C PHE E 73 6.22 1.09 39.28
N SER E 74 5.38 1.53 38.35
CA SER E 74 5.82 2.28 37.18
C SER E 74 4.61 3.04 36.66
N GLU E 75 4.78 3.76 35.56
CA GLU E 75 3.67 4.51 34.99
C GLU E 75 3.11 3.89 33.70
N SER E 76 3.36 2.59 33.53
CA SER E 76 3.08 1.92 32.25
C SER E 76 1.98 0.91 32.45
N THR E 77 1.36 0.49 31.34
CA THR E 77 0.39 -0.59 31.32
C THR E 77 0.86 -1.66 30.33
N THR E 78 0.67 -2.92 30.69
CA THR E 78 0.72 -4.00 29.71
C THR E 78 -0.68 -4.54 29.53
N VAL E 79 -1.09 -4.68 28.28
CA VAL E 79 -2.31 -5.41 27.93
C VAL E 79 -2.00 -6.66 27.09
N PHE E 80 -2.69 -7.74 27.43
CA PHE E 80 -2.49 -9.07 26.88
C PHE E 80 -3.74 -9.49 26.12
N THR E 81 -3.60 -10.18 25.00
CA THR E 81 -4.73 -10.93 24.44
C THR E 81 -4.31 -12.32 24.09
N GLY E 82 -5.23 -13.26 24.17
CA GLY E 82 -4.87 -14.63 23.87
C GLY E 82 -6.06 -15.54 23.81
N GLN E 83 -5.78 -16.83 23.78
CA GLN E 83 -6.84 -17.79 23.77
C GLN E 83 -6.50 -18.91 24.69
N CYS E 84 -7.54 -19.47 25.28
CA CYS E 84 -7.48 -20.63 26.16
C CYS E 84 -7.55 -21.87 25.29
N PHE E 85 -6.63 -22.81 25.48
CA PHE E 85 -6.56 -24.02 24.65
C PHE E 85 -6.51 -25.30 25.50
N ILE E 86 -7.02 -26.40 24.93
CA ILE E 86 -6.82 -27.78 25.44
C ILE E 86 -6.01 -28.64 24.44
N ASN E 89 -4.06 -33.58 26.79
CA ASN E 89 -4.76 -34.59 27.60
C ASN E 89 -5.69 -33.99 28.64
N GLY E 90 -6.16 -32.77 28.38
CA GLY E 90 -6.93 -32.00 29.37
C GLY E 90 -6.13 -30.86 30.00
N LYS E 91 -4.87 -30.73 29.59
CA LYS E 91 -4.02 -29.67 30.13
C LYS E 91 -4.18 -28.37 29.33
N GLU E 92 -4.47 -27.29 30.08
CA GLU E 92 -4.74 -25.96 29.54
C GLU E 92 -3.47 -25.12 29.36
N VAL E 93 -3.42 -24.44 28.21
CA VAL E 93 -2.36 -23.50 27.93
C VAL E 93 -3.03 -22.23 27.39
N LEU E 94 -2.61 -21.06 27.90
CA LEU E 94 -3.01 -19.79 27.27
C LEU E 94 -1.85 -19.32 26.37
N LYS E 95 -2.17 -19.00 25.10
CA LYS E 95 -1.20 -18.46 24.14
C LYS E 95 -1.46 -16.97 23.94
N THR E 96 -0.54 -16.11 24.40
CA THR E 96 -0.81 -14.66 24.40
C THR E 96 0.23 -13.79 23.72
N MET E 97 -0.19 -12.56 23.47
CA MET E 97 0.67 -11.54 22.97
C MET E 97 0.44 -10.30 23.85
N TRP E 98 1.32 -9.32 23.77
CA TRP E 98 1.06 -8.14 24.55
C TRP E 98 1.71 -6.87 24.05
N LEU E 99 1.24 -5.78 24.62
CA LEU E 99 1.79 -4.50 24.31
C LEU E 99 2.10 -3.85 25.62
N LEU E 100 3.23 -3.16 25.68
CA LEU E 100 3.60 -2.43 26.87
C LEU E 100 3.61 -0.95 26.55
N ARG E 101 2.81 -0.18 27.28
CA ARG E 101 2.80 1.25 27.03
C ARG E 101 3.59 1.97 28.09
N SER E 102 4.47 2.86 27.66
CA SER E 102 5.18 3.73 28.59
C SER E 102 4.70 5.15 28.63
N SER E 103 4.85 5.77 29.79
CA SER E 103 4.54 7.16 29.95
C SER E 103 5.62 7.91 29.24
N VAL E 104 5.22 8.89 28.46
CA VAL E 104 6.18 9.88 27.99
C VAL E 104 5.60 11.25 28.23
N ASN E 105 6.49 12.20 28.43
CA ASN E 105 6.07 13.58 28.68
C ASN E 105 5.64 14.31 27.43
N ASP E 106 6.51 14.31 26.42
CA ASP E 106 6.15 14.91 25.12
C ASP E 106 4.96 14.16 24.53
N ILE E 107 4.38 14.65 23.45
CA ILE E 107 3.49 13.80 22.68
C ILE E 107 4.28 13.32 21.49
N GLY E 108 5.31 14.07 21.11
CA GLY E 108 6.20 13.70 20.02
C GLY E 108 7.11 12.59 20.46
N ASP E 109 6.96 12.14 21.69
CA ASP E 109 7.71 11.00 22.14
C ASP E 109 6.80 9.74 22.23
N ASP E 110 5.75 9.72 21.42
CA ASP E 110 4.79 8.63 21.42
C ASP E 110 5.17 7.45 20.49
N TRP E 111 6.00 7.74 19.48
CA TRP E 111 6.37 6.72 18.51
C TRP E 111 7.09 5.59 19.21
N LYS E 112 7.88 5.98 20.22
CA LYS E 112 8.81 5.08 20.91
C LYS E 112 8.25 4.50 22.18
N ALA E 113 6.94 4.50 22.35
CA ALA E 113 6.49 4.17 23.67
C ALA E 113 5.67 2.91 23.75
N THR E 114 5.71 2.08 22.72
CA THR E 114 4.92 0.86 22.83
C THR E 114 5.80 -0.29 22.47
N ARG E 115 5.90 -1.27 23.37
CA ARG E 115 6.70 -2.46 23.14
C ARG E 115 5.72 -3.59 22.99
N VAL E 116 6.12 -4.63 22.24
CA VAL E 116 5.32 -5.82 21.97
C VAL E 116 6.05 -7.14 22.32
N GLY E 117 5.29 -8.15 22.70
CA GLY E 117 5.84 -9.48 22.94
C GLY E 117 4.79 -10.54 23.21
N TYR E 118 5.22 -11.63 23.80
CA TYR E 118 4.40 -12.82 23.86
C TYR E 118 4.56 -13.59 25.15
N ASN E 119 3.56 -14.39 25.47
CA ASN E 119 3.59 -15.24 26.66
C ASN E 119 2.66 -16.41 26.65
N ILE E 120 3.22 -17.52 27.15
CA ILE E 120 2.60 -18.85 27.24
C ILE E 120 2.42 -19.20 28.73
N PHE E 121 1.18 -19.51 29.09
CA PHE E 121 0.81 -19.73 30.49
C PHE E 121 0.34 -21.18 30.67
N THR E 122 0.81 -21.82 31.74
CA THR E 122 0.35 -23.13 32.16
C THR E 122 -0.32 -22.84 33.46
N ARG E 123 -1.13 -23.77 33.98
CA ARG E 123 -1.69 -23.64 35.32
C ARG E 123 -0.58 -23.83 36.35
N LEU E 124 -0.83 -23.34 37.57
CA LEU E 124 0.23 -23.21 38.57
C LEU E 124 0.43 -24.46 39.45
N LYS F 6 31.04 -13.63 16.69
CA LYS F 6 30.96 -14.54 15.50
C LYS F 6 29.56 -15.18 15.24
N CYS F 7 28.49 -14.47 15.64
CA CYS F 7 27.10 -14.82 15.28
C CYS F 7 26.75 -14.46 13.85
N SER F 8 27.18 -15.29 12.91
CA SER F 8 26.79 -15.17 11.51
C SER F 8 25.39 -15.76 11.32
N LEU F 9 24.65 -15.25 10.35
CA LEU F 9 23.37 -15.84 10.06
C LEU F 9 23.49 -16.88 8.95
N THR F 10 24.64 -16.89 8.28
CA THR F 10 24.96 -17.92 7.30
C THR F 10 24.55 -19.33 7.79
N GLY F 11 23.94 -20.11 6.90
CA GLY F 11 23.46 -21.47 7.22
C GLY F 11 21.94 -21.65 7.30
N LYS F 12 21.55 -22.80 7.84
CA LYS F 12 20.14 -23.19 7.90
C LYS F 12 19.61 -23.07 9.32
N TRP F 13 18.37 -22.61 9.40
CA TRP F 13 17.69 -22.42 10.67
C TRP F 13 16.26 -23.01 10.63
N THR F 14 15.75 -23.42 11.79
CA THR F 14 14.41 -23.99 11.91
C THR F 14 13.75 -23.34 13.10
N ASN F 15 12.44 -23.46 13.22
CA ASN F 15 11.74 -22.85 14.34
C ASN F 15 10.59 -23.66 14.99
N ASP F 16 10.15 -23.17 16.16
CA ASP F 16 9.02 -23.70 16.98
C ASP F 16 7.90 -24.29 16.15
N LEU F 17 7.74 -23.72 14.96
CA LEU F 17 6.61 -23.97 14.08
C LEU F 17 6.94 -25.02 12.99
N GLY F 18 8.22 -25.36 12.87
CA GLY F 18 8.66 -26.30 11.85
C GLY F 18 9.07 -25.72 10.51
N SER F 19 9.04 -24.40 10.38
CA SER F 19 9.58 -23.76 9.21
C SER F 19 11.11 -23.65 9.34
N ASN F 20 11.80 -23.45 8.22
CA ASN F 20 13.25 -23.39 8.23
C ASN F 20 13.73 -22.49 7.10
N MET F 21 15.00 -22.11 7.13
CA MET F 21 15.55 -21.15 6.14
C MET F 21 17.05 -21.28 5.92
N THR F 22 17.52 -20.91 4.73
CA THR F 22 18.97 -20.92 4.45
C THR F 22 19.42 -19.52 4.09
N ILE F 23 20.46 -19.02 4.78
CA ILE F 23 20.98 -17.69 4.47
C ILE F 23 22.40 -17.78 3.96
N GLY F 24 22.64 -17.05 2.86
CA GLY F 24 23.92 -17.07 2.17
C GLY F 24 25.02 -16.31 2.86
N ALA F 25 25.94 -15.78 2.06
CA ALA F 25 27.10 -15.04 2.56
C ALA F 25 26.67 -13.67 3.04
N VAL F 26 26.92 -13.36 4.32
CA VAL F 26 26.68 -12.00 4.88
C VAL F 26 27.84 -11.04 4.56
N ASN F 27 27.70 -10.34 3.43
CA ASN F 27 28.76 -9.54 2.80
C ASN F 27 29.22 -8.33 3.61
N SER F 28 30.22 -7.62 3.08
CA SER F 28 30.90 -6.50 3.75
C SER F 28 29.94 -5.54 4.43
N ARG F 29 28.98 -4.97 3.69
CA ARG F 29 28.05 -4.02 4.30
C ARG F 29 26.92 -4.70 5.07
N GLY F 30 27.05 -6.01 5.26
CA GLY F 30 26.25 -6.75 6.24
C GLY F 30 24.92 -7.20 5.71
N GLU F 31 24.77 -7.26 4.37
CA GLU F 31 23.53 -7.70 3.72
C GLU F 31 23.60 -9.16 3.38
N PHE F 32 22.44 -9.79 3.19
CA PHE F 32 22.42 -11.20 2.84
C PHE F 32 21.18 -11.57 2.07
N THR F 33 21.27 -12.67 1.31
CA THR F 33 20.11 -13.29 0.68
C THR F 33 20.06 -14.74 1.12
N GLY F 34 18.89 -15.35 0.92
CA GLY F 34 18.69 -16.76 1.23
C GLY F 34 17.25 -17.16 1.06
N THR F 35 16.93 -18.41 1.36
CA THR F 35 15.61 -18.86 1.04
C THR F 35 14.84 -19.20 2.29
N TYR F 36 13.54 -19.01 2.21
CA TYR F 36 12.67 -19.33 3.33
C TYR F 36 11.57 -20.32 2.95
N ILE F 37 11.46 -21.39 3.74
CA ILE F 37 10.43 -22.38 3.53
C ILE F 37 9.57 -22.42 4.78
N THR F 38 8.33 -21.97 4.62
CA THR F 38 7.37 -22.04 5.70
C THR F 38 6.68 -23.39 5.76
N ALA F 39 6.32 -23.78 6.98
CA ALA F 39 5.56 -25.02 7.23
C ALA F 39 4.06 -24.73 7.47
N VAL F 40 3.69 -23.46 7.29
CA VAL F 40 2.28 -23.05 7.16
C VAL F 40 2.08 -21.77 6.30
N ALA F 41 0.92 -21.65 5.67
CA ALA F 41 0.41 -20.38 5.10
C ALA F 41 -1.14 -20.42 5.29
N ASP F 42 -1.84 -19.29 5.15
CA ASP F 42 -3.33 -19.26 5.28
C ASP F 42 -4.03 -20.40 4.47
N ASN F 43 -3.47 -20.73 3.29
CA ASN F 43 -4.02 -21.77 2.39
C ASN F 43 -3.02 -22.33 1.31
N PRO F 44 -2.07 -23.24 1.71
CA PRO F 44 -0.96 -23.57 0.78
C PRO F 44 -0.56 -25.05 0.50
N GLY F 45 -0.92 -25.55 -0.68
CA GLY F 45 -0.25 -26.74 -1.29
C GLY F 45 0.74 -26.26 -2.36
N ASN F 46 0.69 -24.94 -2.55
CA ASN F 46 1.51 -24.14 -3.47
C ASN F 46 2.81 -23.54 -2.87
N ILE F 47 3.03 -23.75 -1.56
CA ILE F 47 4.23 -23.30 -0.79
C ILE F 47 5.68 -23.61 -1.36
N THR F 48 6.40 -22.51 -1.58
CA THR F 48 7.56 -22.48 -2.42
C THR F 48 8.89 -22.39 -1.66
N LEU F 49 9.90 -21.87 -2.35
CA LEU F 49 11.10 -21.44 -1.71
C LEU F 49 11.09 -19.92 -1.87
N SER F 50 10.43 -19.25 -0.94
CA SER F 50 10.30 -17.80 -0.94
C SER F 50 11.67 -17.15 -0.72
N PRO F 51 11.96 -16.03 -1.41
CA PRO F 51 13.25 -15.35 -1.25
C PRO F 51 13.27 -14.32 -0.10
N LEU F 52 14.49 -14.02 0.41
CA LEU F 52 14.67 -13.10 1.55
C LEU F 52 15.92 -12.21 1.46
N LEU F 53 15.82 -11.04 2.09
CA LEU F 53 16.86 -10.03 2.10
C LEU F 53 17.04 -9.35 3.43
N GLY F 54 18.26 -8.99 3.77
CA GLY F 54 18.45 -8.38 5.06
C GLY F 54 19.76 -7.69 5.34
N ILE F 55 19.81 -7.00 6.48
CA ILE F 55 21.04 -6.43 6.98
C ILE F 55 21.30 -6.79 8.45
N GLN F 56 22.58 -6.95 8.72
CA GLN F 56 23.16 -7.35 9.99
C GLN F 56 24.16 -6.28 10.37
N HIS F 57 24.18 -5.89 11.63
CA HIS F 57 25.32 -5.12 12.13
C HIS F 57 26.49 -6.10 12.13
N LYS F 58 27.56 -5.73 11.43
CA LYS F 58 28.70 -6.65 11.35
C LYS F 58 29.60 -6.67 12.61
N ARG F 59 29.37 -5.79 13.59
CA ARG F 59 30.34 -5.64 14.68
C ARG F 59 29.98 -6.29 16.01
N ALA F 60 28.69 -6.36 16.32
CA ALA F 60 28.26 -6.92 17.59
C ALA F 60 28.62 -8.41 17.66
N SER F 61 28.90 -8.90 18.86
CA SER F 61 29.10 -10.32 19.00
C SER F 61 27.70 -10.94 18.85
N GLN F 62 26.70 -10.28 19.42
CA GLN F 62 25.35 -10.77 19.33
C GLN F 62 24.51 -9.79 18.53
N PRO F 63 24.71 -9.78 17.18
CA PRO F 63 24.22 -8.64 16.42
C PRO F 63 22.72 -8.65 16.30
N THR F 64 22.17 -7.49 16.01
CA THR F 64 20.76 -7.31 15.78
C THR F 64 20.63 -7.31 14.27
N PHE F 65 19.50 -7.77 13.74
CA PHE F 65 19.35 -7.91 12.26
C PHE F 65 17.90 -7.77 11.92
N GLY F 66 17.63 -7.53 10.64
CA GLY F 66 16.28 -7.68 10.10
C GLY F 66 16.35 -8.23 8.68
N PHE F 67 15.30 -8.96 8.28
CA PHE F 67 15.14 -9.32 6.86
C PHE F 67 13.71 -9.28 6.30
N THR F 68 13.62 -9.25 4.97
CA THR F 68 12.34 -9.25 4.28
C THR F 68 12.10 -10.53 3.49
N VAL F 69 10.95 -11.15 3.73
CA VAL F 69 10.61 -12.36 3.04
C VAL F 69 9.54 -12.06 2.00
N ASN F 70 9.89 -12.17 0.72
CA ASN F 70 8.89 -12.01 -0.35
C ASN F 70 8.12 -13.29 -0.68
N TRP F 71 6.95 -13.46 -0.05
CA TRP F 71 6.13 -14.67 -0.26
C TRP F 71 5.88 -14.97 -1.74
N LYS F 72 6.24 -16.18 -2.19
CA LYS F 72 5.96 -16.60 -3.58
C LYS F 72 4.53 -17.09 -3.86
N PHE F 73 3.94 -17.73 -2.87
CA PHE F 73 2.59 -18.24 -3.06
C PHE F 73 1.49 -17.19 -2.97
N SER F 74 1.80 -15.99 -2.49
CA SER F 74 0.75 -14.98 -2.33
C SER F 74 1.25 -13.58 -2.61
N GLU F 75 0.44 -12.62 -2.18
CA GLU F 75 0.67 -11.19 -2.33
C GLU F 75 1.21 -10.54 -1.04
N SER F 76 1.53 -11.37 -0.05
CA SER F 76 1.86 -10.88 1.28
C SER F 76 3.36 -10.81 1.51
N THR F 77 3.81 -9.99 2.45
CA THR F 77 5.25 -9.93 2.81
C THR F 77 5.40 -10.14 4.33
N THR F 78 6.56 -10.63 4.76
CA THR F 78 6.81 -10.72 6.21
C THR F 78 8.20 -10.18 6.46
N VAL F 79 8.29 -9.36 7.50
CA VAL F 79 9.53 -8.79 7.98
C VAL F 79 9.88 -9.40 9.35
N PHE F 80 11.16 -9.72 9.55
CA PHE F 80 11.64 -10.27 10.81
C PHE F 80 12.73 -9.35 11.38
N THR F 81 12.62 -9.00 12.66
CA THR F 81 13.78 -8.46 13.41
C THR F 81 14.05 -9.33 14.60
N GLY F 82 15.31 -9.35 15.02
CA GLY F 82 15.63 -9.98 16.27
C GLY F 82 17.09 -9.75 16.55
N GLN F 83 17.60 -10.58 17.46
CA GLN F 83 19.02 -10.66 17.77
C GLN F 83 19.53 -12.11 17.78
N CYS F 84 20.81 -12.27 17.48
CA CYS F 84 21.51 -13.56 17.58
C CYS F 84 22.27 -13.66 18.91
N PHE F 85 21.95 -14.67 19.72
CA PHE F 85 22.66 -14.89 21.01
C PHE F 85 23.53 -16.15 20.97
N ILE F 86 24.62 -16.19 21.75
CA ILE F 86 25.48 -17.39 21.90
C ILE F 86 25.50 -17.89 23.34
N ASP F 87 25.17 -19.16 23.54
CA ASP F 87 25.22 -19.83 24.84
C ASP F 87 26.59 -19.82 25.51
N ARG F 88 26.55 -20.22 26.78
CA ARG F 88 27.72 -20.41 27.63
C ARG F 88 28.32 -21.81 27.39
N GLY F 90 29.10 -23.15 23.10
CA GLY F 90 28.10 -22.07 23.00
C GLY F 90 27.25 -22.07 21.73
N LYS F 91 25.96 -22.31 21.87
CA LYS F 91 25.10 -22.50 20.70
C LYS F 91 24.46 -21.18 20.34
N GLU F 92 24.10 -21.01 19.08
CA GLU F 92 23.45 -19.78 18.60
C GLU F 92 21.94 -19.89 18.38
N VAL F 93 21.22 -18.97 19.02
CA VAL F 93 19.77 -18.81 18.88
C VAL F 93 19.49 -17.44 18.26
N LEU F 94 18.39 -17.34 17.48
CA LEU F 94 17.76 -16.10 17.03
C LEU F 94 16.37 -15.96 17.61
N LYS F 95 16.24 -15.01 18.55
CA LYS F 95 14.97 -14.54 19.12
C LYS F 95 14.56 -13.41 18.20
N THR F 96 13.52 -13.64 17.40
CA THR F 96 13.06 -12.64 16.41
C THR F 96 11.58 -12.43 16.62
N MET F 97 11.08 -11.26 16.26
CA MET F 97 9.67 -11.09 16.13
C MET F 97 9.45 -10.70 14.67
N TRP F 98 8.19 -10.83 14.20
CA TRP F 98 7.82 -10.60 12.79
C TRP F 98 6.49 -9.88 12.57
N LEU F 99 6.42 -9.09 11.51
CA LEU F 99 5.14 -8.58 11.04
C LEU F 99 4.70 -9.29 9.73
N LEU F 100 3.51 -9.84 9.69
CA LEU F 100 3.03 -10.36 8.40
C LEU F 100 1.93 -9.49 7.76
N ARG F 101 2.25 -8.97 6.58
CA ARG F 101 1.39 -8.02 5.89
C ARG F 101 0.62 -8.70 4.76
N SER F 102 -0.71 -8.61 4.81
CA SER F 102 -1.60 -9.12 3.77
C SER F 102 -1.90 -7.99 2.83
N SER F 103 -2.54 -8.29 1.70
CA SER F 103 -2.81 -7.32 0.64
C SER F 103 -4.29 -7.06 0.44
N VAL F 104 -4.77 -5.99 1.09
CA VAL F 104 -6.15 -5.53 0.94
C VAL F 104 -6.36 -4.79 -0.42
N ASN F 105 -7.53 -4.93 -1.04
CA ASN F 105 -7.73 -4.30 -2.36
C ASN F 105 -8.15 -2.85 -2.24
N ASP F 106 -8.44 -2.43 -1.00
CA ASP F 106 -8.97 -1.11 -0.75
C ASP F 106 -8.34 -0.47 0.48
N ILE F 107 -7.99 0.82 0.38
CA ILE F 107 -7.25 1.56 1.43
C ILE F 107 -8.01 1.79 2.73
N GLY F 108 -9.32 1.54 2.65
CA GLY F 108 -10.17 1.56 3.84
C GLY F 108 -10.17 0.26 4.64
N ASP F 109 -9.51 -0.79 4.15
CA ASP F 109 -9.40 -2.07 4.85
C ASP F 109 -8.03 -2.23 5.52
N ASP F 110 -7.19 -1.22 5.37
CA ASP F 110 -5.80 -1.27 5.80
C ASP F 110 -5.66 -1.53 7.29
N TRP F 111 -6.68 -1.16 8.05
CA TRP F 111 -6.75 -1.45 9.48
C TRP F 111 -6.54 -2.93 9.82
N LYS F 112 -6.86 -3.83 8.89
CA LYS F 112 -6.82 -5.26 9.21
C LYS F 112 -5.75 -6.05 8.48
N ALA F 113 -4.83 -5.35 7.84
CA ALA F 113 -3.82 -5.99 6.96
C ALA F 113 -2.61 -6.66 7.63
N THR F 114 -2.49 -6.58 8.98
CA THR F 114 -1.19 -6.83 9.66
C THR F 114 -1.32 -7.72 10.90
N ARG F 115 -0.88 -8.97 10.76
CA ARG F 115 -0.68 -9.88 11.91
C ARG F 115 0.78 -9.79 12.37
N VAL F 116 0.99 -10.06 13.67
CA VAL F 116 2.32 -10.13 14.26
C VAL F 116 2.53 -11.46 14.97
N GLY F 117 3.80 -11.88 15.07
CA GLY F 117 4.17 -13.07 15.86
C GLY F 117 5.64 -13.09 16.22
N TYR F 118 6.15 -14.24 16.68
CA TYR F 118 7.53 -14.36 17.17
C TYR F 118 8.06 -15.70 16.76
N ASN F 119 9.39 -15.81 16.64
CA ASN F 119 10.02 -17.06 16.28
C ASN F 119 11.40 -17.26 16.82
N ILE F 120 11.66 -18.50 17.23
CA ILE F 120 12.93 -18.87 17.81
C ILE F 120 13.61 -19.80 16.80
N PHE F 121 14.81 -19.41 16.40
CA PHE F 121 15.51 -20.07 15.30
C PHE F 121 16.82 -20.68 15.73
N THR F 122 16.97 -21.97 15.38
CA THR F 122 18.12 -22.81 15.71
C THR F 122 18.81 -23.25 14.44
N ARG F 123 20.13 -23.48 14.52
CA ARG F 123 20.89 -24.13 13.40
C ARG F 123 20.44 -25.54 13.03
N LEU F 124 20.84 -25.95 11.82
CA LEU F 124 20.57 -27.29 11.26
C LEU F 124 21.69 -27.68 10.29
N LYS G 6 0.18 1.08 -11.45
CA LYS G 6 1.43 0.46 -10.90
C LYS G 6 2.08 1.42 -9.94
N CYS G 7 2.31 0.93 -8.73
CA CYS G 7 2.82 1.75 -7.61
C CYS G 7 4.29 1.42 -7.41
N SER G 8 5.15 2.41 -7.54
CA SER G 8 6.56 2.12 -7.38
C SER G 8 7.18 2.77 -6.18
N LEU G 9 8.12 2.02 -5.62
CA LEU G 9 8.86 2.43 -4.45
C LEU G 9 10.03 3.36 -4.76
N THR G 10 10.66 3.20 -5.92
CA THR G 10 11.75 4.08 -6.30
C THR G 10 11.31 5.51 -6.06
N GLY G 11 12.13 6.28 -5.37
CA GLY G 11 11.88 7.70 -5.25
C GLY G 11 12.09 8.19 -3.85
N LYS G 12 11.53 9.36 -3.54
CA LYS G 12 11.72 9.97 -2.23
C LYS G 12 10.40 10.05 -1.45
N TRP G 13 10.47 9.78 -0.15
CA TRP G 13 9.26 9.79 0.70
C TRP G 13 9.48 10.44 2.10
N THR G 14 8.42 10.97 2.69
CA THR G 14 8.52 11.62 3.97
C THR G 14 7.41 11.05 4.78
N ASN G 15 7.45 11.16 6.09
CA ASN G 15 6.35 10.59 6.85
C ASN G 15 5.82 11.44 7.96
N ASP G 16 4.80 10.89 8.65
CA ASP G 16 4.09 11.68 9.66
C ASP G 16 5.00 12.15 10.81
N LEU G 17 6.13 11.46 11.01
CA LEU G 17 7.11 11.85 12.01
C LEU G 17 8.21 12.80 11.46
N GLY G 18 8.10 13.16 10.19
CA GLY G 18 9.06 14.06 9.54
C GLY G 18 10.36 13.42 9.11
N SER G 19 10.35 12.10 8.98
CA SER G 19 11.49 11.34 8.50
C SER G 19 11.44 11.12 7.00
N ASN G 20 12.51 10.55 6.48
CA ASN G 20 12.99 10.88 5.16
C ASN G 20 13.70 9.69 4.48
N MET G 21 13.22 9.24 3.31
CA MET G 21 13.93 8.14 2.62
C MET G 21 14.00 8.22 1.11
N THR G 22 15.15 7.86 0.56
CA THR G 22 15.33 7.67 -0.89
C THR G 22 15.37 6.18 -1.19
N ILE G 23 14.77 5.79 -2.33
CA ILE G 23 14.81 4.39 -2.79
C ILE G 23 15.20 4.34 -4.27
N GLY G 24 16.27 3.62 -4.55
CA GLY G 24 16.82 3.48 -5.91
C GLY G 24 15.97 2.70 -6.89
N ALA G 25 16.57 2.23 -7.98
CA ALA G 25 15.85 1.38 -8.94
C ALA G 25 15.43 0.04 -8.34
N VAL G 26 14.15 -0.31 -8.48
CA VAL G 26 13.67 -1.65 -8.11
C VAL G 26 13.87 -2.63 -9.28
N ASN G 27 14.95 -3.39 -9.20
CA ASN G 27 15.30 -4.38 -10.21
C ASN G 27 14.29 -5.49 -10.36
N SER G 28 14.61 -6.37 -11.31
CA SER G 28 13.70 -7.40 -11.81
C SER G 28 13.31 -8.51 -10.83
N ARG G 29 13.83 -8.49 -9.60
CA ARG G 29 13.33 -9.40 -8.57
C ARG G 29 12.51 -8.65 -7.55
N GLY G 30 12.51 -7.34 -7.72
CA GLY G 30 11.66 -6.49 -6.94
C GLY G 30 12.31 -6.11 -5.65
N GLU G 31 13.64 -6.05 -5.62
CA GLU G 31 14.32 -5.47 -4.47
C GLU G 31 15.03 -4.17 -4.83
N PHE G 32 15.33 -3.37 -3.82
CA PHE G 32 15.72 -2.00 -4.02
C PHE G 32 16.51 -1.57 -2.83
N THR G 33 17.34 -0.54 -3.04
CA THR G 33 18.03 0.08 -1.91
C THR G 33 17.72 1.55 -1.78
N GLY G 34 17.99 2.06 -0.59
CA GLY G 34 18.05 3.49 -0.38
C GLY G 34 18.69 3.93 0.91
N THR G 35 18.36 5.15 1.30
CA THR G 35 18.77 5.66 2.59
C THR G 35 17.57 6.23 3.34
N TYR G 36 17.54 5.97 4.63
CA TYR G 36 16.49 6.49 5.50
C TYR G 36 17.13 7.42 6.52
N ILE G 37 16.60 8.64 6.59
CA ILE G 37 17.03 9.63 7.57
C ILE G 37 15.89 9.88 8.58
N THR G 38 16.13 9.43 9.81
CA THR G 38 15.19 9.62 10.90
C THR G 38 15.35 10.99 11.54
N ALA G 39 14.21 11.58 11.88
CA ALA G 39 14.08 12.90 12.49
C ALA G 39 13.84 12.75 13.98
N VAL G 40 13.84 11.51 14.43
CA VAL G 40 13.23 11.16 15.70
C VAL G 40 13.89 9.88 16.27
N ALA G 41 15.22 9.75 16.20
CA ALA G 41 15.90 8.59 16.88
C ALA G 41 15.57 8.77 18.35
N ASP G 42 15.82 7.73 19.15
CA ASP G 42 15.63 7.82 20.61
C ASP G 42 16.23 9.16 21.08
N ASN G 43 17.29 9.57 20.36
CA ASN G 43 17.92 10.91 20.37
C ASN G 43 18.50 11.37 18.98
N PRO G 44 18.15 12.62 18.56
CA PRO G 44 18.97 13.22 17.50
C PRO G 44 20.36 13.56 18.08
N GLY G 45 20.44 14.72 18.73
CA GLY G 45 21.58 15.11 19.54
C GLY G 45 21.13 15.23 20.99
N ILE G 47 22.05 10.56 14.86
CA ILE G 47 21.26 10.40 13.64
C ILE G 47 21.93 10.86 12.31
N THR G 48 22.12 9.87 11.43
CA THR G 48 22.70 10.11 10.10
C THR G 48 21.83 9.55 8.94
N LEU G 49 22.50 9.15 7.87
CA LEU G 49 21.95 8.33 6.81
C LEU G 49 22.08 6.85 7.19
N SER G 50 20.97 6.12 7.23
CA SER G 50 21.07 4.68 7.43
C SER G 50 20.56 4.01 6.15
N PRO G 51 21.26 2.95 5.71
CA PRO G 51 20.85 2.24 4.50
C PRO G 51 19.56 1.41 4.71
N LEU G 52 18.78 1.23 3.64
CA LEU G 52 17.64 0.31 3.67
C LEU G 52 17.65 -0.74 2.53
N LEU G 53 17.22 -1.95 2.89
CA LEU G 53 17.10 -3.07 1.96
C LEU G 53 15.74 -3.74 2.08
N GLY G 54 15.08 -3.91 0.93
CA GLY G 54 13.77 -4.52 0.86
C GLY G 54 13.33 -5.07 -0.49
N ILE G 55 12.18 -5.73 -0.46
CA ILE G 55 11.59 -6.36 -1.62
C ILE G 55 10.09 -6.01 -1.60
N GLN G 56 9.61 -5.64 -2.78
CA GLN G 56 8.18 -5.44 -3.06
C GLN G 56 7.76 -6.45 -4.10
N HIS G 57 6.48 -6.80 -4.11
CA HIS G 57 5.93 -7.59 -5.20
C HIS G 57 5.96 -6.68 -6.39
N LYS G 58 6.51 -7.15 -7.50
CA LYS G 58 6.49 -6.26 -8.64
C LYS G 58 5.39 -6.57 -9.68
N ARG G 59 4.32 -7.25 -9.24
CA ARG G 59 3.10 -7.54 -10.02
C ARG G 59 1.85 -6.70 -9.64
N ALA G 60 1.42 -6.78 -8.39
CA ALA G 60 0.28 -5.98 -7.90
C ALA G 60 0.35 -4.48 -8.30
N SER G 61 -0.81 -3.84 -8.33
CA SER G 61 -0.84 -2.43 -8.70
C SER G 61 -0.61 -1.65 -7.43
N GLN G 62 -1.12 -2.22 -6.34
CA GLN G 62 -0.98 -1.67 -5.00
C GLN G 62 -0.15 -2.64 -4.17
N PRO G 63 1.18 -2.72 -4.42
CA PRO G 63 1.92 -3.83 -3.83
C PRO G 63 2.08 -3.81 -2.33
N THR G 64 2.73 -4.88 -1.89
CA THR G 64 3.08 -5.11 -0.55
C THR G 64 4.59 -5.22 -0.63
N PHE G 65 5.28 -4.74 0.42
CA PHE G 65 6.74 -4.71 0.49
C PHE G 65 7.23 -4.87 1.91
N GLY G 66 8.53 -5.06 2.03
CA GLY G 66 9.19 -5.03 3.29
C GLY G 66 10.55 -4.44 3.05
N PHE G 67 11.11 -3.79 4.08
CA PHE G 67 12.51 -3.43 4.07
C PHE G 67 13.07 -3.22 5.46
N THR G 68 14.38 -3.37 5.55
CA THR G 68 15.16 -3.37 6.78
C THR G 68 15.99 -2.09 6.78
N VAL G 69 16.04 -1.40 7.92
CA VAL G 69 16.95 -0.28 8.08
C VAL G 69 18.04 -0.61 9.10
N ASN G 70 19.30 -0.50 8.67
CA ASN G 70 20.45 -0.72 9.55
C ASN G 70 20.92 0.63 10.00
N TRP G 71 20.43 1.00 11.20
CA TRP G 71 20.76 2.23 11.90
C TRP G 71 22.25 2.33 12.17
N LYS G 72 22.84 3.40 11.66
CA LYS G 72 24.23 3.64 11.80
C LYS G 72 24.58 4.35 13.13
N PHE G 73 23.64 5.07 13.73
CA PHE G 73 23.97 5.75 15.00
C PHE G 73 23.94 4.84 16.22
N SER G 74 23.61 3.55 16.04
CA SER G 74 23.41 2.64 17.15
C SER G 74 23.43 1.20 16.69
N GLU G 75 23.03 0.31 17.59
CA GLU G 75 22.99 -1.15 17.35
C GLU G 75 21.58 -1.66 17.07
N SER G 76 20.65 -0.75 16.91
CA SER G 76 19.25 -1.11 16.71
C SER G 76 18.97 -1.41 15.23
N THR G 77 17.86 -2.11 14.96
CA THR G 77 17.44 -2.35 13.58
C THR G 77 15.96 -2.22 13.57
N THR G 78 15.43 -1.61 12.50
CA THR G 78 13.99 -1.55 12.27
C THR G 78 13.65 -2.23 10.96
N VAL G 79 12.52 -2.93 10.95
CA VAL G 79 11.94 -3.51 9.74
C VAL G 79 10.53 -2.92 9.51
N PHE G 80 10.22 -2.61 8.26
CA PHE G 80 8.95 -1.99 7.88
C PHE G 80 8.21 -2.92 6.93
N THR G 81 6.92 -3.21 7.20
CA THR G 81 6.00 -3.72 6.13
C THR G 81 4.79 -2.90 5.87
N GLY G 82 4.22 -3.09 4.68
CA GLY G 82 3.05 -2.36 4.27
C GLY G 82 2.73 -2.51 2.78
N GLN G 83 2.00 -1.53 2.28
CA GLN G 83 1.43 -1.55 0.93
C GLN G 83 1.45 -0.16 0.27
N CYS G 84 1.69 -0.12 -1.03
CA CYS G 84 1.65 1.13 -1.78
C CYS G 84 0.24 1.32 -2.32
N PHE G 85 -0.42 2.40 -1.93
CA PHE G 85 -1.79 2.62 -2.35
C PHE G 85 -1.85 3.73 -3.34
N ILE G 86 -2.92 3.76 -4.13
CA ILE G 86 -3.05 4.61 -5.33
C ILE G 86 -4.44 5.24 -5.32
N ASP G 87 -4.54 6.48 -5.78
CA ASP G 87 -5.75 7.30 -5.59
C ASP G 87 -6.83 7.20 -6.66
N ARG G 88 -8.09 7.18 -6.19
CA ARG G 88 -9.25 7.10 -7.07
C ARG G 88 -9.51 8.45 -7.77
N GLY G 90 -4.88 10.82 -8.74
CA GLY G 90 -4.34 9.46 -8.63
C GLY G 90 -2.96 9.27 -7.98
N LYS G 91 -2.80 9.68 -6.71
CA LYS G 91 -1.48 9.70 -6.04
C LYS G 91 -1.15 8.63 -4.95
N GLU G 92 0.17 8.43 -4.79
CA GLU G 92 0.81 7.38 -3.97
C GLU G 92 1.12 7.69 -2.47
N VAL G 93 0.72 6.77 -1.60
CA VAL G 93 1.06 6.77 -0.17
C VAL G 93 1.41 5.35 0.33
N LEU G 94 2.42 5.24 1.19
CA LEU G 94 2.76 3.95 1.77
C LEU G 94 2.18 3.86 3.14
N LYS G 95 1.25 2.96 3.38
CA LYS G 95 0.79 2.64 4.73
C LYS G 95 1.66 1.50 5.33
N THR G 96 2.44 1.80 6.38
CA THR G 96 3.32 0.80 6.98
C THR G 96 3.13 0.58 8.49
N MET G 97 3.60 -0.58 8.97
CA MET G 97 3.87 -0.78 10.41
C MET G 97 5.36 -1.12 10.60
N TRP G 98 5.87 -1.04 11.81
CA TRP G 98 7.28 -1.38 11.94
C TRP G 98 7.67 -2.05 13.26
N LEU G 99 8.74 -2.84 13.20
CA LEU G 99 9.43 -3.31 14.36
C LEU G 99 10.82 -2.72 14.40
N LEU G 100 11.15 -2.19 15.58
CA LEU G 100 12.47 -1.62 15.89
C LEU G 100 13.00 -2.45 17.01
N ARG G 101 14.10 -3.12 16.74
CA ARG G 101 14.67 -3.98 17.73
C ARG G 101 15.85 -3.26 18.38
N SER G 102 15.98 -3.39 19.69
CA SER G 102 17.15 -2.85 20.35
C SER G 102 18.03 -3.99 20.77
N SER G 103 19.32 -3.71 20.91
CA SER G 103 20.30 -4.66 21.36
C SER G 103 20.33 -4.77 22.89
N VAL G 104 19.95 -5.93 23.40
CA VAL G 104 20.14 -6.25 24.82
C VAL G 104 21.23 -7.29 24.93
N ASN G 105 22.09 -7.20 25.96
CA ASN G 105 23.22 -8.13 26.10
C ASN G 105 22.88 -9.57 26.54
N ASP G 106 21.74 -9.75 27.19
CA ASP G 106 21.48 -11.07 27.74
C ASP G 106 20.14 -11.61 27.28
N ILE G 107 20.11 -12.89 26.89
CA ILE G 107 18.89 -13.53 26.41
C ILE G 107 17.75 -13.41 27.44
N GLY G 108 18.14 -13.23 28.70
CA GLY G 108 17.20 -12.97 29.77
C GLY G 108 16.39 -11.73 29.44
N ASP G 109 17.06 -10.66 29.02
CA ASP G 109 16.44 -9.37 28.71
C ASP G 109 15.72 -9.25 27.35
N ASP G 110 15.65 -10.35 26.60
CA ASP G 110 15.02 -10.31 25.28
C ASP G 110 13.59 -9.75 25.26
N TRP G 111 12.77 -10.25 26.18
CA TRP G 111 11.37 -9.85 26.30
C TRP G 111 11.16 -8.37 26.12
N LYS G 112 12.12 -7.56 26.53
CA LYS G 112 11.92 -6.12 26.49
C LYS G 112 12.57 -5.35 25.35
N ALA G 113 13.08 -6.03 24.32
CA ALA G 113 13.82 -5.34 23.26
C ALA G 113 13.07 -4.97 21.99
N THR G 114 11.75 -5.06 21.98
CA THR G 114 11.04 -4.82 20.72
C THR G 114 9.88 -3.86 20.78
N ARG G 115 10.04 -2.78 20.04
CA ARG G 115 8.97 -1.78 19.88
C ARG G 115 8.29 -1.92 18.51
N VAL G 116 7.04 -1.44 18.46
CA VAL G 116 6.23 -1.49 17.27
C VAL G 116 5.66 -0.09 16.98
N GLY G 117 5.35 0.22 15.73
CA GLY G 117 4.76 1.52 15.38
C GLY G 117 4.20 1.48 13.99
N TYR G 118 3.78 2.64 13.49
CA TYR G 118 3.26 2.81 12.13
C TYR G 118 3.73 4.11 11.47
N ASN G 119 3.56 4.19 10.15
CA ASN G 119 3.99 5.37 9.44
C ASN G 119 3.31 5.52 8.13
N ILE G 120 3.00 6.75 7.76
CA ILE G 120 2.42 6.98 6.48
C ILE G 120 3.35 7.89 5.71
N PHE G 121 3.85 7.37 4.59
CA PHE G 121 4.72 8.12 3.68
C PHE G 121 3.99 8.63 2.44
N THR G 122 4.21 9.91 2.12
CA THR G 122 3.83 10.46 0.84
C THR G 122 5.06 10.67 -0.06
N ARG G 123 4.84 10.84 -1.36
CA ARG G 123 5.96 11.10 -2.26
C ARG G 123 6.60 12.45 -1.89
N LEU G 124 7.61 12.85 -2.66
CA LEU G 124 8.31 14.11 -2.43
C LEU G 124 8.73 14.78 -3.73
N LYS H 6 -6.39 18.16 33.69
CA LYS H 6 -6.11 16.69 33.80
C LYS H 6 -6.90 15.78 32.80
N CYS H 7 -6.17 15.13 31.89
CA CYS H 7 -6.70 14.12 30.93
C CYS H 7 -7.42 12.93 31.64
N SER H 8 -8.68 12.73 31.28
CA SER H 8 -9.52 11.69 31.88
C SER H 8 -10.29 10.93 30.80
N LEU H 9 -10.29 9.60 30.91
CA LEU H 9 -10.93 8.72 29.93
C LEU H 9 -12.46 8.68 29.87
N THR H 10 -13.13 9.06 30.94
CA THR H 10 -14.59 9.20 31.00
C THR H 10 -15.10 10.13 29.88
N GLY H 11 -16.26 9.83 29.30
CA GLY H 11 -16.82 10.59 28.14
C GLY H 11 -16.89 9.81 26.84
N LYS H 12 -17.36 10.48 25.77
CA LYS H 12 -17.47 9.88 24.42
C LYS H 12 -16.26 10.21 23.56
N TRP H 13 -15.77 9.20 22.84
CA TRP H 13 -14.63 9.40 21.99
C TRP H 13 -14.88 8.87 20.59
N THR H 14 -14.08 9.35 19.65
CA THR H 14 -14.18 8.98 18.25
C THR H 14 -12.76 8.74 17.71
N ASN H 15 -12.52 7.60 17.05
CA ASN H 15 -11.21 7.33 16.38
C ASN H 15 -11.07 7.93 14.98
N ASP H 16 -9.90 7.75 14.38
CA ASP H 16 -9.64 8.21 13.02
C ASP H 16 -10.23 7.23 12.00
N LEU H 17 -10.80 6.14 12.52
CA LEU H 17 -11.28 5.08 11.68
C LEU H 17 -12.80 4.95 11.70
N GLY H 18 -13.47 5.84 12.45
CA GLY H 18 -14.93 5.89 12.54
C GLY H 18 -15.56 5.59 13.89
N SER H 19 -15.05 4.61 14.62
CA SER H 19 -15.79 4.13 15.79
C SER H 19 -15.88 5.14 16.92
N ASN H 20 -16.97 5.03 17.68
CA ASN H 20 -17.13 5.84 18.89
C ASN H 20 -17.18 4.98 20.11
N MET H 21 -16.76 5.54 21.23
CA MET H 21 -16.95 4.86 22.49
C MET H 21 -17.34 5.86 23.55
N THR H 22 -17.99 5.35 24.59
CA THR H 22 -18.27 6.10 25.79
C THR H 22 -17.62 5.35 26.94
N ILE H 23 -16.98 6.08 27.83
CA ILE H 23 -16.49 5.44 29.04
C ILE H 23 -17.25 5.99 30.24
N GLY H 24 -17.41 5.14 31.26
CA GLY H 24 -18.02 5.56 32.51
C GLY H 24 -17.04 6.34 33.37
N ALA H 25 -17.49 6.70 34.57
CA ALA H 25 -16.62 7.27 35.61
C ALA H 25 -15.52 6.29 35.94
N VAL H 26 -14.36 6.85 36.24
CA VAL H 26 -13.22 6.06 36.63
C VAL H 26 -13.28 5.91 38.15
N ASN H 27 -13.32 4.68 38.65
CA ASN H 27 -13.42 4.46 40.11
C ASN H 27 -12.07 4.62 40.88
N SER H 28 -12.09 4.62 42.22
CA SER H 28 -10.87 4.84 43.03
C SER H 28 -9.65 4.00 42.65
N ARG H 29 -9.86 2.83 42.03
CA ARG H 29 -8.77 1.95 41.60
C ARG H 29 -8.24 2.26 40.16
N GLY H 30 -8.83 3.26 39.51
CA GLY H 30 -8.53 3.59 38.11
C GLY H 30 -9.38 2.82 37.12
N GLU H 31 -10.47 2.21 37.62
CA GLU H 31 -11.27 1.27 36.83
C GLU H 31 -12.46 1.92 36.12
N PHE H 32 -12.63 1.55 34.86
CA PHE H 32 -13.69 2.11 34.06
C PHE H 32 -14.34 1.07 33.16
N THR H 33 -15.68 1.17 33.07
CA THR H 33 -16.45 0.42 32.04
C THR H 33 -16.98 1.36 30.98
N GLY H 34 -17.31 0.80 29.81
CA GLY H 34 -17.87 1.61 28.79
C GLY H 34 -18.64 0.81 27.76
N THR H 35 -18.56 1.28 26.53
CA THR H 35 -19.18 0.66 25.39
C THR H 35 -18.49 1.20 24.18
N TYR H 36 -18.21 0.29 23.25
CA TYR H 36 -17.46 0.60 22.05
C TYR H 36 -18.35 0.30 20.85
N ILE H 37 -18.56 1.30 20.02
CA ILE H 37 -19.35 1.15 18.79
C ILE H 37 -18.48 1.09 17.54
N THR H 38 -18.14 -0.12 17.15
CA THR H 38 -17.13 -0.32 16.15
C THR H 38 -17.55 0.18 14.77
N ALA H 39 -16.60 0.86 14.11
CA ALA H 39 -16.78 1.26 12.70
C ALA H 39 -16.54 0.11 11.70
N VAL H 40 -15.93 -0.99 12.13
CA VAL H 40 -15.59 -2.07 11.19
C VAL H 40 -15.32 -3.45 11.83
N ALA H 41 -15.44 -4.50 11.03
CA ALA H 41 -15.30 -5.92 11.46
C ALA H 41 -14.76 -6.80 10.34
N ASP H 42 -14.72 -8.11 10.57
CA ASP H 42 -14.47 -9.08 9.50
C ASP H 42 -15.79 -9.32 8.74
N ASN H 43 -16.88 -9.44 9.50
CA ASN H 43 -18.21 -9.49 8.93
C ASN H 43 -18.95 -8.24 9.42
N PRO H 44 -18.81 -7.08 8.70
CA PRO H 44 -19.32 -5.75 9.14
C PRO H 44 -20.85 -5.64 9.25
N GLY H 45 -21.54 -6.61 8.63
CA GLY H 45 -22.98 -6.77 8.81
C GLY H 45 -23.34 -7.08 10.25
N ASN H 46 -22.53 -7.88 10.94
CA ASN H 46 -22.87 -8.31 12.31
C ASN H 46 -22.72 -7.24 13.41
N ILE H 47 -22.08 -6.10 13.06
CA ILE H 47 -21.69 -4.99 13.99
C ILE H 47 -22.71 -4.59 15.07
N THR H 48 -22.25 -4.57 16.33
CA THR H 48 -23.02 -4.09 17.49
C THR H 48 -22.15 -3.32 18.51
N LEU H 49 -22.79 -2.55 19.39
CA LEU H 49 -22.08 -1.95 20.52
C LEU H 49 -21.57 -3.07 21.45
N SER H 50 -20.35 -2.90 21.97
CA SER H 50 -19.64 -3.95 22.68
C SER H 50 -19.18 -3.43 24.03
N PRO H 51 -19.20 -4.30 25.07
CA PRO H 51 -18.78 -3.97 26.46
C PRO H 51 -17.28 -3.82 26.59
N LEU H 52 -16.88 -2.89 27.44
CA LEU H 52 -15.56 -2.28 27.42
C LEU H 52 -15.08 -2.25 28.86
N LEU H 53 -13.82 -2.62 29.10
CA LEU H 53 -13.29 -2.81 30.47
C LEU H 53 -11.77 -2.65 30.63
N GLY H 54 -11.33 -1.73 31.49
CA GLY H 54 -9.89 -1.59 31.70
C GLY H 54 -9.45 -0.77 32.88
N ILE H 55 -8.15 -0.42 32.89
CA ILE H 55 -7.54 0.40 33.97
C ILE H 55 -6.70 1.58 33.48
N GLN H 56 -6.80 2.67 34.23
CA GLN H 56 -6.10 3.89 33.95
C GLN H 56 -5.32 4.29 35.20
N HIS H 57 -4.12 4.81 35.03
CA HIS H 57 -3.40 5.39 36.14
C HIS H 57 -4.06 6.70 36.49
N LYS H 58 -4.08 7.02 37.77
CA LYS H 58 -4.84 8.17 38.24
C LYS H 58 -4.00 9.42 38.41
N ARG H 59 -3.02 9.35 39.30
CA ARG H 59 -2.25 10.51 39.74
C ARG H 59 -1.78 11.34 38.53
N ALA H 60 -1.30 10.66 37.48
CA ALA H 60 -0.72 11.31 36.28
C ALA H 60 -1.67 12.20 35.44
N SER H 61 -1.21 13.40 35.10
CA SER H 61 -2.03 14.33 34.32
C SER H 61 -2.23 13.89 32.86
N GLN H 62 -1.24 13.19 32.28
CA GLN H 62 -1.40 12.48 31.00
C GLN H 62 -1.25 10.95 31.17
N PRO H 63 -2.31 10.29 31.69
CA PRO H 63 -2.16 8.91 32.15
C PRO H 63 -2.11 7.87 31.05
N THR H 64 -1.44 6.78 31.39
CA THR H 64 -1.29 5.63 30.56
C THR H 64 -2.45 4.72 30.89
N PHE H 65 -2.89 3.91 29.93
CA PHE H 65 -4.12 3.11 30.16
C PHE H 65 -4.21 1.91 29.27
N GLY H 66 -5.07 0.99 29.67
CA GLY H 66 -5.36 -0.16 28.84
C GLY H 66 -6.77 -0.62 29.08
N PHE H 67 -7.38 -1.22 28.04
CA PHE H 67 -8.68 -1.89 28.12
C PHE H 67 -8.94 -3.03 27.10
N THR H 68 -9.71 -4.02 27.52
CA THR H 68 -10.13 -5.08 26.66
C THR H 68 -11.51 -4.77 26.10
N VAL H 69 -11.68 -4.96 24.78
CA VAL H 69 -13.01 -4.92 24.14
C VAL H 69 -13.53 -6.35 23.89
N ASN H 70 -14.80 -6.56 24.21
CA ASN H 70 -15.47 -7.84 24.01
C ASN H 70 -16.54 -7.73 22.91
N TRP H 71 -16.18 -8.16 21.70
CA TRP H 71 -17.06 -7.99 20.56
C TRP H 71 -18.31 -8.81 20.73
N LYS H 72 -19.43 -8.10 20.83
CA LYS H 72 -20.68 -8.74 21.18
C LYS H 72 -21.21 -9.60 20.02
N PHE H 73 -20.69 -9.39 18.81
CA PHE H 73 -21.21 -10.05 17.59
C PHE H 73 -20.24 -11.06 16.95
N SER H 74 -19.18 -11.45 17.65
CA SER H 74 -18.17 -12.39 17.12
C SER H 74 -17.27 -13.05 18.19
N GLU H 75 -16.37 -13.93 17.73
CA GLU H 75 -15.53 -14.75 18.61
C GLU H 75 -14.26 -14.08 19.15
N SER H 76 -13.90 -12.93 18.58
CA SER H 76 -12.64 -12.30 18.87
C SER H 76 -12.67 -11.17 19.93
N THR H 77 -11.48 -10.85 20.46
CA THR H 77 -11.24 -9.80 21.44
C THR H 77 -10.14 -8.88 20.94
N THR H 78 -10.31 -7.58 21.20
CA THR H 78 -9.23 -6.56 21.02
C THR H 78 -8.82 -5.95 22.39
N VAL H 79 -7.54 -5.64 22.55
CA VAL H 79 -7.05 -4.88 23.70
C VAL H 79 -6.27 -3.68 23.21
N PHE H 80 -6.57 -2.50 23.77
CA PHE H 80 -5.84 -1.30 23.42
C PHE H 80 -4.97 -0.91 24.62
N THR H 81 -3.76 -0.38 24.40
CA THR H 81 -3.07 0.38 25.45
C THR H 81 -2.91 1.77 24.90
N GLY H 82 -2.39 2.70 25.67
CA GLY H 82 -2.17 4.04 25.16
C GLY H 82 -1.94 5.07 26.24
N GLN H 83 -1.88 6.32 25.80
CA GLN H 83 -1.68 7.46 26.69
C GLN H 83 -2.56 8.64 26.28
N CYS H 84 -3.20 9.26 27.28
CA CYS H 84 -4.06 10.41 27.11
C CYS H 84 -3.19 11.68 27.05
N PHE H 85 -3.27 12.49 25.99
CA PHE H 85 -2.36 13.67 25.84
C PHE H 85 -3.03 15.05 25.77
N ILE H 86 -2.31 16.10 26.21
CA ILE H 86 -2.80 17.50 26.24
C ILE H 86 -1.72 18.50 25.83
N GLY H 90 -4.99 23.86 25.16
CA GLY H 90 -4.78 22.49 25.69
C GLY H 90 -5.96 21.54 25.46
N LYS H 91 -5.92 20.82 24.33
CA LYS H 91 -6.99 19.91 23.92
C LYS H 91 -6.60 18.44 24.14
N GLU H 92 -7.59 17.56 24.12
CA GLU H 92 -7.44 16.15 24.53
C GLU H 92 -7.41 15.13 23.37
N VAL H 93 -6.42 14.23 23.39
CA VAL H 93 -6.30 13.12 22.40
C VAL H 93 -5.71 11.82 22.99
N LEU H 94 -6.35 10.68 22.72
CA LEU H 94 -5.76 9.36 23.05
C LEU H 94 -4.94 8.82 21.88
N LYS H 95 -3.71 8.40 22.14
CA LYS H 95 -2.90 7.60 21.20
C LYS H 95 -2.85 6.15 21.69
N THR H 96 -3.31 5.19 20.87
CA THR H 96 -3.39 3.79 21.28
C THR H 96 -2.80 2.86 20.22
N MET H 97 -2.41 1.67 20.67
CA MET H 97 -2.12 0.56 19.78
C MET H 97 -2.91 -0.61 20.31
N TRP H 98 -3.27 -1.55 19.44
CA TRP H 98 -4.11 -2.65 19.84
C TRP H 98 -3.68 -3.96 19.18
N LEU H 99 -3.99 -5.06 19.84
CA LEU H 99 -3.84 -6.39 19.29
C LEU H 99 -5.23 -6.91 19.13
N LEU H 100 -5.52 -7.43 17.96
CA LEU H 100 -6.83 -8.04 17.76
C LEU H 100 -6.64 -9.54 17.63
N ARG H 101 -7.26 -10.24 18.57
CA ARG H 101 -7.05 -11.66 18.73
C ARG H 101 -8.20 -12.41 18.13
N SER H 102 -7.91 -13.35 17.22
CA SER H 102 -8.95 -14.18 16.59
C SER H 102 -9.11 -15.52 17.29
N SER H 103 -10.26 -16.16 17.08
CA SER H 103 -10.45 -17.52 17.49
C SER H 103 -9.92 -18.41 16.39
N VAL H 104 -8.88 -19.17 16.69
CA VAL H 104 -8.58 -20.30 15.85
C VAL H 104 -9.06 -21.51 16.63
N ASN H 105 -9.44 -22.54 15.89
CA ASN H 105 -10.01 -23.77 16.45
C ASN H 105 -8.97 -24.73 17.01
N ASP H 106 -7.80 -24.67 16.40
CA ASP H 106 -6.72 -25.57 16.69
C ASP H 106 -5.51 -24.73 17.11
N ILE H 107 -4.81 -25.17 18.17
CA ILE H 107 -3.50 -24.59 18.60
C ILE H 107 -2.36 -24.65 17.55
N GLY H 108 -2.41 -25.64 16.67
CA GLY H 108 -1.54 -25.72 15.51
C GLY H 108 -1.62 -24.48 14.63
N ASP H 109 -2.74 -23.74 14.75
CA ASP H 109 -3.01 -22.57 13.92
C ASP H 109 -2.89 -21.19 14.62
N ASP H 110 -2.26 -21.14 15.79
CA ASP H 110 -2.30 -19.93 16.63
C ASP H 110 -1.34 -18.77 16.19
N TRP H 111 -0.32 -19.11 15.41
CA TRP H 111 0.57 -18.09 14.82
C TRP H 111 -0.20 -17.01 14.05
N LYS H 112 -1.36 -17.36 13.48
CA LYS H 112 -2.13 -16.44 12.63
C LYS H 112 -3.17 -15.59 13.34
N ALA H 113 -3.37 -15.80 14.65
CA ALA H 113 -4.57 -15.23 15.31
C ALA H 113 -4.50 -13.76 15.69
N THR H 114 -3.31 -13.18 15.72
CA THR H 114 -3.15 -11.86 16.31
C THR H 114 -2.81 -10.84 15.26
N ARG H 115 -3.55 -9.77 15.32
CA ARG H 115 -3.41 -8.68 14.42
C ARG H 115 -3.06 -7.48 15.26
N VAL H 116 -2.43 -6.52 14.61
CA VAL H 116 -1.86 -5.39 15.26
C VAL H 116 -2.17 -4.10 14.48
N GLY H 117 -2.50 -3.06 15.20
CA GLY H 117 -2.62 -1.75 14.60
C GLY H 117 -2.64 -0.65 15.64
N TYR H 118 -3.43 0.38 15.35
CA TYR H 118 -3.44 1.55 16.17
C TYR H 118 -4.69 2.35 15.94
N ASN H 119 -4.93 3.30 16.85
CA ASN H 119 -6.05 4.24 16.77
C ASN H 119 -5.74 5.54 17.51
N ILE H 120 -5.95 6.68 16.86
CA ILE H 120 -5.93 8.00 17.52
C ILE H 120 -7.36 8.42 17.88
N PHE H 121 -7.62 8.64 19.17
CA PHE H 121 -8.96 9.07 19.61
C PHE H 121 -9.05 10.57 19.95
N THR H 122 -10.27 11.03 20.08
CA THR H 122 -10.60 12.44 20.01
C THR H 122 -12.03 12.56 20.55
N ARG H 123 -12.30 13.61 21.31
CA ARG H 123 -13.60 13.77 21.98
C ARG H 123 -14.74 14.10 21.01
N LEU H 124 -15.98 13.90 21.49
CA LEU H 124 -17.17 13.95 20.65
C LEU H 124 -18.15 15.00 21.14
N LYS I 6 0.22 8.21 91.11
CA LYS I 6 0.68 7.74 89.76
C LYS I 6 -0.42 7.03 88.93
N CYS I 7 -0.32 7.25 87.62
CA CYS I 7 -1.26 6.77 86.64
C CYS I 7 -0.74 5.54 85.96
N SER I 8 -1.38 4.42 86.22
CA SER I 8 -1.11 3.24 85.42
C SER I 8 -2.29 3.00 84.48
N LEU I 9 -1.95 2.97 83.20
CA LEU I 9 -2.89 2.67 82.12
C LEU I 9 -3.39 1.22 82.17
N THR I 10 -2.76 0.38 83.00
CA THR I 10 -3.25 -0.96 83.20
C THR I 10 -4.62 -0.84 83.80
N GLY I 11 -5.61 -1.44 83.14
CA GLY I 11 -6.96 -1.49 83.62
C GLY I 11 -8.01 -1.31 82.55
N LYS I 12 -9.26 -1.21 83.00
CA LYS I 12 -10.38 -0.98 82.10
C LYS I 12 -10.82 0.50 82.07
N TRP I 13 -10.91 1.08 80.88
CA TRP I 13 -11.34 2.48 80.76
C TRP I 13 -12.52 2.71 79.83
N THR I 14 -13.04 3.92 79.84
CA THR I 14 -14.21 4.26 79.08
C THR I 14 -14.23 5.73 78.60
N ASN I 15 -14.67 5.97 77.35
CA ASN I 15 -14.55 7.32 76.76
C ASN I 15 -15.86 7.97 76.40
N ASP I 16 -15.88 9.30 76.52
CA ASP I 16 -17.10 10.14 76.38
C ASP I 16 -18.11 9.70 75.31
N LEU I 17 -17.58 9.20 74.19
CA LEU I 17 -18.35 8.64 73.07
C LEU I 17 -19.05 7.30 73.35
N GLY I 18 -18.56 6.55 74.34
CA GLY I 18 -19.22 5.33 74.74
C GLY I 18 -18.39 4.08 74.56
N SER I 19 -17.10 4.24 74.27
CA SER I 19 -16.27 3.11 73.95
C SER I 19 -15.56 2.61 75.18
N ASN I 20 -15.10 1.35 75.11
CA ASN I 20 -14.28 0.78 76.16
C ASN I 20 -13.00 0.17 75.67
N MET I 21 -11.95 0.25 76.50
CA MET I 21 -10.66 -0.42 76.23
C MET I 21 -10.05 -1.03 77.47
N THR I 22 -9.24 -2.08 77.31
CA THR I 22 -8.64 -2.75 78.47
C THR I 22 -7.15 -2.93 78.29
N ILE I 23 -6.37 -2.53 79.29
CA ILE I 23 -4.91 -2.59 79.20
C ILE I 23 -4.23 -3.41 80.30
N GLY I 24 -3.31 -4.28 79.88
CA GLY I 24 -2.64 -5.20 80.76
C GLY I 24 -1.35 -4.65 81.31
N ALA I 25 -0.49 -5.56 81.74
CA ALA I 25 0.82 -5.27 82.29
C ALA I 25 1.56 -4.18 81.55
N VAL I 26 1.86 -3.09 82.27
CA VAL I 26 2.83 -2.12 81.77
C VAL I 26 4.23 -2.50 82.25
N ASN I 27 5.06 -2.91 81.30
CA ASN I 27 6.40 -3.38 81.63
C ASN I 27 7.42 -2.25 81.97
N SER I 28 8.69 -2.62 82.11
CA SER I 28 9.74 -1.70 82.57
C SER I 28 10.01 -0.59 81.57
N ARG I 29 9.90 -0.95 80.29
CA ARG I 29 10.06 0.00 79.18
C ARG I 29 8.79 0.78 78.94
N GLY I 30 7.79 0.52 79.78
CA GLY I 30 6.56 1.30 79.85
C GLY I 30 5.52 0.90 78.85
N GLU I 31 5.73 -0.25 78.22
CA GLU I 31 4.95 -0.66 77.04
C GLU I 31 3.68 -1.31 77.50
N PHE I 32 2.74 -1.57 76.59
CA PHE I 32 1.50 -2.29 76.93
C PHE I 32 0.67 -2.71 75.71
N THR I 33 -0.40 -3.44 76.00
CA THR I 33 -1.28 -4.11 75.05
C THR I 33 -2.67 -3.95 75.63
N GLY I 34 -3.65 -4.00 74.75
CA GLY I 34 -5.01 -4.07 75.19
C GLY I 34 -5.85 -4.21 73.96
N THR I 35 -7.15 -4.14 74.19
CA THR I 35 -8.13 -4.28 73.15
C THR I 35 -9.01 -3.06 73.26
N TYR I 36 -9.60 -2.67 72.14
CA TYR I 36 -10.52 -1.53 72.07
C TYR I 36 -11.87 -2.03 71.54
N ILE I 37 -12.95 -1.69 72.23
CA ILE I 37 -14.26 -1.88 71.62
C ILE I 37 -14.83 -0.49 71.40
N THR I 38 -14.83 -0.03 70.17
CA THR I 38 -15.43 1.26 69.94
C THR I 38 -16.95 1.18 69.86
N ALA I 39 -17.62 2.09 70.59
CA ALA I 39 -19.07 2.27 70.46
C ALA I 39 -19.36 3.10 69.21
N VAL I 40 -18.35 3.42 68.40
CA VAL I 40 -18.62 4.16 67.17
C VAL I 40 -17.57 3.89 66.10
N ALA I 41 -17.99 3.92 64.85
CA ALA I 41 -17.07 3.62 63.74
C ALA I 41 -17.80 4.06 62.52
N ASP I 42 -17.11 4.05 61.39
CA ASP I 42 -17.69 4.50 60.12
C ASP I 42 -18.80 3.60 59.65
N ASN I 43 -18.66 2.30 59.97
CA ASN I 43 -19.73 1.32 59.87
C ASN I 43 -19.79 0.53 61.19
N PRO I 44 -20.68 0.93 62.12
CA PRO I 44 -20.85 0.37 63.48
C PRO I 44 -21.44 -1.03 63.55
N GLY I 45 -21.92 -1.56 62.42
CA GLY I 45 -22.38 -2.96 62.37
C GLY I 45 -21.25 -3.93 62.06
N ASN I 46 -20.09 -3.39 61.65
CA ASN I 46 -18.94 -4.21 61.38
C ASN I 46 -18.01 -4.32 62.60
N ILE I 47 -18.28 -3.52 63.64
CA ILE I 47 -17.40 -3.39 64.83
C ILE I 47 -17.05 -4.70 65.47
N THR I 48 -15.76 -4.94 65.68
CA THR I 48 -15.27 -6.07 66.49
C THR I 48 -14.07 -5.56 67.25
N LEU I 49 -13.68 -6.24 68.33
CA LEU I 49 -12.55 -5.84 69.17
C LEU I 49 -11.26 -5.71 68.39
N SER I 50 -10.51 -4.65 68.65
CA SER I 50 -9.30 -4.48 67.90
C SER I 50 -8.07 -4.43 68.78
N PRO I 51 -6.92 -4.93 68.31
CA PRO I 51 -5.74 -4.80 69.14
C PRO I 51 -5.16 -3.34 69.14
N LEU I 52 -4.57 -3.03 70.30
CA LEU I 52 -3.99 -1.74 70.67
C LEU I 52 -2.54 -1.97 71.19
N LEU I 53 -1.60 -1.14 70.76
CA LEU I 53 -0.21 -1.22 71.23
C LEU I 53 0.32 0.19 71.63
N GLY I 54 0.85 0.32 72.85
CA GLY I 54 1.32 1.60 73.35
C GLY I 54 2.36 1.63 74.47
N ILE I 55 2.87 2.82 74.73
CA ILE I 55 3.96 3.03 75.67
C ILE I 55 3.65 4.29 76.42
N GLN I 56 4.06 4.31 77.69
CA GLN I 56 3.95 5.51 78.48
C GLN I 56 5.26 5.79 79.23
N HIS I 57 5.49 7.07 79.56
CA HIS I 57 6.48 7.43 80.56
C HIS I 57 6.07 6.82 81.90
N LYS I 58 7.05 6.18 82.54
CA LYS I 58 6.88 5.53 83.87
C LYS I 58 7.26 6.51 85.00
N ARG I 59 8.16 7.45 84.68
CA ARG I 59 8.73 8.36 85.68
C ARG I 59 7.70 9.31 86.29
N ALA I 60 7.09 10.12 85.41
CA ALA I 60 6.11 11.14 85.79
C ALA I 60 5.02 10.64 86.74
N SER I 61 4.37 11.55 87.43
CA SER I 61 3.18 11.18 88.20
C SER I 61 1.93 11.36 87.33
N GLN I 62 1.97 12.38 86.47
CA GLN I 62 0.99 12.64 85.44
C GLN I 62 1.67 12.39 84.10
N PRO I 63 1.78 11.12 83.69
CA PRO I 63 2.60 10.85 82.51
C PRO I 63 1.91 11.01 81.18
N THR I 64 2.73 11.17 80.20
CA THR I 64 2.27 11.38 78.87
C THR I 64 2.32 10.04 78.11
N PHE I 65 1.40 9.80 77.18
CA PHE I 65 1.41 8.45 76.59
C PHE I 65 0.98 8.33 75.15
N GLY I 66 1.22 7.18 74.53
CA GLY I 66 0.71 6.94 73.18
C GLY I 66 0.28 5.50 72.90
N PHE I 67 -0.76 5.33 72.08
CA PHE I 67 -1.05 4.00 71.53
C PHE I 67 -1.66 3.90 70.15
N THR I 68 -1.57 2.72 69.59
CA THR I 68 -2.10 2.46 68.25
C THR I 68 -3.24 1.47 68.36
N VAL I 69 -4.35 1.81 67.75
CA VAL I 69 -5.40 0.81 67.58
C VAL I 69 -5.42 0.35 66.12
N ASN I 70 -5.20 -0.95 65.91
CA ASN I 70 -5.25 -1.56 64.58
C ASN I 70 -6.59 -2.21 64.40
N TRP I 71 -7.38 -1.66 63.50
CA TRP I 71 -8.77 -2.08 63.37
C TRP I 71 -8.90 -3.40 62.63
N LYS I 72 -9.55 -4.34 63.27
CA LYS I 72 -9.68 -5.69 62.74
C LYS I 72 -10.84 -5.78 61.75
N PHE I 73 -11.59 -4.68 61.58
CA PHE I 73 -12.80 -4.72 60.76
C PHE I 73 -12.80 -3.70 59.63
N SER I 74 -11.67 -3.02 59.46
CA SER I 74 -11.46 -2.13 58.32
C SER I 74 -10.00 -2.07 58.05
N GLU I 75 -9.63 -1.18 57.15
CA GLU I 75 -8.25 -1.06 56.75
C GLU I 75 -7.60 0.16 57.41
N SER I 76 -8.30 0.69 58.40
CA SER I 76 -7.93 1.94 59.05
C SER I 76 -7.16 1.69 60.35
N THR I 77 -6.55 2.79 60.84
CA THR I 77 -5.78 2.87 62.09
C THR I 77 -6.09 4.23 62.75
N THR I 78 -6.09 4.20 64.08
CA THR I 78 -6.34 5.35 64.96
C THR I 78 -5.19 5.31 65.94
N VAL I 79 -4.50 6.43 66.10
CA VAL I 79 -3.38 6.56 67.08
C VAL I 79 -3.80 7.56 68.14
N PHE I 80 -3.43 7.33 69.40
CA PHE I 80 -3.75 8.33 70.47
C PHE I 80 -2.53 8.85 71.22
N THR I 81 -2.55 10.13 71.60
CA THR I 81 -1.79 10.58 72.78
C THR I 81 -2.64 11.40 73.71
N GLY I 82 -2.01 11.73 74.82
CA GLY I 82 -2.47 12.70 75.73
C GLY I 82 -1.67 12.49 76.99
N GLN I 83 -2.38 12.56 78.12
CA GLN I 83 -1.80 12.66 79.46
C GLN I 83 -2.81 12.33 80.58
N CYS I 84 -2.36 11.50 81.50
CA CYS I 84 -3.17 11.10 82.63
C CYS I 84 -3.07 12.06 83.84
N PHE I 85 -4.20 12.59 84.29
CA PHE I 85 -4.18 13.58 85.37
C PHE I 85 -4.80 13.07 86.67
N ILE I 86 -4.30 13.57 87.80
CA ILE I 86 -4.90 13.21 89.08
C ILE I 86 -5.53 14.40 89.80
N ASP I 87 -6.78 14.19 90.22
CA ASP I 87 -7.54 15.03 91.12
C ASP I 87 -6.79 15.43 92.35
N ARG I 88 -7.16 16.59 92.89
CA ARG I 88 -7.00 16.88 94.32
C ARG I 88 -7.92 15.97 95.15
N GLY I 90 -8.92 12.50 94.56
CA GLY I 90 -8.89 11.09 94.17
C GLY I 90 -8.50 10.70 92.72
N LYS I 91 -9.35 11.03 91.74
CA LYS I 91 -9.47 10.23 90.50
C LYS I 91 -8.57 10.55 89.26
N GLU I 92 -8.31 9.50 88.46
CA GLU I 92 -7.49 9.57 87.25
C GLU I 92 -8.38 9.76 86.05
N VAL I 93 -7.88 10.50 85.07
CA VAL I 93 -8.67 10.93 83.91
C VAL I 93 -7.70 11.17 82.74
N LEU I 94 -7.83 10.39 81.68
CA LEU I 94 -6.95 10.55 80.53
C LEU I 94 -7.50 11.58 79.59
N LYS I 95 -6.72 12.60 79.26
CA LYS I 95 -7.12 13.62 78.28
C LYS I 95 -6.34 13.34 77.00
N THR I 96 -7.06 13.09 75.91
CA THR I 96 -6.44 12.54 74.70
C THR I 96 -6.83 13.27 73.44
N MET I 97 -6.02 13.09 72.39
CA MET I 97 -6.38 13.48 71.04
C MET I 97 -5.92 12.39 70.09
N TRP I 98 -6.62 12.23 68.97
CA TRP I 98 -6.34 11.15 68.05
C TRP I 98 -6.29 11.49 66.57
N LEU I 99 -5.66 10.61 65.80
CA LEU I 99 -5.77 10.62 64.35
C LEU I 99 -6.29 9.28 63.85
N LEU I 100 -7.30 9.33 62.98
CA LEU I 100 -7.88 8.16 62.31
C LEU I 100 -7.47 8.18 60.84
N ARG I 101 -6.55 7.29 60.45
CA ARG I 101 -6.14 7.19 59.05
C ARG I 101 -7.00 6.13 58.37
N SER I 102 -7.24 6.33 57.08
CA SER I 102 -7.88 5.30 56.26
C SER I 102 -7.02 5.00 55.04
N SER I 103 -7.23 3.83 54.42
CA SER I 103 -6.61 3.51 53.15
C SER I 103 -7.15 4.47 52.15
N VAL I 104 -6.32 4.96 51.25
CA VAL I 104 -6.83 5.51 49.99
C VAL I 104 -6.13 4.69 48.94
N ASN I 105 -6.71 4.58 47.76
CA ASN I 105 -6.17 3.69 46.77
C ASN I 105 -4.99 4.31 46.12
N ASP I 106 -4.75 5.57 46.43
CA ASP I 106 -3.73 6.28 45.73
C ASP I 106 -3.26 7.57 46.39
N ILE I 107 -1.95 7.64 46.62
CA ILE I 107 -1.24 8.84 47.04
C ILE I 107 -1.82 10.22 46.60
N GLY I 108 -2.47 10.26 45.44
CA GLY I 108 -3.12 11.48 44.94
C GLY I 108 -4.34 11.80 45.78
N ASP I 109 -4.80 10.80 46.51
CA ASP I 109 -5.94 10.96 47.43
C ASP I 109 -5.53 11.06 48.91
N ASP I 110 -4.22 10.95 49.20
CA ASP I 110 -3.75 11.03 50.59
C ASP I 110 -4.39 12.17 51.40
N TRP I 111 -4.58 13.31 50.75
CA TRP I 111 -5.07 14.48 51.46
C TRP I 111 -6.39 14.26 52.20
N LYS I 112 -7.26 13.37 51.73
CA LYS I 112 -8.58 13.13 52.40
C LYS I 112 -8.45 12.14 53.52
N ALA I 113 -7.25 11.57 53.67
CA ALA I 113 -7.08 10.36 54.47
C ALA I 113 -7.12 10.49 55.99
N THR I 114 -7.04 11.68 56.55
CA THR I 114 -6.71 11.76 57.97
C THR I 114 -7.72 12.54 58.78
N ARG I 115 -8.19 11.96 59.87
CA ARG I 115 -9.20 12.61 60.72
C ARG I 115 -8.68 12.86 62.11
N VAL I 116 -9.13 13.92 62.75
CA VAL I 116 -8.65 14.25 64.10
C VAL I 116 -9.80 14.44 65.07
N GLY I 117 -9.55 14.14 66.33
CA GLY I 117 -10.52 14.37 67.40
C GLY I 117 -9.89 14.20 68.75
N TYR I 118 -10.72 14.20 69.80
CA TYR I 118 -10.24 14.06 71.16
C TYR I 118 -11.00 12.94 71.82
N ASN I 119 -10.91 12.89 73.13
CA ASN I 119 -11.44 11.82 73.93
C ASN I 119 -10.96 11.96 75.37
N ILE I 120 -11.89 11.78 76.30
CA ILE I 120 -11.61 11.74 77.72
C ILE I 120 -11.99 10.33 78.20
N PHE I 121 -11.07 9.67 78.91
CA PHE I 121 -11.33 8.36 79.45
C PHE I 121 -11.48 8.33 80.99
N THR I 122 -12.23 7.36 81.50
CA THR I 122 -12.31 7.12 82.94
C THR I 122 -12.33 5.63 83.30
N ARG I 123 -11.53 5.27 84.29
CA ARG I 123 -11.53 3.94 84.88
C ARG I 123 -12.96 3.44 85.14
N LEU I 124 -13.27 2.27 84.56
CA LEU I 124 -14.58 1.64 84.65
C LEU I 124 -14.80 0.97 86.02
N LYS J 6 8.03 41.80 50.53
CA LYS J 6 6.96 42.04 51.54
C LYS J 6 5.91 40.97 51.35
N CYS J 7 5.81 40.08 52.35
CA CYS J 7 4.94 38.90 52.27
C CYS J 7 3.50 39.29 52.38
N SER J 8 3.00 39.99 51.39
CA SER J 8 1.59 40.32 51.33
C SER J 8 0.86 39.18 50.62
N LEU J 9 -0.25 38.74 51.22
CA LEU J 9 -1.02 37.64 50.67
C LEU J 9 -1.77 38.00 49.39
N THR J 10 -1.96 39.29 49.17
CA THR J 10 -2.52 39.82 47.94
C THR J 10 -1.84 39.21 46.71
N GLY J 11 -2.63 38.70 45.77
CA GLY J 11 -2.08 38.04 44.58
C GLY J 11 -2.61 36.64 44.33
N LYS J 12 -2.04 35.99 43.34
CA LYS J 12 -2.47 34.67 42.92
C LYS J 12 -1.46 33.60 43.34
N TRP J 13 -2.00 32.55 43.97
CA TRP J 13 -1.22 31.51 44.61
C TRP J 13 -1.61 30.12 44.13
N THR J 14 -0.70 29.17 44.27
CA THR J 14 -1.01 27.76 43.98
C THR J 14 -0.36 26.85 45.00
N ASN J 15 -1.02 25.76 45.33
CA ASN J 15 -0.42 24.88 46.28
C ASN J 15 0.11 23.62 45.62
N ASP J 16 0.67 22.71 46.41
CA ASP J 16 1.27 21.46 45.92
C ASP J 16 0.27 20.42 45.39
N LEU J 17 -1.01 20.66 45.64
CA LEU J 17 -2.08 19.83 45.16
C LEU J 17 -2.67 20.44 43.88
N GLY J 18 -2.21 21.63 43.53
CA GLY J 18 -2.58 22.22 42.28
C GLY J 18 -3.82 23.08 42.32
N SER J 19 -4.30 23.39 43.51
CA SER J 19 -5.44 24.27 43.66
C SER J 19 -4.95 25.69 43.57
N ASN J 20 -5.88 26.63 43.40
CA ASN J 20 -5.52 27.99 43.17
C ASN J 20 -6.38 29.00 43.87
N MET J 21 -5.78 30.08 44.34
CA MET J 21 -6.55 31.16 44.95
C MET J 21 -6.00 32.51 44.59
N THR J 22 -6.87 33.49 44.56
CA THR J 22 -6.47 34.86 44.35
C THR J 22 -6.93 35.68 45.53
N ILE J 23 -6.02 36.45 46.09
CA ILE J 23 -6.34 37.28 47.23
C ILE J 23 -6.28 38.75 46.84
N GLY J 24 -7.35 39.45 47.17
CA GLY J 24 -7.45 40.88 46.90
C GLY J 24 -6.66 41.71 47.89
N ALA J 25 -7.02 42.98 47.98
CA ALA J 25 -6.29 43.92 48.79
C ALA J 25 -6.39 43.59 50.26
N VAL J 26 -5.24 43.51 50.91
CA VAL J 26 -5.22 43.34 52.33
C VAL J 26 -5.32 44.73 52.96
N ASN J 27 -6.43 44.97 53.64
CA ASN J 27 -6.72 46.30 54.16
C ASN J 27 -5.78 46.73 55.29
N SER J 28 -5.99 47.94 55.79
CA SER J 28 -5.11 48.54 56.81
C SER J 28 -5.10 47.76 58.13
N ARG J 29 -6.05 46.83 58.28
CA ARG J 29 -6.18 46.00 59.48
C ARG J 29 -5.92 44.52 59.23
N GLY J 30 -5.34 44.20 58.08
CA GLY J 30 -4.88 42.86 57.80
C GLY J 30 -5.90 41.92 57.19
N GLU J 31 -7.07 42.44 56.81
CA GLU J 31 -8.12 41.61 56.22
C GLU J 31 -8.01 41.54 54.73
N PHE J 32 -8.49 40.42 54.19
CA PHE J 32 -8.49 40.18 52.76
C PHE J 32 -9.63 39.26 52.34
N THR J 33 -9.99 39.36 51.08
CA THR J 33 -10.93 38.44 50.45
C THR J 33 -10.25 37.91 49.23
N GLY J 34 -10.74 36.76 48.80
CA GLY J 34 -10.26 36.13 47.60
C GLY J 34 -11.23 35.05 47.18
N THR J 35 -10.77 34.23 46.27
CA THR J 35 -11.55 33.15 45.71
C THR J 35 -10.65 31.96 45.64
N TYR J 36 -11.25 30.78 45.74
CA TYR J 36 -10.48 29.54 45.82
C TYR J 36 -11.02 28.56 44.83
N ILE J 37 -10.19 28.06 43.92
CA ILE J 37 -10.59 26.89 43.13
C ILE J 37 -9.80 25.69 43.56
N THR J 38 -10.50 24.76 44.20
CA THR J 38 -9.84 23.56 44.60
C THR J 38 -9.71 22.59 43.43
N ALA J 39 -8.51 22.06 43.26
CA ALA J 39 -8.20 21.03 42.29
C ALA J 39 -8.70 19.66 42.75
N VAL J 40 -9.15 19.56 43.99
CA VAL J 40 -9.52 18.28 44.52
C VAL J 40 -10.62 18.40 45.56
N ALA J 41 -11.45 17.36 45.71
CA ALA J 41 -12.61 17.33 46.66
C ALA J 41 -13.22 15.93 46.82
N ASP J 42 -14.30 15.85 47.61
CA ASP J 42 -15.00 14.59 47.85
C ASP J 42 -15.81 14.17 46.65
N ASN J 43 -16.55 15.09 46.06
CA ASN J 43 -17.17 14.87 44.75
C ASN J 43 -16.55 15.83 43.72
N PRO J 44 -15.50 15.39 43.02
CA PRO J 44 -14.80 16.33 42.14
C PRO J 44 -15.62 16.75 40.92
N GLY J 45 -16.72 16.03 40.66
CA GLY J 45 -17.66 16.42 39.63
C GLY J 45 -18.27 17.79 39.85
N ASN J 46 -18.34 18.22 41.12
CA ASN J 46 -19.11 19.40 41.54
C ASN J 46 -18.32 20.69 41.70
N ILE J 47 -17.02 20.58 41.64
CA ILE J 47 -16.18 21.71 41.96
C ILE J 47 -16.63 22.99 41.25
N THR J 48 -16.82 24.04 42.05
CA THR J 48 -17.03 25.40 41.56
C THR J 48 -16.14 26.37 42.36
N LEU J 49 -15.85 27.54 41.78
CA LEU J 49 -15.14 28.63 42.47
C LEU J 49 -15.80 28.97 43.80
N SER J 50 -15.00 29.04 44.86
CA SER J 50 -15.52 29.26 46.20
C SER J 50 -14.89 30.45 46.88
N PRO J 51 -15.67 31.16 47.71
CA PRO J 51 -15.26 32.37 48.43
C PRO J 51 -14.33 32.10 49.65
N LEU J 52 -13.59 33.13 50.03
CA LEU J 52 -12.53 33.03 51.03
C LEU J 52 -12.36 34.37 51.78
N LEU J 53 -12.24 34.29 53.11
CA LEU J 53 -11.98 35.46 53.97
C LEU J 53 -11.01 35.11 55.07
N GLY J 54 -10.13 36.05 55.43
CA GLY J 54 -9.19 35.87 56.52
C GLY J 54 -8.39 37.07 56.95
N ILE J 55 -7.57 36.88 57.98
CA ILE J 55 -6.77 37.94 58.54
C ILE J 55 -5.29 37.62 58.59
N GLN J 56 -4.49 38.53 58.07
CA GLN J 56 -3.04 38.46 58.10
C GLN J 56 -2.47 39.37 59.21
N HIS J 57 -1.28 39.06 59.69
CA HIS J 57 -0.55 39.98 60.53
C HIS J 57 0.16 40.96 59.64
N LYS J 58 0.13 42.24 59.99
CA LYS J 58 0.50 43.34 59.10
C LYS J 58 2.00 43.67 59.18
N ARG J 59 2.44 44.09 60.36
CA ARG J 59 3.81 44.60 60.46
C ARG J 59 4.84 43.53 60.11
N ALA J 60 4.67 42.33 60.66
CA ALA J 60 5.62 41.22 60.50
C ALA J 60 6.06 40.98 59.06
N SER J 61 7.37 40.77 58.88
CA SER J 61 7.98 40.54 57.56
C SER J 61 7.82 39.09 57.07
N GLN J 62 7.66 38.19 58.03
CA GLN J 62 7.20 36.81 57.80
C GLN J 62 6.00 36.52 58.70
N PRO J 63 4.79 36.89 58.24
CA PRO J 63 3.61 36.89 59.10
C PRO J 63 2.88 35.59 59.18
N THR J 64 2.08 35.52 60.22
CA THR J 64 1.16 34.47 60.50
C THR J 64 -0.16 34.95 59.95
N PHE J 65 -1.03 34.02 59.58
CA PHE J 65 -2.33 34.38 59.01
C PHE J 65 -3.30 33.25 59.10
N GLY J 66 -4.54 33.51 58.76
CA GLY J 66 -5.53 32.45 58.71
C GLY J 66 -6.76 32.89 57.92
N PHE J 67 -7.40 31.92 57.25
CA PHE J 67 -8.64 32.18 56.52
C PHE J 67 -9.58 30.98 56.40
N THR J 68 -10.85 31.29 56.15
CA THR J 68 -11.94 30.34 56.02
C THR J 68 -12.31 30.27 54.55
N VAL J 69 -12.57 29.05 54.04
CA VAL J 69 -13.10 28.84 52.70
C VAL J 69 -14.45 28.17 52.86
N ASN J 70 -15.50 28.79 52.33
CA ASN J 70 -16.88 28.28 52.38
C ASN J 70 -17.29 27.73 51.03
N TRP J 71 -17.30 26.40 50.92
CA TRP J 71 -17.51 25.70 49.65
C TRP J 71 -18.94 25.88 49.16
N LYS J 72 -19.08 26.30 47.91
CA LYS J 72 -20.40 26.56 47.39
C LYS J 72 -21.07 25.31 46.88
N PHE J 73 -20.29 24.25 46.63
CA PHE J 73 -20.80 23.01 46.02
C PHE J 73 -21.01 21.86 46.99
N SER J 74 -20.76 22.11 48.27
CA SER J 74 -20.99 21.12 49.31
C SER J 74 -21.43 21.84 50.54
N GLU J 75 -21.57 21.12 51.65
CA GLU J 75 -21.97 21.75 52.90
C GLU J 75 -20.80 21.98 53.86
N SER J 76 -19.59 21.71 53.39
CA SER J 76 -18.43 21.74 54.23
C SER J 76 -17.70 23.08 54.29
N THR J 77 -16.78 23.21 55.24
CA THR J 77 -16.00 24.42 55.42
C THR J 77 -14.56 23.94 55.67
N THR J 78 -13.60 24.66 55.11
CA THR J 78 -12.20 24.44 55.47
C THR J 78 -11.61 25.74 56.05
N VAL J 79 -10.76 25.61 57.06
CA VAL J 79 -9.99 26.73 57.60
C VAL J 79 -8.50 26.41 57.48
N PHE J 80 -7.69 27.42 57.13
CA PHE J 80 -6.24 27.27 56.91
C PHE J 80 -5.46 28.24 57.78
N THR J 81 -4.38 27.82 58.44
CA THR J 81 -3.40 28.81 58.93
C THR J 81 -2.03 28.43 58.53
N GLY J 82 -1.13 29.37 58.73
CA GLY J 82 0.25 29.17 58.40
C GLY J 82 0.98 30.48 58.55
N GLN J 83 2.06 30.59 57.79
CA GLN J 83 2.95 31.68 57.91
C GLN J 83 3.64 31.86 56.58
N CYS J 84 3.84 33.12 56.19
CA CYS J 84 4.54 33.42 54.96
C CYS J 84 6.01 33.49 55.26
N PHE J 85 6.80 32.67 54.58
CA PHE J 85 8.25 32.72 54.71
C PHE J 85 8.91 33.27 53.43
N ILE J 86 10.16 33.71 53.52
CA ILE J 86 10.90 33.98 52.31
C ILE J 86 11.90 32.84 52.25
N ASP J 87 11.58 31.86 51.43
CA ASP J 87 12.45 30.71 51.26
C ASP J 87 13.78 31.26 50.81
N ARG J 88 14.74 30.39 50.66
CA ARG J 88 16.09 30.85 50.47
C ARG J 88 16.36 31.43 49.09
N ASN J 89 15.60 31.00 48.09
CA ASN J 89 15.76 31.52 46.71
C ASN J 89 15.11 32.88 46.56
N GLY J 90 14.81 33.50 47.69
CA GLY J 90 14.20 34.82 47.73
C GLY J 90 12.73 34.76 47.40
N LYS J 91 12.22 33.56 47.15
CA LYS J 91 10.81 33.38 46.80
C LYS J 91 9.91 33.09 47.99
N GLU J 92 8.72 33.68 47.98
CA GLU J 92 7.78 33.53 49.09
C GLU J 92 7.09 32.19 49.03
N VAL J 93 6.59 31.73 50.18
CA VAL J 93 5.96 30.41 50.31
C VAL J 93 5.05 30.41 51.56
N LEU J 94 3.87 29.81 51.46
CA LEU J 94 2.96 29.77 52.59
C LEU J 94 2.86 28.34 53.12
N LYS J 95 3.42 28.12 54.31
CA LYS J 95 3.32 26.83 54.94
C LYS J 95 2.06 26.84 55.83
N THR J 96 1.10 25.98 55.51
CA THR J 96 -0.21 26.00 56.17
C THR J 96 -0.67 24.64 56.57
N MET J 97 -1.60 24.62 57.49
CA MET J 97 -2.32 23.42 57.84
C MET J 97 -3.79 23.78 57.79
N TRP J 98 -4.65 22.76 57.67
CA TRP J 98 -6.06 23.04 57.55
C TRP J 98 -6.87 22.00 58.26
N LEU J 99 -8.11 22.36 58.55
CA LEU J 99 -9.14 21.45 59.01
C LEU J 99 -10.25 21.60 58.00
N LEU J 100 -10.76 20.46 57.52
CA LEU J 100 -11.92 20.44 56.66
C LEU J 100 -13.02 19.84 57.48
N ARG J 101 -14.10 20.60 57.64
CA ARG J 101 -15.21 20.17 58.49
C ARG J 101 -16.36 19.73 57.64
N SER J 102 -16.73 18.46 57.74
CA SER J 102 -17.89 17.96 57.01
C SER J 102 -19.14 18.21 57.82
N SER J 103 -20.28 17.97 57.20
CA SER J 103 -21.54 18.11 57.88
C SER J 103 -22.15 16.77 58.24
N VAL J 104 -22.54 16.63 59.48
CA VAL J 104 -23.16 15.43 59.90
C VAL J 104 -24.54 15.81 60.42
N ASN J 105 -25.45 14.85 60.49
CA ASN J 105 -26.85 15.16 60.70
C ASN J 105 -27.22 15.17 62.18
N ASP J 106 -26.40 14.50 62.98
CA ASP J 106 -26.61 14.42 64.41
C ASP J 106 -25.35 14.82 65.18
N ILE J 107 -25.57 15.35 66.40
CA ILE J 107 -24.49 15.71 67.30
C ILE J 107 -23.55 14.50 67.65
N GLY J 108 -24.13 13.37 68.06
CA GLY J 108 -23.36 12.16 68.29
C GLY J 108 -22.47 11.64 67.17
N ASP J 109 -22.54 12.24 65.99
CA ASP J 109 -21.62 11.89 64.92
C ASP J 109 -20.53 12.96 64.74
N ASP J 110 -20.46 13.91 65.68
CA ASP J 110 -19.54 15.01 65.55
C ASP J 110 -18.13 14.48 65.49
N TRP J 111 -17.89 13.42 66.24
CA TRP J 111 -16.56 12.89 66.37
C TRP J 111 -15.84 12.73 65.04
N LYS J 112 -16.57 12.52 63.94
CA LYS J 112 -15.93 12.14 62.68
C LYS J 112 -15.91 13.20 61.58
N ALA J 113 -16.26 14.43 61.96
CA ALA J 113 -16.54 15.47 60.99
C ALA J 113 -15.31 16.25 60.61
N THR J 114 -14.23 16.08 61.34
CA THR J 114 -13.10 16.95 61.10
C THR J 114 -11.92 16.19 60.57
N ARG J 115 -11.41 16.68 59.44
CA ARG J 115 -10.27 16.14 58.73
C ARG J 115 -9.11 17.13 58.81
N VAL J 116 -7.87 16.66 58.81
CA VAL J 116 -6.76 17.56 58.98
C VAL J 116 -5.67 17.38 57.94
N GLY J 117 -5.02 18.46 57.52
CA GLY J 117 -3.97 18.31 56.57
C GLY J 117 -3.13 19.53 56.44
N TYR J 118 -2.19 19.46 55.51
CA TYR J 118 -1.31 20.56 55.22
C TYR J 118 -1.42 20.98 53.77
N ASN J 119 -0.73 22.06 53.44
CA ASN J 119 -0.62 22.57 52.10
C ASN J 119 0.49 23.60 52.04
N ILE J 120 1.18 23.60 50.91
CA ILE J 120 2.26 24.52 50.68
C ILE J 120 1.92 25.38 49.47
N PHE J 121 1.68 26.65 49.72
CA PHE J 121 1.35 27.59 48.65
C PHE J 121 2.55 28.34 48.10
N THR J 122 2.41 28.90 46.91
CA THR J 122 3.55 29.44 46.15
C THR J 122 3.03 30.32 45.01
N ARG J 123 3.50 31.56 44.94
CA ARG J 123 2.99 32.56 44.01
C ARG J 123 2.85 32.08 42.58
N LEU J 124 1.86 32.61 41.88
CA LEU J 124 1.49 32.12 40.57
C LEU J 124 1.54 33.21 39.50
N LYS K 6 58.37 10.72 -46.70
CA LYS K 6 57.38 11.24 -45.65
C LYS K 6 55.98 10.71 -45.91
N CYS K 7 55.00 11.47 -45.44
CA CYS K 7 53.61 11.33 -45.86
C CYS K 7 53.39 11.86 -47.26
N SER K 8 53.82 11.12 -48.26
CA SER K 8 53.52 11.47 -49.64
C SER K 8 52.45 10.50 -50.13
N LEU K 9 51.42 11.06 -50.75
CA LEU K 9 50.27 10.28 -51.21
C LEU K 9 50.54 9.23 -52.28
N THR K 10 51.71 9.31 -52.91
CA THR K 10 52.16 8.33 -53.89
C THR K 10 51.90 6.88 -53.42
N GLY K 11 51.83 5.93 -54.35
CA GLY K 11 51.48 4.58 -53.97
C GLY K 11 49.97 4.34 -53.88
N LYS K 12 49.61 3.24 -53.25
CA LYS K 12 48.25 2.77 -53.26
C LYS K 12 47.75 2.54 -51.85
N TRP K 13 46.49 2.88 -51.59
CA TRP K 13 45.99 2.93 -50.22
C TRP K 13 44.76 2.08 -50.12
N THR K 14 44.48 1.62 -48.90
CA THR K 14 43.29 0.86 -48.59
C THR K 14 42.52 1.56 -47.49
N ASN K 15 41.19 1.57 -47.59
CA ASN K 15 40.40 2.15 -46.51
C ASN K 15 39.47 1.15 -45.88
N ASP K 16 38.92 1.58 -44.74
CA ASP K 16 37.97 0.82 -43.87
C ASP K 16 36.70 0.24 -44.47
N LEU K 17 36.48 0.44 -45.77
CA LEU K 17 35.29 -0.08 -46.42
C LEU K 17 35.74 -1.08 -47.44
N GLY K 18 37.03 -1.39 -47.40
CA GLY K 18 37.61 -2.26 -48.40
C GLY K 18 38.00 -1.54 -49.67
N SER K 19 37.78 -0.24 -49.75
CA SER K 19 38.16 0.43 -50.97
C SER K 19 39.68 0.64 -51.16
N ASN K 20 40.06 0.68 -52.44
CA ASN K 20 41.43 0.91 -52.87
C ASN K 20 41.61 2.02 -53.85
N MET K 21 42.72 2.75 -53.73
CA MET K 21 43.15 3.71 -54.78
C MET K 21 44.65 3.70 -54.98
N THR K 22 45.10 4.16 -56.16
CA THR K 22 46.51 4.27 -56.47
C THR K 22 46.76 5.70 -56.89
N ILE K 23 47.88 6.25 -56.47
CA ILE K 23 48.16 7.66 -56.72
C ILE K 23 49.59 7.81 -57.20
N GLY K 24 49.74 8.21 -58.46
CA GLY K 24 51.05 8.40 -59.04
C GLY K 24 51.75 9.58 -58.40
N ALA K 25 52.83 9.99 -59.04
CA ALA K 25 53.75 11.04 -58.60
C ALA K 25 53.05 12.36 -58.35
N VAL K 26 53.50 13.08 -57.33
CA VAL K 26 53.06 14.46 -57.09
C VAL K 26 54.16 15.49 -57.45
N ASN K 27 53.76 16.46 -58.24
CA ASN K 27 54.70 17.32 -58.92
C ASN K 27 55.12 18.54 -58.07
N SER K 28 55.97 19.40 -58.63
CA SER K 28 56.48 20.59 -57.95
C SER K 28 55.40 21.38 -57.18
N ARG K 29 54.14 21.04 -57.45
CA ARG K 29 52.99 21.85 -57.07
C ARG K 29 52.01 21.15 -56.13
N GLY K 30 52.15 19.83 -55.97
CA GLY K 30 51.44 19.14 -54.92
C GLY K 30 50.26 18.35 -55.43
N GLU K 31 50.14 18.29 -56.75
CA GLU K 31 48.98 17.69 -57.38
C GLU K 31 49.34 16.34 -57.89
N PHE K 32 48.36 15.47 -57.76
CA PHE K 32 48.54 14.09 -58.10
C PHE K 32 47.32 13.61 -58.85
N THR K 33 47.52 12.57 -59.64
CA THR K 33 46.47 11.86 -60.33
C THR K 33 46.42 10.48 -59.73
N GLY K 34 45.19 9.96 -59.63
CA GLY K 34 45.00 8.61 -59.18
C GLY K 34 43.87 7.92 -59.87
N THR K 35 43.74 6.63 -59.60
CA THR K 35 42.61 5.84 -59.99
C THR K 35 42.05 5.27 -58.68
N TYR K 36 40.74 5.00 -58.65
CA TYR K 36 40.01 4.65 -57.41
C TYR K 36 38.98 3.55 -57.62
N ILE K 37 39.18 2.37 -57.03
CA ILE K 37 38.15 1.30 -56.98
C ILE K 37 37.36 1.35 -55.67
N THR K 38 36.24 2.06 -55.75
CA THR K 38 35.27 2.11 -54.68
C THR K 38 34.94 0.68 -54.36
N ALA K 39 34.76 0.36 -53.09
CA ALA K 39 34.27 -0.99 -52.74
C ALA K 39 32.76 -1.04 -52.56
N VAL K 40 32.10 0.12 -52.53
CA VAL K 40 30.65 0.15 -52.46
C VAL K 40 30.04 1.31 -53.29
N ALA K 41 28.74 1.25 -53.57
CA ALA K 41 28.09 2.33 -54.33
C ALA K 41 26.58 2.16 -54.28
N ASP K 42 25.90 2.88 -55.16
CA ASP K 42 24.46 2.83 -55.26
C ASP K 42 24.02 1.71 -56.19
N ASN K 43 24.70 1.59 -57.35
CA ASN K 43 24.59 0.40 -58.20
C ASN K 43 25.90 -0.39 -58.25
N PRO K 44 26.08 -1.27 -57.27
CA PRO K 44 27.30 -2.06 -57.15
C PRO K 44 27.64 -2.81 -58.44
N GLY K 45 26.66 -3.44 -59.08
CA GLY K 45 26.93 -4.14 -60.34
C GLY K 45 27.76 -3.31 -61.28
N ASN K 46 27.66 -1.98 -61.14
CA ASN K 46 28.14 -1.00 -62.13
C ASN K 46 29.53 -0.48 -61.99
N ILE K 47 30.10 -0.64 -60.79
CA ILE K 47 31.40 -0.09 -60.41
C ILE K 47 32.52 -0.27 -61.45
N THR K 48 33.41 0.71 -61.52
CA THR K 48 34.58 0.69 -62.39
C THR K 48 35.68 1.58 -61.78
N LEU K 49 36.94 1.35 -62.19
CA LEU K 49 37.97 2.32 -61.90
C LEU K 49 37.45 3.67 -62.31
N SER K 50 37.48 4.60 -61.37
CA SER K 50 37.12 5.97 -61.62
C SER K 50 38.41 6.75 -61.38
N PRO K 51 38.63 7.84 -62.14
CA PRO K 51 39.82 8.65 -61.98
C PRO K 51 39.73 9.62 -60.79
N LEU K 52 40.87 10.23 -60.48
CA LEU K 52 41.07 10.93 -59.23
C LEU K 52 42.05 12.09 -59.45
N LEU K 53 41.69 13.22 -58.83
CA LEU K 53 42.48 14.43 -58.88
C LEU K 53 42.49 15.20 -57.57
N GLY K 54 43.68 15.46 -57.05
CA GLY K 54 43.78 16.16 -55.79
C GLY K 54 45.04 17.00 -55.72
N ILE K 55 45.20 17.61 -54.55
CA ILE K 55 46.32 18.46 -54.22
C ILE K 55 46.57 18.22 -52.74
N GLN K 56 47.80 17.90 -52.41
CA GLN K 56 48.21 17.75 -51.03
C GLN K 56 49.29 18.79 -50.79
N HIS K 57 49.41 19.26 -49.55
CA HIS K 57 50.50 20.18 -49.17
C HIS K 57 51.81 19.41 -49.15
N LYS K 58 52.91 20.13 -49.29
CA LYS K 58 54.22 19.48 -49.36
C LYS K 58 55.16 19.86 -48.21
N ARG K 59 55.07 21.11 -47.76
CA ARG K 59 55.87 21.64 -46.66
C ARG K 59 55.72 20.90 -45.34
N ALA K 60 54.59 20.23 -45.11
CA ALA K 60 54.41 19.50 -43.86
C ALA K 60 54.64 17.99 -43.95
N SER K 61 54.94 17.42 -42.80
CA SER K 61 55.10 15.99 -42.67
C SER K 61 53.77 15.31 -42.32
N GLN K 62 52.84 16.10 -41.83
CA GLN K 62 51.47 15.64 -41.72
C GLN K 62 50.58 16.54 -42.57
N PRO K 63 50.73 16.46 -43.90
CA PRO K 63 49.96 17.39 -44.71
C PRO K 63 48.50 17.05 -44.78
N THR K 64 47.73 18.12 -44.93
CA THR K 64 46.35 18.14 -45.31
C THR K 64 46.28 17.96 -46.83
N PHE K 65 45.18 17.38 -47.30
CA PHE K 65 45.02 17.18 -48.74
C PHE K 65 43.54 17.19 -49.13
N GLY K 66 43.30 17.31 -50.43
CA GLY K 66 41.99 17.06 -50.95
C GLY K 66 42.13 16.41 -52.29
N PHE K 67 41.11 15.60 -52.62
CA PHE K 67 40.92 15.17 -54.02
C PHE K 67 39.47 14.96 -54.39
N THR K 68 39.26 14.71 -55.68
CA THR K 68 37.95 14.58 -56.29
C THR K 68 37.94 13.32 -57.15
N VAL K 69 36.98 12.46 -56.87
CA VAL K 69 36.80 11.26 -57.66
C VAL K 69 35.66 11.55 -58.59
N ASN K 70 35.82 11.22 -59.85
CA ASN K 70 34.76 11.32 -60.80
C ASN K 70 34.28 9.91 -61.12
N TRP K 71 33.15 9.53 -60.50
CA TRP K 71 32.55 8.23 -60.73
C TRP K 71 32.16 8.06 -62.19
N LYS K 72 33.09 7.40 -62.90
CA LYS K 72 33.02 7.08 -64.32
C LYS K 72 31.91 6.07 -64.69
N PHE K 73 31.05 5.72 -63.73
CA PHE K 73 29.89 4.81 -63.94
C PHE K 73 28.58 5.39 -63.38
N SER K 74 28.59 6.68 -62.99
CA SER K 74 27.38 7.37 -62.51
C SER K 74 27.36 8.80 -62.99
N GLU K 75 26.23 9.47 -62.79
CA GLU K 75 26.10 10.90 -63.06
C GLU K 75 26.67 11.75 -61.90
N SER K 76 27.45 11.13 -61.01
CA SER K 76 27.76 11.77 -59.70
C SER K 76 29.25 11.88 -59.21
N THR K 77 29.49 12.70 -58.18
CA THR K 77 30.86 13.10 -57.74
C THR K 77 31.12 13.08 -56.21
N THR K 78 32.29 12.57 -55.82
CA THR K 78 32.70 12.57 -54.40
C THR K 78 34.03 13.28 -54.23
N VAL K 79 34.08 14.17 -53.24
CA VAL K 79 35.31 14.86 -52.90
C VAL K 79 35.73 14.40 -51.51
N PHE K 80 37.04 14.23 -51.33
CA PHE K 80 37.63 13.80 -50.08
C PHE K 80 38.62 14.84 -49.57
N THR K 81 38.50 15.22 -48.28
CA THR K 81 39.64 15.80 -47.55
C THR K 81 39.96 15.17 -46.22
N GLY K 82 41.17 15.49 -45.76
CA GLY K 82 41.72 15.11 -44.47
C GLY K 82 43.23 15.27 -44.46
N GLN K 83 43.88 14.57 -43.56
CA GLN K 83 45.29 14.79 -43.26
C GLN K 83 46.02 13.46 -43.18
N CYS K 84 47.29 13.43 -43.62
CA CYS K 84 48.18 12.28 -43.38
C CYS K 84 48.87 12.37 -42.00
N PHE K 85 48.77 11.35 -41.17
CA PHE K 85 49.41 11.36 -39.80
C PHE K 85 50.41 10.22 -39.65
N ILE K 86 51.16 10.19 -38.52
CA ILE K 86 52.26 9.24 -38.27
C ILE K 86 52.37 8.75 -36.80
N GLY K 90 56.10 4.33 -35.85
CA GLY K 90 55.21 5.35 -36.45
C GLY K 90 54.97 5.22 -37.96
N LYS K 91 53.72 4.93 -38.34
CA LYS K 91 53.28 4.67 -39.74
C LYS K 91 52.11 5.53 -40.27
N GLU K 92 51.96 5.53 -41.60
CA GLU K 92 51.05 6.41 -42.30
C GLU K 92 49.57 6.07 -42.18
N VAL K 93 48.78 7.09 -41.95
CA VAL K 93 47.32 6.99 -41.84
C VAL K 93 46.68 8.26 -42.43
N LEU K 94 45.52 8.08 -43.10
CA LEU K 94 44.73 9.15 -43.68
C LEU K 94 43.33 9.14 -43.09
N LYS K 95 43.09 10.14 -42.25
CA LYS K 95 41.78 10.36 -41.66
C LYS K 95 41.18 11.38 -42.59
N THR K 96 39.98 11.10 -43.12
CA THR K 96 39.36 11.93 -44.18
C THR K 96 37.90 11.90 -44.07
N MET K 97 37.26 13.01 -44.29
CA MET K 97 35.82 13.00 -44.44
C MET K 97 35.40 13.35 -45.85
N TRP K 98 34.16 13.03 -46.25
CA TRP K 98 33.73 13.27 -47.64
C TRP K 98 32.30 13.71 -47.87
N LEU K 99 32.09 14.18 -49.09
CA LEU K 99 30.79 14.62 -49.57
C LEU K 99 30.61 13.95 -50.90
N LEU K 100 29.49 13.24 -51.04
CA LEU K 100 29.09 12.62 -52.30
C LEU K 100 27.89 13.37 -52.82
N ARG K 101 28.00 13.82 -54.07
CA ARG K 101 26.95 14.63 -54.71
C ARG K 101 26.20 13.86 -55.78
N SER K 102 24.91 13.65 -55.59
CA SER K 102 24.09 13.00 -56.61
C SER K 102 23.54 14.07 -57.55
N SER K 103 23.17 13.69 -58.77
CA SER K 103 22.55 14.61 -59.71
C SER K 103 21.04 14.68 -59.46
N VAL K 104 20.49 15.88 -59.46
CA VAL K 104 19.04 16.00 -59.55
C VAL K 104 18.71 16.57 -60.93
N ASN K 105 17.42 16.66 -61.28
CA ASN K 105 17.06 17.17 -62.60
C ASN K 105 16.63 18.61 -62.57
N ASP K 106 16.07 19.02 -61.43
CA ASP K 106 15.63 20.39 -61.26
C ASP K 106 16.33 21.02 -60.04
N ILE K 107 16.61 22.33 -60.14
CA ILE K 107 17.28 23.08 -59.06
C ILE K 107 16.49 23.02 -57.75
N GLY K 108 15.18 22.85 -57.83
CA GLY K 108 14.35 22.79 -56.63
C GLY K 108 14.59 21.57 -55.77
N ASP K 109 15.22 20.55 -56.33
CA ASP K 109 15.46 19.29 -55.62
C ASP K 109 16.86 19.24 -54.99
N ASP K 110 17.50 20.40 -54.90
CA ASP K 110 18.92 20.47 -54.52
C ASP K 110 19.19 20.15 -53.04
N TRP K 111 18.37 20.70 -52.16
CA TRP K 111 18.46 20.41 -50.72
C TRP K 111 18.88 18.94 -50.43
N LYS K 112 18.62 18.04 -51.36
CA LYS K 112 18.75 16.63 -51.05
C LYS K 112 19.87 15.88 -51.74
N ALA K 113 20.62 16.57 -52.58
CA ALA K 113 21.60 15.91 -53.43
C ALA K 113 22.95 15.57 -52.79
N THR K 114 23.09 15.79 -51.48
CA THR K 114 24.41 15.67 -50.82
C THR K 114 24.48 14.79 -49.58
N ARG K 115 25.31 13.77 -49.68
CA ARG K 115 25.60 12.89 -48.56
C ARG K 115 27.01 13.18 -48.04
N VAL K 116 27.22 12.90 -46.75
CA VAL K 116 28.50 13.09 -46.07
C VAL K 116 28.90 11.77 -45.39
N GLY K 117 30.19 11.49 -45.30
CA GLY K 117 30.64 10.35 -44.52
C GLY K 117 32.08 10.54 -44.11
N TYR K 118 32.86 9.47 -44.19
CA TYR K 118 34.29 9.52 -43.82
C TYR K 118 34.94 8.21 -44.16
N ASN K 119 36.27 8.24 -44.22
CA ASN K 119 37.05 7.04 -44.43
C ASN K 119 38.43 7.23 -43.92
N ILE K 120 39.11 6.10 -43.75
CA ILE K 120 40.35 6.02 -43.01
C ILE K 120 41.19 5.12 -43.84
N PHE K 121 42.32 5.65 -44.30
CA PHE K 121 43.12 4.96 -45.28
C PHE K 121 44.45 4.55 -44.74
N THR K 122 44.95 3.40 -45.21
CA THR K 122 46.23 2.80 -44.78
C THR K 122 46.97 2.33 -46.01
N ARG K 123 48.30 2.40 -46.03
CA ARG K 123 49.02 1.90 -47.22
C ARG K 123 48.74 0.43 -47.45
N LEU K 124 49.04 -0.05 -48.65
CA LEU K 124 48.80 -1.45 -49.00
C LEU K 124 50.08 -2.17 -49.44
N LYS L 6 15.28 -5.62 -30.85
CA LYS L 6 14.92 -4.30 -30.24
C LYS L 6 16.15 -3.55 -29.75
N CYS L 7 16.23 -2.28 -30.14
CA CYS L 7 17.35 -1.39 -29.96
C CYS L 7 16.93 -0.13 -29.20
N SER L 8 16.69 -0.26 -27.90
CA SER L 8 16.33 0.88 -27.06
C SER L 8 17.57 1.69 -26.68
N LEU L 9 17.54 3.00 -26.92
CA LEU L 9 18.64 3.89 -26.56
C LEU L 9 18.81 4.07 -25.04
N THR L 10 17.76 3.78 -24.29
CA THR L 10 17.81 3.76 -22.83
C THR L 10 19.03 2.96 -22.38
N GLY L 11 19.84 3.56 -21.51
CA GLY L 11 21.02 2.88 -21.00
C GLY L 11 22.30 3.66 -21.15
N LYS L 12 23.41 3.02 -20.76
CA LYS L 12 24.72 3.66 -20.74
C LYS L 12 25.58 3.25 -21.93
N TRP L 13 26.14 4.25 -22.58
CA TRP L 13 26.83 4.06 -23.84
C TRP L 13 28.22 4.67 -23.85
N THR L 14 29.09 4.12 -24.69
CA THR L 14 30.40 4.72 -24.95
C THR L 14 30.80 4.73 -26.42
N ASN L 15 31.48 5.78 -26.84
CA ASN L 15 31.91 5.88 -28.24
C ASN L 15 33.40 5.63 -28.42
N ASP L 16 33.83 5.54 -29.66
CA ASP L 16 35.23 5.25 -30.00
C ASP L 16 36.25 6.32 -29.54
N LEU L 17 35.74 7.43 -29.02
CA LEU L 17 36.56 8.54 -28.54
C LEU L 17 36.58 8.50 -27.03
N GLY L 18 35.76 7.63 -26.46
CA GLY L 18 35.78 7.37 -25.04
C GLY L 18 34.86 8.26 -24.24
N SER L 19 33.96 8.95 -24.92
CA SER L 19 32.97 9.74 -24.21
C SER L 19 31.83 8.82 -23.79
N ASN L 20 31.01 9.31 -22.87
CA ASN L 20 29.95 8.49 -22.27
C ASN L 20 28.66 9.23 -22.08
N MET L 21 27.57 8.52 -22.30
CA MET L 21 26.26 9.07 -22.08
C MET L 21 25.34 8.04 -21.51
N THR L 22 24.38 8.51 -20.72
CA THR L 22 23.32 7.66 -20.21
C THR L 22 22.01 8.20 -20.69
N ILE L 23 21.18 7.33 -21.23
CA ILE L 23 19.86 7.71 -21.68
C ILE L 23 18.80 7.11 -20.78
N GLY L 24 17.88 7.97 -20.36
CA GLY L 24 16.75 7.59 -19.53
C GLY L 24 15.66 6.93 -20.34
N ALA L 25 14.48 6.83 -19.71
CA ALA L 25 13.35 6.14 -20.30
C ALA L 25 12.94 6.80 -21.60
N VAL L 26 12.83 5.99 -22.63
CA VAL L 26 12.29 6.46 -23.88
C VAL L 26 10.78 6.30 -23.75
N ASN L 27 10.09 7.44 -23.74
CA ASN L 27 8.64 7.47 -23.53
C ASN L 27 7.84 6.86 -24.69
N SER L 28 6.51 6.84 -24.56
CA SER L 28 5.63 6.20 -25.54
C SER L 28 5.65 6.85 -26.93
N ARG L 29 6.26 8.04 -27.03
CA ARG L 29 6.36 8.75 -28.29
C ARG L 29 7.80 8.89 -28.77
N GLY L 30 8.71 8.12 -28.19
CA GLY L 30 10.08 8.02 -28.68
C GLY L 30 11.07 9.04 -28.14
N GLU L 31 10.66 9.82 -27.13
CA GLU L 31 11.54 10.81 -26.50
C GLU L 31 12.37 10.25 -25.36
N PHE L 32 13.55 10.85 -25.16
CA PHE L 32 14.45 10.47 -24.06
C PHE L 32 15.32 11.63 -23.58
N THR L 33 15.74 11.56 -22.32
CA THR L 33 16.72 12.48 -21.79
C THR L 33 17.88 11.63 -21.37
N GLY L 34 19.03 12.27 -21.26
CA GLY L 34 20.21 11.62 -20.75
C GLY L 34 21.20 12.67 -20.34
N THR L 35 22.44 12.24 -20.17
CA THR L 35 23.53 13.12 -19.80
C THR L 35 24.76 12.70 -20.60
N TYR L 36 25.60 13.67 -20.92
CA TYR L 36 26.75 13.43 -21.79
C TYR L 36 28.03 13.92 -21.14
N ILE L 37 28.99 13.02 -20.95
CA ILE L 37 30.34 13.46 -20.57
C ILE L 37 31.26 13.24 -21.74
N THR L 38 31.67 14.35 -22.32
CA THR L 38 32.62 14.28 -23.43
C THR L 38 34.04 14.07 -22.93
N ALA L 39 34.69 13.06 -23.50
CA ALA L 39 36.11 12.80 -23.23
C ALA L 39 37.03 13.81 -23.93
N VAL L 40 36.47 14.66 -24.77
CA VAL L 40 37.32 15.57 -25.55
C VAL L 40 36.56 16.85 -25.83
N ALA L 41 37.28 17.95 -26.00
CA ALA L 41 36.66 19.26 -26.28
C ALA L 41 37.72 20.29 -26.69
N ASP L 42 37.27 21.52 -26.98
CA ASP L 42 38.17 22.63 -27.37
C ASP L 42 39.05 23.13 -26.23
N ASN L 43 38.45 23.29 -25.05
CA ASN L 43 39.21 23.53 -23.84
C ASN L 43 38.95 22.37 -22.90
N PRO L 44 39.83 21.34 -22.91
CA PRO L 44 39.51 20.13 -22.17
C PRO L 44 39.60 20.35 -20.67
N GLY L 45 40.22 21.46 -20.27
CA GLY L 45 40.24 21.88 -18.87
C GLY L 45 38.87 22.09 -18.25
N ASN L 46 37.88 22.46 -19.08
CA ASN L 46 36.57 22.91 -18.60
C ASN L 46 35.46 21.86 -18.55
N ILE L 47 35.72 20.69 -19.13
CA ILE L 47 34.69 19.67 -19.33
C ILE L 47 33.83 19.45 -18.10
N THR L 48 32.52 19.56 -18.29
CA THR L 48 31.55 19.21 -17.26
C THR L 48 30.41 18.38 -17.89
N LEU L 49 29.72 17.60 -17.06
CA LEU L 49 28.54 16.81 -17.46
C LEU L 49 27.51 17.72 -18.15
N SER L 50 27.12 17.35 -19.37
CA SER L 50 26.20 18.17 -20.13
C SER L 50 24.90 17.44 -20.45
N PRO L 51 23.79 18.21 -20.56
CA PRO L 51 22.44 17.70 -20.85
C PRO L 51 22.17 17.36 -22.33
N LEU L 52 21.17 16.52 -22.54
CA LEU L 52 20.94 15.86 -23.81
C LEU L 52 19.44 15.54 -23.97
N LEU L 53 18.84 15.99 -25.08
CA LEU L 53 17.53 15.48 -25.51
C LEU L 53 17.38 15.11 -26.97
N GLY L 54 16.52 14.14 -27.24
CA GLY L 54 16.27 13.72 -28.61
C GLY L 54 15.11 12.75 -28.82
N ILE L 55 14.90 12.40 -30.10
CA ILE L 55 13.81 11.51 -30.47
C ILE L 55 14.29 10.29 -31.26
N GLN L 56 13.80 9.13 -30.83
CA GLN L 56 14.01 7.86 -31.50
C GLN L 56 12.74 7.42 -32.23
N HIS L 57 12.91 6.54 -33.19
CA HIS L 57 11.80 5.84 -33.82
C HIS L 57 11.43 4.62 -33.01
N LYS L 58 10.13 4.43 -32.77
CA LYS L 58 9.62 3.37 -31.90
C LYS L 58 9.46 2.04 -32.64
N ALA L 60 10.38 0.46 -35.23
CA ALA L 60 11.55 -0.03 -35.97
C ALA L 60 12.54 -0.79 -35.08
N SER L 61 12.92 -1.99 -35.52
CA SER L 61 13.80 -2.88 -34.78
C SER L 61 15.26 -2.44 -34.90
N GLN L 62 15.54 -1.71 -35.97
CA GLN L 62 16.80 -1.00 -36.12
C GLN L 62 16.48 0.46 -36.46
N PRO L 63 16.24 1.28 -35.42
CA PRO L 63 15.67 2.60 -35.61
C PRO L 63 16.66 3.70 -35.90
N THR L 64 16.11 4.75 -36.48
CA THR L 64 16.82 5.97 -36.73
C THR L 64 16.52 6.85 -35.52
N PHE L 65 17.39 7.80 -35.23
CA PHE L 65 17.18 8.67 -34.08
C PHE L 65 18.03 9.91 -34.17
N GLY L 66 17.74 10.92 -33.36
CA GLY L 66 18.54 12.13 -33.28
C GLY L 66 18.43 12.82 -31.93
N PHE L 67 19.51 13.49 -31.52
CA PHE L 67 19.51 14.28 -30.30
C PHE L 67 20.44 15.48 -30.30
N THR L 68 20.16 16.42 -29.40
CA THR L 68 20.92 17.64 -29.22
C THR L 68 21.69 17.56 -27.91
N VAL L 69 22.91 18.08 -27.88
CA VAL L 69 23.68 18.19 -26.65
C VAL L 69 24.04 19.66 -26.43
N ASN L 70 23.65 20.20 -25.28
CA ASN L 70 23.92 21.59 -24.94
C ASN L 70 25.03 21.68 -23.89
N TRP L 71 26.24 21.99 -24.35
CA TRP L 71 27.43 22.04 -23.49
C TRP L 71 27.33 23.11 -22.43
N LYS L 72 27.53 22.72 -21.17
CA LYS L 72 27.42 23.68 -20.06
C LYS L 72 28.69 24.50 -19.80
N PHE L 73 29.80 24.07 -20.38
CA PHE L 73 31.10 24.72 -20.12
C PHE L 73 31.58 25.63 -21.25
N SER L 74 30.77 25.73 -22.30
CA SER L 74 31.07 26.52 -23.50
C SER L 74 29.78 27.07 -24.07
N GLU L 75 29.88 27.72 -25.22
CA GLU L 75 28.72 28.32 -25.85
C GLU L 75 28.18 27.49 -27.01
N SER L 76 28.80 26.34 -27.24
CA SER L 76 28.51 25.58 -28.46
C SER L 76 27.43 24.53 -28.26
N THR L 77 26.93 24.00 -29.38
CA THR L 77 25.94 22.95 -29.37
C THR L 77 26.41 21.85 -30.30
N THR L 78 26.08 20.61 -29.98
CA THR L 78 26.30 19.53 -30.92
C THR L 78 25.01 18.75 -31.13
N VAL L 79 24.74 18.36 -32.36
CA VAL L 79 23.60 17.49 -32.67
C VAL L 79 24.09 16.21 -33.33
N PHE L 80 23.44 15.10 -33.02
CA PHE L 80 23.81 13.76 -33.46
C PHE L 80 22.63 13.11 -34.16
N THR L 81 22.88 12.42 -35.27
CA THR L 81 21.92 11.41 -35.74
C THR L 81 22.64 10.15 -36.15
N GLY L 82 21.86 9.08 -36.16
CA GLY L 82 22.36 7.81 -36.58
C GLY L 82 21.25 6.81 -36.60
N GLN L 83 21.63 5.55 -36.44
CA GLN L 83 20.71 4.44 -36.45
C GLN L 83 21.29 3.35 -35.54
N CYS L 84 20.41 2.67 -34.81
CA CYS L 84 20.83 1.53 -34.00
C CYS L 84 20.79 0.24 -34.80
N PHE L 85 21.94 -0.41 -34.95
CA PHE L 85 22.00 -1.70 -35.65
C PHE L 85 22.20 -2.86 -34.66
N ILE L 86 22.01 -4.10 -35.13
CA ILE L 86 22.39 -5.27 -34.33
C ILE L 86 23.51 -6.05 -35.02
N ARG L 88 26.67 -7.96 -35.80
CA ARG L 88 26.50 -9.37 -36.15
C ARG L 88 26.66 -10.27 -34.94
N ASN L 89 27.54 -9.87 -34.01
CA ASN L 89 27.78 -10.59 -32.75
C ASN L 89 26.54 -10.52 -31.82
N GLY L 90 25.41 -10.11 -32.40
CA GLY L 90 24.17 -9.91 -31.66
C GLY L 90 24.23 -8.66 -30.80
N LYS L 91 25.32 -7.91 -30.90
CA LYS L 91 25.52 -6.70 -30.07
C LYS L 91 25.08 -5.42 -30.79
N GLU L 92 24.53 -4.49 -30.01
CA GLU L 92 24.04 -3.21 -30.52
C GLU L 92 25.16 -2.19 -30.69
N VAL L 93 24.96 -1.29 -31.64
CA VAL L 93 25.93 -0.26 -31.99
C VAL L 93 25.18 0.91 -32.62
N LEU L 94 25.58 2.13 -32.27
CA LEU L 94 24.96 3.34 -32.84
C LEU L 94 25.92 4.05 -33.77
N LYS L 95 25.67 3.95 -35.07
CA LYS L 95 26.47 4.65 -36.06
C LYS L 95 25.90 6.04 -36.24
N THR L 96 26.65 7.05 -35.81
CA THR L 96 26.15 8.42 -35.84
C THR L 96 27.06 9.39 -36.55
N MET L 97 26.47 10.52 -36.92
CA MET L 97 27.22 11.67 -37.41
C MET L 97 26.78 12.88 -36.61
N TRP L 98 27.61 13.91 -36.59
CA TRP L 98 27.26 15.07 -35.80
C TRP L 98 27.67 16.37 -36.39
N LEU L 99 27.09 17.44 -35.84
CA LEU L 99 27.49 18.78 -36.21
C LEU L 99 27.74 19.54 -34.95
N LEU L 100 28.93 20.13 -34.87
CA LEU L 100 29.30 20.95 -33.72
C LEU L 100 29.29 22.39 -34.14
N ARG L 101 28.36 23.13 -33.53
CA ARG L 101 28.16 24.52 -33.86
C ARG L 101 28.83 25.38 -32.83
N SER L 102 29.80 26.16 -33.25
CA SER L 102 30.45 27.10 -32.37
C SER L 102 29.66 28.39 -32.41
N SER L 103 30.06 29.36 -31.59
CA SER L 103 29.41 30.64 -31.51
C SER L 103 30.35 31.70 -32.05
N VAL L 104 29.86 32.47 -33.00
CA VAL L 104 30.63 33.57 -33.56
C VAL L 104 29.88 34.87 -33.24
N ASN L 105 30.59 35.98 -33.25
CA ASN L 105 30.02 37.22 -32.74
C ASN L 105 29.34 38.04 -33.83
N ASP L 106 29.61 37.69 -35.08
CA ASP L 106 29.00 38.36 -36.20
C ASP L 106 28.41 37.36 -37.22
N ILE L 107 27.34 37.78 -37.90
CA ILE L 107 26.70 36.94 -38.94
C ILE L 107 27.64 36.56 -40.11
N GLY L 108 28.39 37.52 -40.63
CA GLY L 108 29.36 37.25 -41.70
C GLY L 108 30.51 36.33 -41.32
N ASP L 109 30.49 35.80 -40.09
CA ASP L 109 31.43 34.79 -39.66
C ASP L 109 30.76 33.43 -39.60
N ASP L 110 29.47 33.37 -39.94
CA ASP L 110 28.68 32.15 -39.82
C ASP L 110 29.35 31.00 -40.55
N TRP L 111 29.90 31.32 -41.71
CA TRP L 111 30.50 30.32 -42.59
C TRP L 111 31.40 29.33 -41.86
N LYS L 112 32.00 29.78 -40.75
CA LYS L 112 33.03 28.98 -40.09
C LYS L 112 32.61 28.34 -38.77
N ALA L 113 31.31 28.34 -38.52
CA ALA L 113 30.84 27.97 -37.22
C ALA L 113 30.44 26.51 -37.11
N THR L 114 30.52 25.76 -38.19
CA THR L 114 30.00 24.42 -38.07
C THR L 114 31.05 23.37 -38.36
N ARG L 115 31.23 22.46 -37.41
CA ARG L 115 32.13 21.33 -37.54
C ARG L 115 31.35 20.05 -37.72
N VAL L 116 31.90 19.14 -38.53
CA VAL L 116 31.23 17.88 -38.83
C VAL L 116 32.09 16.66 -38.45
N GLY L 117 31.45 15.61 -37.95
CA GLY L 117 32.16 14.38 -37.62
C GLY L 117 31.29 13.16 -37.44
N TYR L 118 31.92 12.04 -37.09
CA TYR L 118 31.17 10.83 -36.80
C TYR L 118 31.45 10.34 -35.40
N ASN L 119 30.70 9.33 -34.98
CA ASN L 119 30.97 8.61 -33.75
C ASN L 119 30.28 7.29 -33.79
N ILE L 120 30.89 6.31 -33.14
CA ILE L 120 30.36 4.96 -33.06
C ILE L 120 30.17 4.60 -31.59
N PHE L 121 28.93 4.52 -31.15
CA PHE L 121 28.63 4.21 -29.75
C PHE L 121 28.41 2.73 -29.55
N THR L 122 28.56 2.31 -28.31
CA THR L 122 28.50 0.89 -27.99
C THR L 122 28.21 0.72 -26.50
N ARG L 123 27.30 -0.19 -26.17
CA ARG L 123 26.93 -0.44 -24.78
C ARG L 123 28.17 -0.64 -23.91
N LEU L 124 28.06 -0.23 -22.65
CA LEU L 124 29.18 -0.37 -21.72
C LEU L 124 29.03 -1.61 -20.85
#